data_9FA0
# 
_entry.id   9FA0 
# 
_audit_conform.dict_name       mmcif_pdbx.dic 
_audit_conform.dict_version    5.403 
_audit_conform.dict_location   http://mmcif.pdb.org/dictionaries/ascii/mmcif_pdbx.dic 
# 
loop_
_database_2.database_id 
_database_2.database_code 
_database_2.pdbx_database_accession 
_database_2.pdbx_DOI 
PDB   9FA0         pdb_00009fa0 10.2210/pdb9fa0/pdb 
WWPDB D_1292137689 ?            ?                   
# 
_pdbx_audit_revision_history.ordinal             1 
_pdbx_audit_revision_history.data_content_type   'Structure model' 
_pdbx_audit_revision_history.major_revision      1 
_pdbx_audit_revision_history.minor_revision      0 
_pdbx_audit_revision_history.revision_date       2025-05-21 
_pdbx_audit_revision_history.part_number         ? 
# 
_pdbx_audit_revision_details.ordinal             1 
_pdbx_audit_revision_details.revision_ordinal    1 
_pdbx_audit_revision_details.data_content_type   'Structure model' 
_pdbx_audit_revision_details.provider            repository 
_pdbx_audit_revision_details.type                'Initial release' 
_pdbx_audit_revision_details.description         ? 
_pdbx_audit_revision_details.details             ? 
# 
_pdbx_database_status.status_code                     REL 
_pdbx_database_status.status_code_sf                  REL 
_pdbx_database_status.status_code_mr                  ? 
_pdbx_database_status.entry_id                        9FA0 
_pdbx_database_status.recvd_initial_deposition_date   2024-05-09 
_pdbx_database_status.SG_entry                        N 
_pdbx_database_status.deposit_site                    PDBE 
_pdbx_database_status.process_site                    PDBE 
_pdbx_database_status.status_code_cs                  ? 
_pdbx_database_status.status_code_nmr_data            ? 
_pdbx_database_status.methods_development_category    ? 
_pdbx_database_status.pdb_format_compatible           Y 
# 
_pdbx_contact_author.id                 2 
_pdbx_contact_author.email              gil2@mail.huji.ac.il 
_pdbx_contact_author.name_first         Gil 
_pdbx_contact_author.name_last          shoham 
_pdbx_contact_author.name_mi            ? 
_pdbx_contact_author.role               'principal investigator/group leader' 
_pdbx_contact_author.identifier_ORCID   0000-0002-2491-3715 
# 
loop_
_audit_author.name 
_audit_author.pdbx_ordinal 
_audit_author.identifier_ORCID 
'Hadad, N.'    1 ? 
'Shulami, S.'  2 ? 
'Pomyalov, S.' 3 ? 
'Lansky, S.'   4 ? 
'Lavid, N.'    5 ? 
'Shoham, Y.'   6 ? 
'Shoham, G.'   7 ? 
# 
_citation.abstract                  ? 
_citation.abstract_id_CAS           ? 
_citation.book_id_ISBN              ? 
_citation.book_publisher            ? 
_citation.book_publisher_city       ? 
_citation.book_title                ? 
_citation.coordinate_linkage        ? 
_citation.country                   ? 
_citation.database_id_Medline       ? 
_citation.details                   ? 
_citation.id                        primary 
_citation.journal_abbrev            'To Be Published' 
_citation.journal_id_ASTM           ? 
_citation.journal_id_CSD            0353 
_citation.journal_id_ISSN           ? 
_citation.journal_full              ? 
_citation.journal_issue             ? 
_citation.journal_volume            ? 
_citation.language                  ? 
_citation.page_first                ? 
_citation.page_last                 ? 
_citation.title                     'The structure of ScoC, a global regulator protein from Geobacillus kaustophilus' 
_citation.year                      ? 
_citation.database_id_CSD           ? 
_citation.pdbx_database_id_DOI      ? 
_citation.pdbx_database_id_PubMed   ? 
_citation.pdbx_database_id_patent   ? 
_citation.unpublished_flag          ? 
# 
loop_
_citation_author.citation_id 
_citation_author.name 
_citation_author.ordinal 
_citation_author.identifier_ORCID 
primary 'Hadad, N.'    1 ? 
primary 'Shulami, S.'  2 ? 
primary 'Pomyalov, S.' 3 ? 
primary 'Lansky, S.'   4 ? 
primary 'Lavid, N.'    5 ? 
primary 'Shoham, Y.'   6 ? 
primary 'Shoham, G.'   7 ? 
# 
_entity.id                         1 
_entity.type                       polymer 
_entity.src_method                 man 
_entity.pdbx_description           ScoC 
_entity.formula_weight             24585.248 
_entity.pdbx_number_of_molecules   1 
_entity.pdbx_ec                    ? 
_entity.pdbx_mutation              ? 
_entity.pdbx_fragment              ? 
_entity.details                    ? 
# 
_entity_poly.entity_id                      1 
_entity_poly.type                           'polypeptide(L)' 
_entity_poly.nstd_linkage                   no 
_entity_poly.nstd_monomer                   no 
_entity_poly.pdbx_seq_one_letter_code       
;MKATEQHYSIKEAMLFSQRIAQLSKALWKSIEKDWQRWIKPFDLNINEHHILWIAYHFKGASISEIAKFGVMHVSTAFNF
SKKLEEKGLLSFSKKQDDKRNTYIELTEKGEEVLMKLMETYDPTKNAVFNGALPLRELYGKFPEILEMMCIVRNIYGDDF
MEIFERAFENIKEDFIEQDGKLVKRKPKTEEHEKELASQANHHHHHH
;
_entity_poly.pdbx_seq_one_letter_code_can   
;MKATEQHYSIKEAMLFSQRIAQLSKALWKSIEKDWQRWIKPFDLNINEHHILWIAYHFKGASISEIAKFGVMHVSTAFNF
SKKLEEKGLLSFSKKQDDKRNTYIELTEKGEEVLMKLMETYDPTKNAVFNGALPLRELYGKFPEILEMMCIVRNIYGDDF
MEIFERAFENIKEDFIEQDGKLVKRKPKTEEHEKELASQANHHHHHH
;
_entity_poly.pdbx_strand_id                 B 
_entity_poly.pdbx_target_identifier         ? 
# 
loop_
_entity_poly_seq.entity_id 
_entity_poly_seq.num 
_entity_poly_seq.mon_id 
_entity_poly_seq.hetero 
1 1   MET n 
1 2   LYS n 
1 3   ALA n 
1 4   THR n 
1 5   GLU n 
1 6   GLN n 
1 7   HIS n 
1 8   TYR n 
1 9   SER n 
1 10  ILE n 
1 11  LYS n 
1 12  GLU n 
1 13  ALA n 
1 14  MET n 
1 15  LEU n 
1 16  PHE n 
1 17  SER n 
1 18  GLN n 
1 19  ARG n 
1 20  ILE n 
1 21  ALA n 
1 22  GLN n 
1 23  LEU n 
1 24  SER n 
1 25  LYS n 
1 26  ALA n 
1 27  LEU n 
1 28  TRP n 
1 29  LYS n 
1 30  SER n 
1 31  ILE n 
1 32  GLU n 
1 33  LYS n 
1 34  ASP n 
1 35  TRP n 
1 36  GLN n 
1 37  ARG n 
1 38  TRP n 
1 39  ILE n 
1 40  LYS n 
1 41  PRO n 
1 42  PHE n 
1 43  ASP n 
1 44  LEU n 
1 45  ASN n 
1 46  ILE n 
1 47  ASN n 
1 48  GLU n 
1 49  HIS n 
1 50  HIS n 
1 51  ILE n 
1 52  LEU n 
1 53  TRP n 
1 54  ILE n 
1 55  ALA n 
1 56  TYR n 
1 57  HIS n 
1 58  PHE n 
1 59  LYS n 
1 60  GLY n 
1 61  ALA n 
1 62  SER n 
1 63  ILE n 
1 64  SER n 
1 65  GLU n 
1 66  ILE n 
1 67  ALA n 
1 68  LYS n 
1 69  PHE n 
1 70  GLY n 
1 71  VAL n 
1 72  MET n 
1 73  HIS n 
1 74  VAL n 
1 75  SER n 
1 76  THR n 
1 77  ALA n 
1 78  PHE n 
1 79  ASN n 
1 80  PHE n 
1 81  SER n 
1 82  LYS n 
1 83  LYS n 
1 84  LEU n 
1 85  GLU n 
1 86  GLU n 
1 87  LYS n 
1 88  GLY n 
1 89  LEU n 
1 90  LEU n 
1 91  SER n 
1 92  PHE n 
1 93  SER n 
1 94  LYS n 
1 95  LYS n 
1 96  GLN n 
1 97  ASP n 
1 98  ASP n 
1 99  LYS n 
1 100 ARG n 
1 101 ASN n 
1 102 THR n 
1 103 TYR n 
1 104 ILE n 
1 105 GLU n 
1 106 LEU n 
1 107 THR n 
1 108 GLU n 
1 109 LYS n 
1 110 GLY n 
1 111 GLU n 
1 112 GLU n 
1 113 VAL n 
1 114 LEU n 
1 115 MET n 
1 116 LYS n 
1 117 LEU n 
1 118 MET n 
1 119 GLU n 
1 120 THR n 
1 121 TYR n 
1 122 ASP n 
1 123 PRO n 
1 124 THR n 
1 125 LYS n 
1 126 ASN n 
1 127 ALA n 
1 128 VAL n 
1 129 PHE n 
1 130 ASN n 
1 131 GLY n 
1 132 ALA n 
1 133 LEU n 
1 134 PRO n 
1 135 LEU n 
1 136 ARG n 
1 137 GLU n 
1 138 LEU n 
1 139 TYR n 
1 140 GLY n 
1 141 LYS n 
1 142 PHE n 
1 143 PRO n 
1 144 GLU n 
1 145 ILE n 
1 146 LEU n 
1 147 GLU n 
1 148 MET n 
1 149 MET n 
1 150 CYS n 
1 151 ILE n 
1 152 VAL n 
1 153 ARG n 
1 154 ASN n 
1 155 ILE n 
1 156 TYR n 
1 157 GLY n 
1 158 ASP n 
1 159 ASP n 
1 160 PHE n 
1 161 MET n 
1 162 GLU n 
1 163 ILE n 
1 164 PHE n 
1 165 GLU n 
1 166 ARG n 
1 167 ALA n 
1 168 PHE n 
1 169 GLU n 
1 170 ASN n 
1 171 ILE n 
1 172 LYS n 
1 173 GLU n 
1 174 ASP n 
1 175 PHE n 
1 176 ILE n 
1 177 GLU n 
1 178 GLN n 
1 179 ASP n 
1 180 GLY n 
1 181 LYS n 
1 182 LEU n 
1 183 VAL n 
1 184 LYS n 
1 185 ARG n 
1 186 LYS n 
1 187 PRO n 
1 188 LYS n 
1 189 THR n 
1 190 GLU n 
1 191 GLU n 
1 192 HIS n 
1 193 GLU n 
1 194 LYS n 
1 195 GLU n 
1 196 LEU n 
1 197 ALA n 
1 198 SER n 
1 199 GLN n 
1 200 ALA n 
1 201 ASN n 
1 202 HIS n 
1 203 HIS n 
1 204 HIS n 
1 205 HIS n 
1 206 HIS n 
1 207 HIS n 
# 
_entity_src_gen.entity_id                          1 
_entity_src_gen.pdbx_src_id                        1 
_entity_src_gen.pdbx_alt_source_flag               sample 
_entity_src_gen.pdbx_seq_type                      'Biological sequence' 
_entity_src_gen.pdbx_beg_seq_num                   1 
_entity_src_gen.pdbx_end_seq_num                   207 
_entity_src_gen.gene_src_common_name               ? 
_entity_src_gen.gene_src_genus                     ? 
_entity_src_gen.pdbx_gene_src_gene                 ? 
_entity_src_gen.gene_src_species                   ? 
_entity_src_gen.gene_src_strain                    ? 
_entity_src_gen.gene_src_tissue                    ? 
_entity_src_gen.gene_src_tissue_fraction           ? 
_entity_src_gen.gene_src_details                   ? 
_entity_src_gen.pdbx_gene_src_fragment             ? 
_entity_src_gen.pdbx_gene_src_scientific_name      'Geobacillus kaustophilus' 
_entity_src_gen.pdbx_gene_src_ncbi_taxonomy_id     1462 
_entity_src_gen.pdbx_gene_src_variant              ? 
_entity_src_gen.pdbx_gene_src_cell_line            ? 
_entity_src_gen.pdbx_gene_src_atcc                 ? 
_entity_src_gen.pdbx_gene_src_organ                ? 
_entity_src_gen.pdbx_gene_src_organelle            ? 
_entity_src_gen.pdbx_gene_src_cell                 ? 
_entity_src_gen.pdbx_gene_src_cellular_location    ? 
_entity_src_gen.host_org_common_name               ? 
_entity_src_gen.pdbx_host_org_scientific_name      'Escherichia coli' 
_entity_src_gen.pdbx_host_org_ncbi_taxonomy_id     562 
_entity_src_gen.host_org_genus                     ? 
_entity_src_gen.pdbx_host_org_gene                 ? 
_entity_src_gen.pdbx_host_org_organ                ? 
_entity_src_gen.host_org_species                   ? 
_entity_src_gen.pdbx_host_org_tissue               ? 
_entity_src_gen.pdbx_host_org_tissue_fraction      ? 
_entity_src_gen.pdbx_host_org_strain               ? 
_entity_src_gen.pdbx_host_org_variant              ? 
_entity_src_gen.pdbx_host_org_cell_line            ? 
_entity_src_gen.pdbx_host_org_atcc                 ? 
_entity_src_gen.pdbx_host_org_culture_collection   ? 
_entity_src_gen.pdbx_host_org_cell                 ? 
_entity_src_gen.pdbx_host_org_organelle            ? 
_entity_src_gen.pdbx_host_org_cellular_location    ? 
_entity_src_gen.pdbx_host_org_vector_type          ? 
_entity_src_gen.pdbx_host_org_vector               ? 
_entity_src_gen.host_org_details                   ? 
_entity_src_gen.expression_system_id               ? 
_entity_src_gen.plasmid_name                       ? 
_entity_src_gen.plasmid_details                    ? 
_entity_src_gen.pdbx_description                   ? 
# 
loop_
_chem_comp.id 
_chem_comp.type 
_chem_comp.mon_nstd_flag 
_chem_comp.name 
_chem_comp.pdbx_synonyms 
_chem_comp.formula 
_chem_comp.formula_weight 
ALA 'L-peptide linking' y ALANINE         ? 'C3 H7 N O2'     89.093  
ARG 'L-peptide linking' y ARGININE        ? 'C6 H15 N4 O2 1' 175.209 
ASN 'L-peptide linking' y ASPARAGINE      ? 'C4 H8 N2 O3'    132.118 
ASP 'L-peptide linking' y 'ASPARTIC ACID' ? 'C4 H7 N O4'     133.103 
CYS 'L-peptide linking' y CYSTEINE        ? 'C3 H7 N O2 S'   121.158 
GLN 'L-peptide linking' y GLUTAMINE       ? 'C5 H10 N2 O3'   146.144 
GLU 'L-peptide linking' y 'GLUTAMIC ACID' ? 'C5 H9 N O4'     147.129 
GLY 'peptide linking'   y GLYCINE         ? 'C2 H5 N O2'     75.067  
HIS 'L-peptide linking' y HISTIDINE       ? 'C6 H10 N3 O2 1' 156.162 
ILE 'L-peptide linking' y ISOLEUCINE      ? 'C6 H13 N O2'    131.173 
LEU 'L-peptide linking' y LEUCINE         ? 'C6 H13 N O2'    131.173 
LYS 'L-peptide linking' y LYSINE          ? 'C6 H15 N2 O2 1' 147.195 
MET 'L-peptide linking' y METHIONINE      ? 'C5 H11 N O2 S'  149.211 
PHE 'L-peptide linking' y PHENYLALANINE   ? 'C9 H11 N O2'    165.189 
PRO 'L-peptide linking' y PROLINE         ? 'C5 H9 N O2'     115.130 
SER 'L-peptide linking' y SERINE          ? 'C3 H7 N O3'     105.093 
THR 'L-peptide linking' y THREONINE       ? 'C4 H9 N O3'     119.119 
TRP 'L-peptide linking' y TRYPTOPHAN      ? 'C11 H12 N2 O2'  204.225 
TYR 'L-peptide linking' y TYROSINE        ? 'C9 H11 N O3'    181.189 
VAL 'L-peptide linking' y VALINE          ? 'C5 H11 N O2'    117.146 
# 
loop_
_pdbx_poly_seq_scheme.asym_id 
_pdbx_poly_seq_scheme.entity_id 
_pdbx_poly_seq_scheme.seq_id 
_pdbx_poly_seq_scheme.mon_id 
_pdbx_poly_seq_scheme.ndb_seq_num 
_pdbx_poly_seq_scheme.pdb_seq_num 
_pdbx_poly_seq_scheme.auth_seq_num 
_pdbx_poly_seq_scheme.pdb_mon_id 
_pdbx_poly_seq_scheme.auth_mon_id 
_pdbx_poly_seq_scheme.pdb_strand_id 
_pdbx_poly_seq_scheme.pdb_ins_code 
_pdbx_poly_seq_scheme.hetero 
A 1 1   MET 1   1   ?   ?   ?   B . n 
A 1 2   LYS 2   2   ?   ?   ?   B . n 
A 1 3   ALA 3   3   ?   ?   ?   B . n 
A 1 4   THR 4   4   ?   ?   ?   B . n 
A 1 5   GLU 5   5   ?   ?   ?   B . n 
A 1 6   GLN 6   6   6   GLN GLN B . n 
A 1 7   HIS 7   7   7   HIS HIS B . n 
A 1 8   TYR 8   8   8   TYR TYR B . n 
A 1 9   SER 9   9   9   SER SER B . n 
A 1 10  ILE 10  10  10  ILE ILE B . n 
A 1 11  LYS 11  11  11  LYS LYS B . n 
A 1 12  GLU 12  12  12  GLU GLU B . n 
A 1 13  ALA 13  13  13  ALA ALA B . n 
A 1 14  MET 14  14  14  MET MET B . n 
A 1 15  LEU 15  15  15  LEU LEU B . n 
A 1 16  PHE 16  16  16  PHE PHE B . n 
A 1 17  SER 17  17  17  SER SER B . n 
A 1 18  GLN 18  18  18  GLN GLN B . n 
A 1 19  ARG 19  19  19  ARG ARG B . n 
A 1 20  ILE 20  20  20  ILE ILE B . n 
A 1 21  ALA 21  21  21  ALA ALA B . n 
A 1 22  GLN 22  22  22  GLN GLN B . n 
A 1 23  LEU 23  23  23  LEU LEU B . n 
A 1 24  SER 24  24  24  SER SER B . n 
A 1 25  LYS 25  25  25  LYS LYS B . n 
A 1 26  ALA 26  26  26  ALA ALA B . n 
A 1 27  LEU 27  27  27  LEU LEU B . n 
A 1 28  TRP 28  28  28  TRP TRP B . n 
A 1 29  LYS 29  29  29  LYS LYS B . n 
A 1 30  SER 30  30  30  SER SER B . n 
A 1 31  ILE 31  31  31  ILE ILE B . n 
A 1 32  GLU 32  32  32  GLU GLU B . n 
A 1 33  LYS 33  33  33  LYS LYS B . n 
A 1 34  ASP 34  34  34  ASP ASP B . n 
A 1 35  TRP 35  35  35  TRP TRP B . n 
A 1 36  GLN 36  36  36  GLN GLN B . n 
A 1 37  ARG 37  37  37  ARG ARG B . n 
A 1 38  TRP 38  38  38  TRP TRP B . n 
A 1 39  ILE 39  39  39  ILE ILE B . n 
A 1 40  LYS 40  40  40  LYS LYS B . n 
A 1 41  PRO 41  41  41  PRO PRO B . n 
A 1 42  PHE 42  42  42  PHE PHE B . n 
A 1 43  ASP 43  43  43  ASP ASP B . n 
A 1 44  LEU 44  44  44  LEU LEU B . n 
A 1 45  ASN 45  45  45  ASN ASN B . n 
A 1 46  ILE 46  46  46  ILE ILE B . n 
A 1 47  ASN 47  47  47  ASN ASN B . n 
A 1 48  GLU 48  48  48  GLU GLU B . n 
A 1 49  HIS 49  49  49  HIS HIS B . n 
A 1 50  HIS 50  50  50  HIS HIS B . n 
A 1 51  ILE 51  51  51  ILE ILE B . n 
A 1 52  LEU 52  52  52  LEU LEU B . n 
A 1 53  TRP 53  53  53  TRP TRP B . n 
A 1 54  ILE 54  54  54  ILE ILE B . n 
A 1 55  ALA 55  55  55  ALA ALA B . n 
A 1 56  TYR 56  56  56  TYR TYR B . n 
A 1 57  HIS 57  57  57  HIS HIS B . n 
A 1 58  PHE 58  58  58  PHE PHE B . n 
A 1 59  LYS 59  59  59  LYS LYS B . n 
A 1 60  GLY 60  60  60  GLY GLY B . n 
A 1 61  ALA 61  61  61  ALA ALA B . n 
A 1 62  SER 62  62  62  SER SER B . n 
A 1 63  ILE 63  63  63  ILE ILE B . n 
A 1 64  SER 64  64  64  SER SER B . n 
A 1 65  GLU 65  65  65  GLU GLU B . n 
A 1 66  ILE 66  66  66  ILE ILE B . n 
A 1 67  ALA 67  67  67  ALA ALA B . n 
A 1 68  LYS 68  68  68  LYS LYS B . n 
A 1 69  PHE 69  69  69  PHE PHE B . n 
A 1 70  GLY 70  70  70  GLY GLY B . n 
A 1 71  VAL 71  71  71  VAL VAL B . n 
A 1 72  MET 72  72  72  MET MET B . n 
A 1 73  HIS 73  73  73  HIS HIS B . n 
A 1 74  VAL 74  74  74  VAL VAL B . n 
A 1 75  SER 75  75  75  SER SER B . n 
A 1 76  THR 76  76  76  THR THR B . n 
A 1 77  ALA 77  77  77  ALA ALA B . n 
A 1 78  PHE 78  78  78  PHE PHE B . n 
A 1 79  ASN 79  79  79  ASN ASN B . n 
A 1 80  PHE 80  80  80  PHE PHE B . n 
A 1 81  SER 81  81  81  SER SER B . n 
A 1 82  LYS 82  82  82  LYS LYS B . n 
A 1 83  LYS 83  83  83  LYS LYS B . n 
A 1 84  LEU 84  84  84  LEU LEU B . n 
A 1 85  GLU 85  85  85  GLU GLU B . n 
A 1 86  GLU 86  86  86  GLU GLU B . n 
A 1 87  LYS 87  87  87  LYS LYS B . n 
A 1 88  GLY 88  88  88  GLY GLY B . n 
A 1 89  LEU 89  89  89  LEU LEU B . n 
A 1 90  LEU 90  90  90  LEU LEU B . n 
A 1 91  SER 91  91  91  SER SER B . n 
A 1 92  PHE 92  92  92  PHE PHE B . n 
A 1 93  SER 93  93  93  SER SER B . n 
A 1 94  LYS 94  94  94  LYS LYS B . n 
A 1 95  LYS 95  95  95  LYS LYS B . n 
A 1 96  GLN 96  96  96  GLN GLN B . n 
A 1 97  ASP 97  97  97  ASP ASP B . n 
A 1 98  ASP 98  98  98  ASP ASP B . n 
A 1 99  LYS 99  99  99  LYS LYS B . n 
A 1 100 ARG 100 100 100 ARG ARG B . n 
A 1 101 ASN 101 101 101 ASN ASN B . n 
A 1 102 THR 102 102 102 THR THR B . n 
A 1 103 TYR 103 103 103 TYR TYR B . n 
A 1 104 ILE 104 104 104 ILE ILE B . n 
A 1 105 GLU 105 105 105 GLU GLU B . n 
A 1 106 LEU 106 106 106 LEU LEU B . n 
A 1 107 THR 107 107 107 THR THR B . n 
A 1 108 GLU 108 108 108 GLU GLU B . n 
A 1 109 LYS 109 109 109 LYS LYS B . n 
A 1 110 GLY 110 110 110 GLY GLY B . n 
A 1 111 GLU 111 111 111 GLU GLU B . n 
A 1 112 GLU 112 112 112 GLU GLU B . n 
A 1 113 VAL 113 113 113 VAL VAL B . n 
A 1 114 LEU 114 114 114 LEU LEU B . n 
A 1 115 MET 115 115 115 MET MET B . n 
A 1 116 LYS 116 116 116 LYS LYS B . n 
A 1 117 LEU 117 117 117 LEU LEU B . n 
A 1 118 MET 118 118 118 MET MET B . n 
A 1 119 GLU 119 119 119 GLU GLU B . n 
A 1 120 THR 120 120 120 THR THR B . n 
A 1 121 TYR 121 121 121 TYR TYR B . n 
A 1 122 ASP 122 122 122 ASP ASP B . n 
A 1 123 PRO 123 123 123 PRO PRO B . n 
A 1 124 THR 124 124 124 THR THR B . n 
A 1 125 LYS 125 125 125 LYS LYS B . n 
A 1 126 ASN 126 126 126 ASN ASN B . n 
A 1 127 ALA 127 127 127 ALA ALA B . n 
A 1 128 VAL 128 128 128 VAL VAL B . n 
A 1 129 PHE 129 129 129 PHE PHE B . n 
A 1 130 ASN 130 130 130 ASN ASN B . n 
A 1 131 GLY 131 131 131 GLY GLY B . n 
A 1 132 ALA 132 132 132 ALA ALA B . n 
A 1 133 LEU 133 133 133 LEU LEU B . n 
A 1 134 PRO 134 134 134 PRO PRO B . n 
A 1 135 LEU 135 135 135 LEU LEU B . n 
A 1 136 ARG 136 136 136 ARG ARG B . n 
A 1 137 GLU 137 137 137 GLU GLU B . n 
A 1 138 LEU 138 138 138 LEU LEU B . n 
A 1 139 TYR 139 139 139 TYR TYR B . n 
A 1 140 GLY 140 140 140 GLY GLY B . n 
A 1 141 LYS 141 141 141 LYS LYS B . n 
A 1 142 PHE 142 142 142 PHE PHE B . n 
A 1 143 PRO 143 143 143 PRO PRO B . n 
A 1 144 GLU 144 144 144 GLU GLU B . n 
A 1 145 ILE 145 145 145 ILE ILE B . n 
A 1 146 LEU 146 146 146 LEU LEU B . n 
A 1 147 GLU 147 147 147 GLU GLU B . n 
A 1 148 MET 148 148 148 MET MET B . n 
A 1 149 MET 149 149 149 MET MET B . n 
A 1 150 CYS 150 150 150 CYS CYS B . n 
A 1 151 ILE 151 151 151 ILE ILE B . n 
A 1 152 VAL 152 152 152 VAL VAL B . n 
A 1 153 ARG 153 153 153 ARG ARG B . n 
A 1 154 ASN 154 154 154 ASN ASN B . n 
A 1 155 ILE 155 155 155 ILE ILE B . n 
A 1 156 TYR 156 156 156 TYR TYR B . n 
A 1 157 GLY 157 157 157 GLY GLY B . n 
A 1 158 ASP 158 158 158 ASP ASP B . n 
A 1 159 ASP 159 159 159 ASP ASP B . n 
A 1 160 PHE 160 160 160 PHE PHE B . n 
A 1 161 MET 161 161 161 MET MET B . n 
A 1 162 GLU 162 162 162 GLU GLU B . n 
A 1 163 ILE 163 163 163 ILE ILE B . n 
A 1 164 PHE 164 164 164 PHE PHE B . n 
A 1 165 GLU 165 165 165 GLU GLU B . n 
A 1 166 ARG 166 166 166 ARG ARG B . n 
A 1 167 ALA 167 167 167 ALA ALA B . n 
A 1 168 PHE 168 168 168 PHE PHE B . n 
A 1 169 GLU 169 169 169 GLU GLU B . n 
A 1 170 ASN 170 170 170 ASN ASN B . n 
A 1 171 ILE 171 171 171 ILE ILE B . n 
A 1 172 LYS 172 172 172 LYS LYS B . n 
A 1 173 GLU 173 173 173 GLU GLU B . n 
A 1 174 ASP 174 174 174 ASP ASP B . n 
A 1 175 PHE 175 175 175 PHE PHE B . n 
A 1 176 ILE 176 176 176 ILE ILE B . n 
A 1 177 GLU 177 177 177 GLU GLU B . n 
A 1 178 GLN 178 178 178 GLN GLN B . n 
A 1 179 ASP 179 179 179 ASP ASP B . n 
A 1 180 GLY 180 180 180 GLY GLY B . n 
A 1 181 LYS 181 181 181 LYS LYS B . n 
A 1 182 LEU 182 182 182 LEU LEU B . n 
A 1 183 VAL 183 183 ?   ?   ?   B . n 
A 1 184 LYS 184 184 ?   ?   ?   B . n 
A 1 185 ARG 185 185 ?   ?   ?   B . n 
A 1 186 LYS 186 186 ?   ?   ?   B . n 
A 1 187 PRO 187 187 ?   ?   ?   B . n 
A 1 188 LYS 188 188 ?   ?   ?   B . n 
A 1 189 THR 189 189 ?   ?   ?   B . n 
A 1 190 GLU 190 190 ?   ?   ?   B . n 
A 1 191 GLU 191 191 ?   ?   ?   B . n 
A 1 192 HIS 192 192 ?   ?   ?   B . n 
A 1 193 GLU 193 193 ?   ?   ?   B . n 
A 1 194 LYS 194 194 ?   ?   ?   B . n 
A 1 195 GLU 195 195 ?   ?   ?   B . n 
A 1 196 LEU 196 196 ?   ?   ?   B . n 
A 1 197 ALA 197 197 ?   ?   ?   B . n 
A 1 198 SER 198 198 ?   ?   ?   B . n 
A 1 199 GLN 199 199 ?   ?   ?   B . n 
A 1 200 ALA 200 200 ?   ?   ?   B . n 
A 1 201 ASN 201 201 ?   ?   ?   B . n 
A 1 202 HIS 202 202 ?   ?   ?   B . n 
A 1 203 HIS 203 203 ?   ?   ?   B . n 
A 1 204 HIS 204 204 ?   ?   ?   B . n 
A 1 205 HIS 205 205 ?   ?   ?   B . n 
A 1 206 HIS 206 206 ?   ?   ?   B . n 
A 1 207 HIS 207 207 ?   ?   ?   B . n 
# 
loop_
_software.citation_id 
_software.classification 
_software.compiler_name 
_software.compiler_version 
_software.contact_author 
_software.contact_author_email 
_software.date 
_software.description 
_software.dependencies 
_software.hardware 
_software.language 
_software.location 
_software.mods 
_software.name 
_software.os 
_software.os_version 
_software.type 
_software.version 
_software.pdbx_ordinal 
? refinement       ? ? ? ? ? ? ? ? ? ? ? PHENIX  ? ? ? 1.17.1_3660 1 
? 'data reduction' ? ? ? ? ? ? ? ? ? ? ? XDS     ? ? ? .           2 
? 'data scaling'   ? ? ? ? ? ? ? ? ? ? ? Aimless ? ? ? .           3 
? phasing          ? ? ? ? ? ? ? ? ? ? ? PHENIX  ? ? ? .           4 
# 
_cell.angle_alpha                  90.000 
_cell.angle_alpha_esd              ? 
_cell.angle_beta                   90.000 
_cell.angle_beta_esd               ? 
_cell.angle_gamma                  90.000 
_cell.angle_gamma_esd              ? 
_cell.entry_id                     9FA0 
_cell.details                      ? 
_cell.formula_units_Z              ? 
_cell.length_a                     95.182 
_cell.length_a_esd                 ? 
_cell.length_b                     95.182 
_cell.length_b_esd                 ? 
_cell.length_c                     156.018 
_cell.length_c_esd                 ? 
_cell.volume                       1413462.720 
_cell.volume_esd                   ? 
_cell.Z_PDB                        16 
_cell.reciprocal_angle_alpha       ? 
_cell.reciprocal_angle_beta        ? 
_cell.reciprocal_angle_gamma       ? 
_cell.reciprocal_angle_alpha_esd   ? 
_cell.reciprocal_angle_beta_esd    ? 
_cell.reciprocal_angle_gamma_esd   ? 
_cell.reciprocal_length_a          ? 
_cell.reciprocal_length_b          ? 
_cell.reciprocal_length_c          ? 
_cell.reciprocal_length_a_esd      ? 
_cell.reciprocal_length_b_esd      ? 
_cell.reciprocal_length_c_esd      ? 
_cell.pdbx_unique_axis             ? 
_cell.pdbx_esd_method              ? 
# 
_symmetry.entry_id                         9FA0 
_symmetry.cell_setting                     ? 
_symmetry.Int_Tables_number                98 
_symmetry.space_group_name_Hall            'I 4bw 2bw' 
_symmetry.space_group_name_H-M             'I 41 2 2' 
_symmetry.pdbx_full_space_group_name_H-M   ? 
# 
_exptl.absorpt_coefficient_mu     ? 
_exptl.absorpt_correction_T_max   ? 
_exptl.absorpt_correction_T_min   ? 
_exptl.absorpt_correction_type    ? 
_exptl.absorpt_process_details    ? 
_exptl.entry_id                   9FA0 
_exptl.crystals_number            1 
_exptl.details                    ? 
_exptl.method                     'X-RAY DIFFRACTION' 
_exptl.method_details             ? 
# 
_exptl_crystal.colour                       ? 
_exptl_crystal.density_diffrn               ? 
_exptl_crystal.density_Matthews             3.59 
_exptl_crystal.density_method               ? 
_exptl_crystal.density_percent_sol          50 
_exptl_crystal.description                  Diamonds 
_exptl_crystal.F_000                        ? 
_exptl_crystal.id                           1 
_exptl_crystal.preparation                  ? 
_exptl_crystal.size_max                     ? 
_exptl_crystal.size_mid                     ? 
_exptl_crystal.size_min                     ? 
_exptl_crystal.size_rad                     ? 
_exptl_crystal.colour_lustre                ? 
_exptl_crystal.colour_modifier              ? 
_exptl_crystal.colour_primary               ? 
_exptl_crystal.density_meas                 ? 
_exptl_crystal.density_meas_esd             ? 
_exptl_crystal.density_meas_gt              ? 
_exptl_crystal.density_meas_lt              ? 
_exptl_crystal.density_meas_temp            ? 
_exptl_crystal.density_meas_temp_esd        ? 
_exptl_crystal.density_meas_temp_gt         ? 
_exptl_crystal.density_meas_temp_lt         ? 
_exptl_crystal.pdbx_crystal_image_url       ? 
_exptl_crystal.pdbx_crystal_image_format    ? 
_exptl_crystal.pdbx_mosaicity               ? 
_exptl_crystal.pdbx_mosaicity_esd           ? 
_exptl_crystal.pdbx_mosaic_method           ? 
_exptl_crystal.pdbx_mosaic_block_size       ? 
_exptl_crystal.pdbx_mosaic_block_size_esd   ? 
# 
_exptl_crystal_grow.apparatus       ? 
_exptl_crystal_grow.atmosphere      ? 
_exptl_crystal_grow.crystal_id      1 
_exptl_crystal_grow.details         ? 
_exptl_crystal_grow.method          'VAPOR DIFFUSION, HANGING DROP' 
_exptl_crystal_grow.method_ref      ? 
_exptl_crystal_grow.pH              7.5 
_exptl_crystal_grow.pressure        ? 
_exptl_crystal_grow.pressure_esd    ? 
_exptl_crystal_grow.seeding         ? 
_exptl_crystal_grow.seeding_ref     ? 
_exptl_crystal_grow.temp_details    ? 
_exptl_crystal_grow.temp_esd        ? 
_exptl_crystal_grow.time            ? 
_exptl_crystal_grow.pdbx_details    '20% PEG 3350 and 8% Tacsimate pH 4' 
_exptl_crystal_grow.pdbx_pH_range   ? 
_exptl_crystal_grow.temp            293 
# 
_diffrn.ambient_environment              ? 
_diffrn.ambient_temp                     100 
_diffrn.ambient_temp_details             ? 
_diffrn.ambient_temp_esd                 ? 
_diffrn.crystal_id                       1 
_diffrn.crystal_support                  ? 
_diffrn.crystal_treatment                ? 
_diffrn.details                          ? 
_diffrn.id                               1 
_diffrn.ambient_pressure                 ? 
_diffrn.ambient_pressure_esd             ? 
_diffrn.ambient_pressure_gt              ? 
_diffrn.ambient_pressure_lt              ? 
_diffrn.ambient_temp_gt                  ? 
_diffrn.ambient_temp_lt                  ? 
_diffrn.pdbx_serial_crystal_experiment   N 
# 
_diffrn_detector.details                      ? 
_diffrn_detector.detector                     PIXEL 
_diffrn_detector.diffrn_id                    1 
_diffrn_detector.type                         'DECTRIS PILATUS 6M' 
_diffrn_detector.area_resol_mean              ? 
_diffrn_detector.dtime                        ? 
_diffrn_detector.pdbx_frames_total            ? 
_diffrn_detector.pdbx_collection_time_total   ? 
_diffrn_detector.pdbx_collection_date         2017-12-10 
_diffrn_detector.pdbx_frequency               ? 
_diffrn_detector.id                           ? 
_diffrn_detector.number_of_axes               ? 
# 
_diffrn_radiation.collimation                      ? 
_diffrn_radiation.diffrn_id                        1 
_diffrn_radiation.filter_edge                      ? 
_diffrn_radiation.inhomogeneity                    ? 
_diffrn_radiation.monochromator                    M 
_diffrn_radiation.polarisn_norm                    ? 
_diffrn_radiation.polarisn_ratio                   ? 
_diffrn_radiation.probe                            ? 
_diffrn_radiation.type                             ? 
_diffrn_radiation.xray_symbol                      ? 
_diffrn_radiation.wavelength_id                    1 
_diffrn_radiation.pdbx_monochromatic_or_laue_m_l   M 
_diffrn_radiation.pdbx_wavelength_list             ? 
_diffrn_radiation.pdbx_wavelength                  ? 
_diffrn_radiation.pdbx_diffrn_protocol             'SINGLE WAVELENGTH' 
_diffrn_radiation.pdbx_analyzer                    ? 
_diffrn_radiation.pdbx_scattering_type             x-ray 
# 
_diffrn_radiation_wavelength.id           1 
_diffrn_radiation_wavelength.wavelength   0.96 
_diffrn_radiation_wavelength.wt           1.0 
# 
_diffrn_source.current                     ? 
_diffrn_source.details                     ? 
_diffrn_source.diffrn_id                   1 
_diffrn_source.power                       ? 
_diffrn_source.size                        ? 
_diffrn_source.source                      SYNCHROTRON 
_diffrn_source.target                      ? 
_diffrn_source.type                        'ESRF BEAMLINE ID30B' 
_diffrn_source.voltage                     ? 
_diffrn_source.take-off_angle              ? 
_diffrn_source.pdbx_wavelength_list        0.96 
_diffrn_source.pdbx_wavelength             ? 
_diffrn_source.pdbx_synchrotron_beamline   ID30B 
_diffrn_source.pdbx_synchrotron_site       ESRF 
# 
_reflns.B_iso_Wilson_estimate                          112.84 
_reflns.entry_id                                       9FA0 
_reflns.data_reduction_details                         ? 
_reflns.data_reduction_method                          ? 
_reflns.d_resolution_high                              3.15 
_reflns.d_resolution_low                               47.59 
_reflns.details                                        ? 
_reflns.limit_h_max                                    ? 
_reflns.limit_h_min                                    ? 
_reflns.limit_k_max                                    ? 
_reflns.limit_k_min                                    ? 
_reflns.limit_l_max                                    ? 
_reflns.limit_l_min                                    ? 
_reflns.number_all                                     ? 
_reflns.number_obs                                     6497 
_reflns.observed_criterion                             ? 
_reflns.observed_criterion_F_max                       ? 
_reflns.observed_criterion_F_min                       ? 
_reflns.observed_criterion_I_max                       ? 
_reflns.observed_criterion_I_min                       ? 
_reflns.observed_criterion_sigma_F                     ? 
_reflns.observed_criterion_sigma_I                     ? 
_reflns.percent_possible_obs                           99.7 
_reflns.R_free_details                                 ? 
_reflns.Rmerge_F_all                                   ? 
_reflns.Rmerge_F_obs                                   ? 
_reflns.Friedel_coverage                               ? 
_reflns.number_gt                                      ? 
_reflns.threshold_expression                           ? 
_reflns.pdbx_redundancy                                13.1 
_reflns.pdbx_netI_over_av_sigmaI                       ? 
_reflns.pdbx_netI_over_sigmaI                          24.6 
_reflns.pdbx_res_netI_over_av_sigmaI_2                 ? 
_reflns.pdbx_res_netI_over_sigmaI_2                    ? 
_reflns.pdbx_chi_squared                               ? 
_reflns.pdbx_scaling_rejects                           ? 
_reflns.pdbx_d_res_high_opt                            ? 
_reflns.pdbx_d_res_low_opt                             ? 
_reflns.pdbx_d_res_opt_method                          ? 
_reflns.phase_calculation_details                      ? 
_reflns.pdbx_Rrim_I_all                                0.07 
_reflns.pdbx_Rpim_I_all                                0.02 
_reflns.pdbx_d_opt                                     ? 
_reflns.pdbx_number_measured_all                       ? 
_reflns.pdbx_diffrn_id                                 1 
_reflns.pdbx_ordinal                                   1 
_reflns.pdbx_CC_half                                   1.0 
_reflns.pdbx_CC_star                                   ? 
_reflns.pdbx_R_split                                   ? 
_reflns.pdbx_Rmerge_I_obs                              0.069 
_reflns.pdbx_Rmerge_I_all                              ? 
_reflns.pdbx_Rsym_value                                ? 
_reflns.pdbx_CC_split_method                           ? 
_reflns.pdbx_aniso_diffraction_limit_axis_1_ortho[1]   ? 
_reflns.pdbx_aniso_diffraction_limit_axis_1_ortho[2]   ? 
_reflns.pdbx_aniso_diffraction_limit_axis_1_ortho[3]   ? 
_reflns.pdbx_aniso_diffraction_limit_axis_2_ortho[1]   ? 
_reflns.pdbx_aniso_diffraction_limit_axis_2_ortho[2]   ? 
_reflns.pdbx_aniso_diffraction_limit_axis_2_ortho[3]   ? 
_reflns.pdbx_aniso_diffraction_limit_axis_3_ortho[1]   ? 
_reflns.pdbx_aniso_diffraction_limit_axis_3_ortho[2]   ? 
_reflns.pdbx_aniso_diffraction_limit_axis_3_ortho[3]   ? 
_reflns.pdbx_aniso_diffraction_limit_1                 ? 
_reflns.pdbx_aniso_diffraction_limit_2                 ? 
_reflns.pdbx_aniso_diffraction_limit_3                 ? 
_reflns.pdbx_aniso_B_tensor_eigenvector_1_ortho[1]     ? 
_reflns.pdbx_aniso_B_tensor_eigenvector_1_ortho[2]     ? 
_reflns.pdbx_aniso_B_tensor_eigenvector_1_ortho[3]     ? 
_reflns.pdbx_aniso_B_tensor_eigenvector_2_ortho[1]     ? 
_reflns.pdbx_aniso_B_tensor_eigenvector_2_ortho[2]     ? 
_reflns.pdbx_aniso_B_tensor_eigenvector_2_ortho[3]     ? 
_reflns.pdbx_aniso_B_tensor_eigenvector_3_ortho[1]     ? 
_reflns.pdbx_aniso_B_tensor_eigenvector_3_ortho[2]     ? 
_reflns.pdbx_aniso_B_tensor_eigenvector_3_ortho[3]     ? 
_reflns.pdbx_aniso_B_tensor_eigenvalue_1               ? 
_reflns.pdbx_aniso_B_tensor_eigenvalue_2               ? 
_reflns.pdbx_aniso_B_tensor_eigenvalue_3               ? 
_reflns.pdbx_orthogonalization_convention              ? 
_reflns.pdbx_percent_possible_ellipsoidal              ? 
_reflns.pdbx_percent_possible_spherical                ? 
_reflns.pdbx_percent_possible_ellipsoidal_anomalous    ? 
_reflns.pdbx_percent_possible_spherical_anomalous      ? 
_reflns.pdbx_redundancy_anomalous                      ? 
_reflns.pdbx_CC_half_anomalous                         ? 
_reflns.pdbx_absDiff_over_sigma_anomalous              ? 
_reflns.pdbx_percent_possible_anomalous                ? 
_reflns.pdbx_observed_signal_threshold                 ? 
_reflns.pdbx_signal_type                               ? 
_reflns.pdbx_signal_details                            ? 
_reflns.pdbx_signal_software_id                        ? 
# 
_reflns_shell.d_res_high                                    3.15 
_reflns_shell.d_res_low                                     3.26 
_reflns_shell.meanI_over_sigI_all                           ? 
_reflns_shell.meanI_over_sigI_obs                           2.9 
_reflns_shell.number_measured_all                           ? 
_reflns_shell.number_measured_obs                           ? 
_reflns_shell.number_possible                               ? 
_reflns_shell.number_unique_all                             ? 
_reflns_shell.number_unique_obs                             1143 
_reflns_shell.percent_possible_obs                          ? 
_reflns_shell.Rmerge_F_all                                  ? 
_reflns_shell.Rmerge_F_obs                                  ? 
_reflns_shell.meanI_over_sigI_gt                            ? 
_reflns_shell.meanI_over_uI_all                             ? 
_reflns_shell.meanI_over_uI_gt                              ? 
_reflns_shell.number_measured_gt                            ? 
_reflns_shell.number_unique_gt                              ? 
_reflns_shell.percent_possible_gt                           ? 
_reflns_shell.Rmerge_F_gt                                   ? 
_reflns_shell.Rmerge_I_gt                                   ? 
_reflns_shell.pdbx_redundancy                               ? 
_reflns_shell.pdbx_chi_squared                              ? 
_reflns_shell.pdbx_netI_over_sigmaI_all                     ? 
_reflns_shell.pdbx_netI_over_sigmaI_obs                     ? 
_reflns_shell.pdbx_Rrim_I_all                               0.96 
_reflns_shell.pdbx_Rpim_I_all                               0.25 
_reflns_shell.pdbx_rejects                                  ? 
_reflns_shell.pdbx_ordinal                                  1 
_reflns_shell.pdbx_diffrn_id                                1 
_reflns_shell.pdbx_CC_half                                  0.84 
_reflns_shell.pdbx_CC_star                                  ? 
_reflns_shell.pdbx_R_split                                  ? 
_reflns_shell.percent_possible_all                          ? 
_reflns_shell.Rmerge_I_all                                  ? 
_reflns_shell.Rmerge_I_obs                                  0.92 
_reflns_shell.pdbx_Rsym_value                               ? 
_reflns_shell.pdbx_percent_possible_ellipsoidal             ? 
_reflns_shell.pdbx_percent_possible_spherical               ? 
_reflns_shell.pdbx_percent_possible_ellipsoidal_anomalous   ? 
_reflns_shell.pdbx_percent_possible_spherical_anomalous     ? 
_reflns_shell.pdbx_redundancy_anomalous                     ? 
_reflns_shell.pdbx_CC_half_anomalous                        ? 
_reflns_shell.pdbx_absDiff_over_sigma_anomalous             ? 
_reflns_shell.pdbx_percent_possible_anomalous               ? 
# 
_refine.aniso_B[1][1]                            ? 
_refine.aniso_B[1][2]                            ? 
_refine.aniso_B[1][3]                            ? 
_refine.aniso_B[2][2]                            ? 
_refine.aniso_B[2][3]                            ? 
_refine.aniso_B[3][3]                            ? 
_refine.B_iso_max                                ? 
_refine.B_iso_mean                               97.79 
_refine.B_iso_min                                ? 
_refine.correlation_coeff_Fo_to_Fc               ? 
_refine.correlation_coeff_Fo_to_Fc_free          ? 
_refine.details                                  ? 
_refine.diff_density_max                         ? 
_refine.diff_density_max_esd                     ? 
_refine.diff_density_min                         ? 
_refine.diff_density_min_esd                     ? 
_refine.diff_density_rms                         ? 
_refine.diff_density_rms_esd                     ? 
_refine.entry_id                                 9FA0 
_refine.pdbx_refine_id                           'X-RAY DIFFRACTION' 
_refine.ls_abs_structure_details                 ? 
_refine.ls_abs_structure_Flack                   ? 
_refine.ls_abs_structure_Flack_esd               ? 
_refine.ls_abs_structure_Rogers                  ? 
_refine.ls_abs_structure_Rogers_esd              ? 
_refine.ls_d_res_high                            3.15 
_refine.ls_d_res_low                             47.59 
_refine.ls_extinction_coef                       ? 
_refine.ls_extinction_coef_esd                   ? 
_refine.ls_extinction_expression                 ? 
_refine.ls_extinction_method                     ? 
_refine.ls_goodness_of_fit_all                   ? 
_refine.ls_goodness_of_fit_all_esd               ? 
_refine.ls_goodness_of_fit_obs                   ? 
_refine.ls_goodness_of_fit_obs_esd               ? 
_refine.ls_hydrogen_treatment                    ? 
_refine.ls_matrix_type                           ? 
_refine.ls_number_constraints                    ? 
_refine.ls_number_parameters                     ? 
_refine.ls_number_reflns_all                     ? 
_refine.ls_number_reflns_obs                     6481 
_refine.ls_number_reflns_R_free                  329 
_refine.ls_number_reflns_R_work                  6153 
_refine.ls_number_restraints                     ? 
_refine.ls_percent_reflns_obs                    99.54 
_refine.ls_percent_reflns_R_free                 5.08 
_refine.ls_R_factor_all                          ? 
_refine.ls_R_factor_obs                          0.2349 
_refine.ls_R_factor_R_free                       0.2500 
_refine.ls_R_factor_R_free_error                 ? 
_refine.ls_R_factor_R_free_error_details         ? 
_refine.ls_R_factor_R_work                       0.2341 
_refine.ls_R_Fsqd_factor_obs                     ? 
_refine.ls_R_I_factor_obs                        ? 
_refine.ls_redundancy_reflns_all                 ? 
_refine.ls_redundancy_reflns_obs                 ? 
_refine.ls_restrained_S_all                      ? 
_refine.ls_restrained_S_obs                      ? 
_refine.ls_shift_over_esd_max                    ? 
_refine.ls_shift_over_esd_mean                   ? 
_refine.ls_structure_factor_coef                 ? 
_refine.ls_weighting_details                     ? 
_refine.ls_weighting_scheme                      ? 
_refine.ls_wR_factor_all                         ? 
_refine.ls_wR_factor_obs                         ? 
_refine.ls_wR_factor_R_free                      ? 
_refine.ls_wR_factor_R_work                      ? 
_refine.occupancy_max                            ? 
_refine.occupancy_min                            ? 
_refine.solvent_model_details                    'FLAT BULK SOLVENT MODEL' 
_refine.solvent_model_param_bsol                 ? 
_refine.solvent_model_param_ksol                 ? 
_refine.pdbx_R_complete                          ? 
_refine.ls_R_factor_gt                           ? 
_refine.ls_goodness_of_fit_gt                    ? 
_refine.ls_goodness_of_fit_ref                   ? 
_refine.ls_shift_over_su_max                     ? 
_refine.ls_shift_over_su_max_lt                  ? 
_refine.ls_shift_over_su_mean                    ? 
_refine.ls_shift_over_su_mean_lt                 ? 
_refine.pdbx_ls_sigma_I                          ? 
_refine.pdbx_ls_sigma_F                          1.34 
_refine.pdbx_ls_sigma_Fsqd                       ? 
_refine.pdbx_data_cutoff_high_absF               ? 
_refine.pdbx_data_cutoff_high_rms_absF           ? 
_refine.pdbx_data_cutoff_low_absF                ? 
_refine.pdbx_isotropic_thermal_model             ? 
_refine.pdbx_ls_cross_valid_method               'FREE R-VALUE' 
_refine.pdbx_method_to_determine_struct          'MOLECULAR REPLACEMENT' 
_refine.pdbx_starting_model                      ? 
_refine.pdbx_stereochemistry_target_values       'GeoStd + Monomer Library + CDL v1.2' 
_refine.pdbx_R_Free_selection_details            ? 
_refine.pdbx_stereochem_target_val_spec_case     ? 
_refine.pdbx_overall_ESU_R                       ? 
_refine.pdbx_overall_ESU_R_Free                  ? 
_refine.pdbx_solvent_vdw_probe_radii             1.1100 
_refine.pdbx_solvent_ion_probe_radii             ? 
_refine.pdbx_solvent_shrinkage_radii             0.9000 
_refine.pdbx_real_space_R                        ? 
_refine.pdbx_density_correlation                 ? 
_refine.pdbx_pd_number_of_powder_patterns        ? 
_refine.pdbx_pd_number_of_points                 ? 
_refine.pdbx_pd_meas_number_of_points            ? 
_refine.pdbx_pd_proc_ls_prof_R_factor            ? 
_refine.pdbx_pd_proc_ls_prof_wR_factor           ? 
_refine.pdbx_pd_Marquardt_correlation_coeff      ? 
_refine.pdbx_pd_Fsqrd_R_factor                   ? 
_refine.pdbx_pd_ls_matrix_band_width             ? 
_refine.pdbx_overall_phase_error                 27.6918 
_refine.pdbx_overall_SU_R_free_Cruickshank_DPI   ? 
_refine.pdbx_overall_SU_R_free_Blow_DPI          ? 
_refine.pdbx_overall_SU_R_Blow_DPI               ? 
_refine.pdbx_TLS_residual_ADP_flag               ? 
_refine.pdbx_diffrn_id                           1 
_refine.overall_SU_B                             ? 
_refine.overall_SU_ML                            0.3484 
_refine.overall_SU_R_Cruickshank_DPI             ? 
_refine.overall_SU_R_free                        ? 
_refine.overall_FOM_free_R_set                   ? 
_refine.overall_FOM_work_R_set                   ? 
_refine.pdbx_average_fsc_overall                 ? 
_refine.pdbx_average_fsc_work                    ? 
_refine.pdbx_average_fsc_free                    ? 
# 
_refine_hist.pdbx_refine_id                   'X-RAY DIFFRACTION' 
_refine_hist.cycle_id                         LAST 
_refine_hist.details                          ? 
_refine_hist.d_res_high                       3.15 
_refine_hist.d_res_low                        47.59 
_refine_hist.number_atoms_solvent             0 
_refine_hist.number_atoms_total               1477 
_refine_hist.number_reflns_all                ? 
_refine_hist.number_reflns_obs                ? 
_refine_hist.number_reflns_R_free             ? 
_refine_hist.number_reflns_R_work             ? 
_refine_hist.R_factor_all                     ? 
_refine_hist.R_factor_obs                     ? 
_refine_hist.R_factor_R_free                  ? 
_refine_hist.R_factor_R_work                  ? 
_refine_hist.pdbx_number_residues_total       ? 
_refine_hist.pdbx_B_iso_mean_ligand           ? 
_refine_hist.pdbx_B_iso_mean_solvent          ? 
_refine_hist.pdbx_number_atoms_protein        1477 
_refine_hist.pdbx_number_atoms_nucleic_acid   0 
_refine_hist.pdbx_number_atoms_ligand         0 
_refine_hist.pdbx_number_atoms_lipid          ? 
_refine_hist.pdbx_number_atoms_carb           ? 
_refine_hist.pdbx_pseudo_atom_details         ? 
# 
loop_
_refine_ls_restr.pdbx_refine_id 
_refine_ls_restr.criterion 
_refine_ls_restr.dev_ideal 
_refine_ls_restr.dev_ideal_target 
_refine_ls_restr.number 
_refine_ls_restr.rejects 
_refine_ls_restr.type 
_refine_ls_restr.weight 
_refine_ls_restr.pdbx_restraint_function 
'X-RAY DIFFRACTION' ? 0.0127  ? 1512 ? f_bond_d           ? ? 
'X-RAY DIFFRACTION' ? 1.2908  ? 2028 ? f_angle_d          ? ? 
'X-RAY DIFFRACTION' ? 0.0615  ? 211  ? f_chiral_restr     ? ? 
'X-RAY DIFFRACTION' ? 0.0076  ? 256  ? f_plane_restr      ? ? 
'X-RAY DIFFRACTION' ? 19.4679 ? 188  ? f_dihedral_angle_d ? ? 
# 
loop_
_refine_ls_shell.pdbx_refine_id 
_refine_ls_shell.d_res_high 
_refine_ls_shell.d_res_low 
_refine_ls_shell.number_reflns_all 
_refine_ls_shell.number_reflns_obs 
_refine_ls_shell.number_reflns_R_free 
_refine_ls_shell.number_reflns_R_work 
_refine_ls_shell.percent_reflns_obs 
_refine_ls_shell.percent_reflns_R_free 
_refine_ls_shell.R_factor_all 
_refine_ls_shell.R_factor_obs 
_refine_ls_shell.R_factor_R_free_error 
_refine_ls_shell.R_factor_R_work 
_refine_ls_shell.redundancy_reflns_all 
_refine_ls_shell.redundancy_reflns_obs 
_refine_ls_shell.wR_factor_all 
_refine_ls_shell.wR_factor_obs 
_refine_ls_shell.wR_factor_R_free 
_refine_ls_shell.wR_factor_R_work 
_refine_ls_shell.pdbx_R_complete 
_refine_ls_shell.pdbx_total_number_of_bins_used 
_refine_ls_shell.pdbx_phase_error 
_refine_ls_shell.pdbx_fsc_work 
_refine_ls_shell.pdbx_fsc_free 
_refine_ls_shell.R_factor_R_free 
'X-RAY DIFFRACTION' 3.15 3.97  . . 157 3025 99.94 . . . . 0.2588 . . . . . . . . . . . 0.2774 
'X-RAY DIFFRACTION' 3.97 47.59 . . 172 3128 99.16 . . . . 0.2266 . . . . . . . . . . . 0.2430 
# 
_struct.entry_id                     9FA0 
_struct.title                        'The structure of ScoC, a global regulator protein from Geobacillus kaustophilus' 
_struct.pdbx_model_details           ? 
_struct.pdbx_formula_weight          ? 
_struct.pdbx_formula_weight_method   ? 
_struct.pdbx_model_type_details      ? 
_struct.pdbx_CASP_flag               N 
# 
_struct_keywords.entry_id        9FA0 
_struct_keywords.text            
'ScoC, Global regulator, Geobacillus stearothermophilus, DNA BINDING PROTEIN, Tetramer, DNA Bending, Hpr' 
_struct_keywords.pdbx_keywords   'DNA BINDING PROTEIN' 
# 
_struct_asym.id                            A 
_struct_asym.pdbx_blank_PDB_chainid_flag   N 
_struct_asym.pdbx_modified                 N 
_struct_asym.entity_id                     1 
_struct_asym.details                       ? 
# 
_struct_ref.id                         1 
_struct_ref.db_name                    PDB 
_struct_ref.db_code                    9FA0 
_struct_ref.pdbx_db_accession          9FA0 
_struct_ref.pdbx_db_isoform            ? 
_struct_ref.entity_id                  1 
_struct_ref.pdbx_seq_one_letter_code   ? 
_struct_ref.pdbx_align_begin           1 
# 
_struct_ref_seq.align_id                      1 
_struct_ref_seq.ref_id                        1 
_struct_ref_seq.pdbx_PDB_id_code              9FA0 
_struct_ref_seq.pdbx_strand_id                B 
_struct_ref_seq.seq_align_beg                 1 
_struct_ref_seq.pdbx_seq_align_beg_ins_code   ? 
_struct_ref_seq.seq_align_end                 207 
_struct_ref_seq.pdbx_seq_align_end_ins_code   ? 
_struct_ref_seq.pdbx_db_accession             9FA0 
_struct_ref_seq.db_align_beg                  1 
_struct_ref_seq.pdbx_db_align_beg_ins_code    ? 
_struct_ref_seq.db_align_end                  207 
_struct_ref_seq.pdbx_db_align_end_ins_code    ? 
_struct_ref_seq.pdbx_auth_seq_align_beg       1 
_struct_ref_seq.pdbx_auth_seq_align_end       207 
# 
_pdbx_struct_assembly.id                   1 
_pdbx_struct_assembly.details              author_and_software_defined_assembly 
_pdbx_struct_assembly.method_details       PISA 
_pdbx_struct_assembly.oligomeric_details   tetrameric 
_pdbx_struct_assembly.oligomeric_count     4 
# 
loop_
_pdbx_struct_assembly_prop.biol_id 
_pdbx_struct_assembly_prop.type 
_pdbx_struct_assembly_prop.value 
_pdbx_struct_assembly_prop.details 
1 'ABSA (A^2)' 16020 ? 
1 MORE         -142  ? 
1 'SSA (A^2)'  33190 ? 
# 
_pdbx_struct_assembly_gen.assembly_id       1 
_pdbx_struct_assembly_gen.oper_expression   1,2,3,4 
_pdbx_struct_assembly_gen.asym_id_list      A 
# 
_pdbx_struct_assembly_auth_evidence.id                     1 
_pdbx_struct_assembly_auth_evidence.assembly_id            1 
_pdbx_struct_assembly_auth_evidence.experimental_support   none 
_pdbx_struct_assembly_auth_evidence.details                ? 
# 
loop_
_pdbx_struct_oper_list.id 
_pdbx_struct_oper_list.type 
_pdbx_struct_oper_list.name 
_pdbx_struct_oper_list.symmetry_operation 
_pdbx_struct_oper_list.matrix[1][1] 
_pdbx_struct_oper_list.matrix[1][2] 
_pdbx_struct_oper_list.matrix[1][3] 
_pdbx_struct_oper_list.vector[1] 
_pdbx_struct_oper_list.matrix[2][1] 
_pdbx_struct_oper_list.matrix[2][2] 
_pdbx_struct_oper_list.matrix[2][3] 
_pdbx_struct_oper_list.vector[2] 
_pdbx_struct_oper_list.matrix[3][1] 
_pdbx_struct_oper_list.matrix[3][2] 
_pdbx_struct_oper_list.matrix[3][3] 
_pdbx_struct_oper_list.vector[3] 
1 'identity operation'         1_555  x,y,z                1.0000000000  0.0000000000  0.0000000000  0.0000000000   0.0000000000  1.0000000000  0.0000000000  0.0000000000   0.0000000000  0.0000000000  1.0000000000  0.0000000000  
2 'crystal symmetry operation' 7_545  y+1/2,x-1/2,-z+1/2   -0.6124618210 -0.7704357198 -0.1769726518 -32.6608673152 -0.7704357198 0.5316457332  0.3518261162  -22.6730265021 -0.1769726518 0.3518261162  -0.9191839122 27.1837280985 
3 'crystal symmetry operation' 10_655 -x+1,-y,z            0.5479238391  0.8184049906  -0.1731841156 4.3486050498   0.8184049906  -0.5672999460 -0.0915644174 -3.3559878555  -0.1731841156 -0.0915644174 -0.9806238930 23.0087626663 
4 'crystal symmetry operation' 16_555 -y+1/2,-x+1/2,-z+1/2 -0.9354620181 -0.0479692708 0.3501567675  -36.8105707084 -0.0479692708 -0.9643457871 -0.2602616988 -19.7124601799 0.3501567675  -0.2602616988 0.8998078052  4.0841352753 
# 
loop_
_struct_conf.conf_type_id 
_struct_conf.id 
_struct_conf.pdbx_PDB_helix_id 
_struct_conf.beg_label_comp_id 
_struct_conf.beg_label_asym_id 
_struct_conf.beg_label_seq_id 
_struct_conf.pdbx_beg_PDB_ins_code 
_struct_conf.end_label_comp_id 
_struct_conf.end_label_asym_id 
_struct_conf.end_label_seq_id 
_struct_conf.pdbx_end_PDB_ins_code 
_struct_conf.beg_auth_comp_id 
_struct_conf.beg_auth_asym_id 
_struct_conf.beg_auth_seq_id 
_struct_conf.end_auth_comp_id 
_struct_conf.end_auth_asym_id 
_struct_conf.end_auth_seq_id 
_struct_conf.pdbx_PDB_helix_class 
_struct_conf.details 
_struct_conf.pdbx_PDB_helix_length 
HELX_P HELX_P1  AA1 SER A 9   ? LYS A 40  ? SER B 9   LYS B 40  1 ? 32 
HELX_P HELX_P2  AA2 PRO A 41  ? ASP A 43  ? PRO B 41  ASP B 43  5 ? 3  
HELX_P HELX_P3  AA3 ASN A 45  ? LYS A 59  ? ASN B 45  LYS B 59  1 ? 15 
HELX_P HELX_P4  AA4 ILE A 63  ? VAL A 71  ? ILE B 63  VAL B 71  1 ? 9  
HELX_P HELX_P5  AA5 HIS A 73  ? LYS A 87  ? HIS B 73  LYS B 87  1 ? 15 
HELX_P HELX_P6  AA6 ASP A 98  ? ASN A 101 ? ASP B 98  ASN B 101 5 ? 4  
HELX_P HELX_P7  AA7 THR A 107 ? THR A 120 ? THR B 107 THR B 120 1 ? 14 
HELX_P HELX_P8  AA8 ASP A 122 ? LYS A 125 ? ASP B 122 LYS B 125 5 ? 4  
HELX_P HELX_P9  AA9 ASN A 126 ? GLY A 140 ? ASN B 126 GLY B 140 1 ? 15 
HELX_P HELX_P10 AB1 ILE A 145 ? GLY A 157 ? ILE B 145 GLY B 157 1 ? 13 
HELX_P HELX_P11 AB2 GLY A 157 ? PHE A 175 ? GLY B 157 PHE B 175 1 ? 19 
# 
_struct_conf_type.id          HELX_P 
_struct_conf_type.criteria    ? 
_struct_conf_type.reference   ? 
# 
_struct_sheet.id               AA1 
_struct_sheet.type             ? 
_struct_sheet.number_strands   3 
_struct_sheet.details          ? 
# 
loop_
_struct_sheet_order.sheet_id 
_struct_sheet_order.range_id_1 
_struct_sheet_order.range_id_2 
_struct_sheet_order.offset 
_struct_sheet_order.sense 
AA1 1 2 ? anti-parallel 
AA1 2 3 ? anti-parallel 
# 
loop_
_struct_sheet_range.sheet_id 
_struct_sheet_range.id 
_struct_sheet_range.beg_label_comp_id 
_struct_sheet_range.beg_label_asym_id 
_struct_sheet_range.beg_label_seq_id 
_struct_sheet_range.pdbx_beg_PDB_ins_code 
_struct_sheet_range.end_label_comp_id 
_struct_sheet_range.end_label_asym_id 
_struct_sheet_range.end_label_seq_id 
_struct_sheet_range.pdbx_end_PDB_ins_code 
_struct_sheet_range.beg_auth_comp_id 
_struct_sheet_range.beg_auth_asym_id 
_struct_sheet_range.beg_auth_seq_id 
_struct_sheet_range.end_auth_comp_id 
_struct_sheet_range.end_auth_asym_id 
_struct_sheet_range.end_auth_seq_id 
AA1 1 ALA A 61  ? SER A 62  ? ALA B 61  SER B 62  
AA1 2 TYR A 103 ? LEU A 106 ? TYR B 103 LEU B 106 
AA1 3 LEU A 90  ? PHE A 92  ? LEU B 90  PHE B 92  
# 
loop_
_pdbx_struct_sheet_hbond.sheet_id 
_pdbx_struct_sheet_hbond.range_id_1 
_pdbx_struct_sheet_hbond.range_id_2 
_pdbx_struct_sheet_hbond.range_1_label_atom_id 
_pdbx_struct_sheet_hbond.range_1_label_comp_id 
_pdbx_struct_sheet_hbond.range_1_label_asym_id 
_pdbx_struct_sheet_hbond.range_1_label_seq_id 
_pdbx_struct_sheet_hbond.range_1_PDB_ins_code 
_pdbx_struct_sheet_hbond.range_1_auth_atom_id 
_pdbx_struct_sheet_hbond.range_1_auth_comp_id 
_pdbx_struct_sheet_hbond.range_1_auth_asym_id 
_pdbx_struct_sheet_hbond.range_1_auth_seq_id 
_pdbx_struct_sheet_hbond.range_2_label_atom_id 
_pdbx_struct_sheet_hbond.range_2_label_comp_id 
_pdbx_struct_sheet_hbond.range_2_label_asym_id 
_pdbx_struct_sheet_hbond.range_2_label_seq_id 
_pdbx_struct_sheet_hbond.range_2_PDB_ins_code 
_pdbx_struct_sheet_hbond.range_2_auth_atom_id 
_pdbx_struct_sheet_hbond.range_2_auth_comp_id 
_pdbx_struct_sheet_hbond.range_2_auth_asym_id 
_pdbx_struct_sheet_hbond.range_2_auth_seq_id 
AA1 1 2 N ALA A 61  ? N ALA B 61  O ILE A 104 ? O ILE B 104 
AA1 2 3 O GLU A 105 ? O GLU B 105 N SER A 91  ? N SER B 91  
# 
_pdbx_entry_details.entry_id                   9FA0 
_pdbx_entry_details.compound_details           ? 
_pdbx_entry_details.source_details             ? 
_pdbx_entry_details.nonpolymer_details         ? 
_pdbx_entry_details.sequence_details           ? 
_pdbx_entry_details.has_ligand_of_interest     ? 
_pdbx_entry_details.has_protein_modification   N 
# 
_pdbx_validate_close_contact.id               1 
_pdbx_validate_close_contact.PDB_model_num    1 
_pdbx_validate_close_contact.auth_atom_id_1   O 
_pdbx_validate_close_contact.auth_asym_id_1   B 
_pdbx_validate_close_contact.auth_comp_id_1   ALA 
_pdbx_validate_close_contact.auth_seq_id_1    77 
_pdbx_validate_close_contact.PDB_ins_code_1   ? 
_pdbx_validate_close_contact.label_alt_id_1   ? 
_pdbx_validate_close_contact.auth_atom_id_2   OG 
_pdbx_validate_close_contact.auth_asym_id_2   B 
_pdbx_validate_close_contact.auth_comp_id_2   SER 
_pdbx_validate_close_contact.auth_seq_id_2    81 
_pdbx_validate_close_contact.PDB_ins_code_2   ? 
_pdbx_validate_close_contact.label_alt_id_2   ? 
_pdbx_validate_close_contact.dist             2.14 
# 
_pdbx_validate_symm_contact.id                1 
_pdbx_validate_symm_contact.PDB_model_num     1 
_pdbx_validate_symm_contact.auth_atom_id_1    OH 
_pdbx_validate_symm_contact.auth_asym_id_1    B 
_pdbx_validate_symm_contact.auth_comp_id_1    TYR 
_pdbx_validate_symm_contact.auth_seq_id_1     139 
_pdbx_validate_symm_contact.PDB_ins_code_1    ? 
_pdbx_validate_symm_contact.label_alt_id_1    ? 
_pdbx_validate_symm_contact.site_symmetry_1   1_555 
_pdbx_validate_symm_contact.auth_atom_id_2    OH 
_pdbx_validate_symm_contact.auth_asym_id_2    B 
_pdbx_validate_symm_contact.auth_comp_id_2    TYR 
_pdbx_validate_symm_contact.auth_seq_id_2     139 
_pdbx_validate_symm_contact.PDB_ins_code_2    ? 
_pdbx_validate_symm_contact.label_alt_id_2    ? 
_pdbx_validate_symm_contact.site_symmetry_2   7_545 
_pdbx_validate_symm_contact.dist              2.06 
# 
_pdbx_validate_rmsd_bond.id                        1 
_pdbx_validate_rmsd_bond.PDB_model_num             1 
_pdbx_validate_rmsd_bond.auth_atom_id_1            CE 
_pdbx_validate_rmsd_bond.auth_asym_id_1            B 
_pdbx_validate_rmsd_bond.auth_comp_id_1            LYS 
_pdbx_validate_rmsd_bond.auth_seq_id_1             116 
_pdbx_validate_rmsd_bond.PDB_ins_code_1            ? 
_pdbx_validate_rmsd_bond.label_alt_id_1            ? 
_pdbx_validate_rmsd_bond.auth_atom_id_2            NZ 
_pdbx_validate_rmsd_bond.auth_asym_id_2            B 
_pdbx_validate_rmsd_bond.auth_comp_id_2            LYS 
_pdbx_validate_rmsd_bond.auth_seq_id_2             116 
_pdbx_validate_rmsd_bond.PDB_ins_code_2            ? 
_pdbx_validate_rmsd_bond.label_alt_id_2            ? 
_pdbx_validate_rmsd_bond.bond_value                1.643 
_pdbx_validate_rmsd_bond.bond_target_value         1.486 
_pdbx_validate_rmsd_bond.bond_deviation            0.157 
_pdbx_validate_rmsd_bond.bond_standard_deviation   0.025 
_pdbx_validate_rmsd_bond.linker_flag               N 
# 
_pdbx_validate_rmsd_angle.id                         1 
_pdbx_validate_rmsd_angle.PDB_model_num              1 
_pdbx_validate_rmsd_angle.auth_atom_id_1             CB 
_pdbx_validate_rmsd_angle.auth_asym_id_1             B 
_pdbx_validate_rmsd_angle.auth_comp_id_1             LEU 
_pdbx_validate_rmsd_angle.auth_seq_id_1              146 
_pdbx_validate_rmsd_angle.PDB_ins_code_1             ? 
_pdbx_validate_rmsd_angle.label_alt_id_1             ? 
_pdbx_validate_rmsd_angle.auth_atom_id_2             CG 
_pdbx_validate_rmsd_angle.auth_asym_id_2             B 
_pdbx_validate_rmsd_angle.auth_comp_id_2             LEU 
_pdbx_validate_rmsd_angle.auth_seq_id_2              146 
_pdbx_validate_rmsd_angle.PDB_ins_code_2             ? 
_pdbx_validate_rmsd_angle.label_alt_id_2             ? 
_pdbx_validate_rmsd_angle.auth_atom_id_3             CD1 
_pdbx_validate_rmsd_angle.auth_asym_id_3             B 
_pdbx_validate_rmsd_angle.auth_comp_id_3             LEU 
_pdbx_validate_rmsd_angle.auth_seq_id_3              146 
_pdbx_validate_rmsd_angle.PDB_ins_code_3             ? 
_pdbx_validate_rmsd_angle.label_alt_id_3             ? 
_pdbx_validate_rmsd_angle.angle_value                100.21 
_pdbx_validate_rmsd_angle.angle_target_value         111.00 
_pdbx_validate_rmsd_angle.angle_deviation            -10.79 
_pdbx_validate_rmsd_angle.angle_standard_deviation   1.70 
_pdbx_validate_rmsd_angle.linker_flag                N 
# 
_pdbx_validate_torsion.id              1 
_pdbx_validate_torsion.PDB_model_num   1 
_pdbx_validate_torsion.auth_comp_id    VAL 
_pdbx_validate_torsion.auth_asym_id    B 
_pdbx_validate_torsion.auth_seq_id     71 
_pdbx_validate_torsion.PDB_ins_code    ? 
_pdbx_validate_torsion.label_alt_id    ? 
_pdbx_validate_torsion.phi             33.10 
_pdbx_validate_torsion.psi             59.79 
# 
loop_
_space_group_symop.id 
_space_group_symop.operation_xyz 
1  x,y,z                
2  -y+1/2,x,z+3/4       
3  y+1/2,-x,z+3/4       
4  x+1/2,-y,-z+3/4      
5  -x+1/2,y,-z+3/4      
6  -x,-y,z              
7  y,x,-z               
8  -y,-x,-z             
9  x+1/2,y+1/2,z+1/2    
10 -y+1,x+1/2,z+5/4     
11 y+1,-x+1/2,z+5/4     
12 x+1,-y+1/2,-z+5/4    
13 -x+1,y+1/2,-z+5/4    
14 -x+1/2,-y+1/2,z+1/2  
15 y+1/2,x+1/2,-z+1/2   
16 -y+1/2,-x+1/2,-z+1/2 
# 
loop_
_pdbx_unobs_or_zero_occ_residues.id 
_pdbx_unobs_or_zero_occ_residues.PDB_model_num 
_pdbx_unobs_or_zero_occ_residues.polymer_flag 
_pdbx_unobs_or_zero_occ_residues.occupancy_flag 
_pdbx_unobs_or_zero_occ_residues.auth_asym_id 
_pdbx_unobs_or_zero_occ_residues.auth_comp_id 
_pdbx_unobs_or_zero_occ_residues.auth_seq_id 
_pdbx_unobs_or_zero_occ_residues.PDB_ins_code 
_pdbx_unobs_or_zero_occ_residues.label_asym_id 
_pdbx_unobs_or_zero_occ_residues.label_comp_id 
_pdbx_unobs_or_zero_occ_residues.label_seq_id 
1  1 Y 1 B MET 1   ? A MET 1   
2  1 Y 1 B LYS 2   ? A LYS 2   
3  1 Y 1 B ALA 3   ? A ALA 3   
4  1 Y 1 B THR 4   ? A THR 4   
5  1 Y 1 B GLU 5   ? A GLU 5   
6  1 Y 1 B VAL 183 ? A VAL 183 
7  1 Y 1 B LYS 184 ? A LYS 184 
8  1 Y 1 B ARG 185 ? A ARG 185 
9  1 Y 1 B LYS 186 ? A LYS 186 
10 1 Y 1 B PRO 187 ? A PRO 187 
11 1 Y 1 B LYS 188 ? A LYS 188 
12 1 Y 1 B THR 189 ? A THR 189 
13 1 Y 1 B GLU 190 ? A GLU 190 
14 1 Y 1 B GLU 191 ? A GLU 191 
15 1 Y 1 B HIS 192 ? A HIS 192 
16 1 Y 1 B GLU 193 ? A GLU 193 
17 1 Y 1 B LYS 194 ? A LYS 194 
18 1 Y 1 B GLU 195 ? A GLU 195 
19 1 Y 1 B LEU 196 ? A LEU 196 
20 1 Y 1 B ALA 197 ? A ALA 197 
21 1 Y 1 B SER 198 ? A SER 198 
22 1 Y 1 B GLN 199 ? A GLN 199 
23 1 Y 1 B ALA 200 ? A ALA 200 
24 1 Y 1 B ASN 201 ? A ASN 201 
25 1 Y 1 B HIS 202 ? A HIS 202 
26 1 Y 1 B HIS 203 ? A HIS 203 
27 1 Y 1 B HIS 204 ? A HIS 204 
28 1 Y 1 B HIS 205 ? A HIS 205 
29 1 Y 1 B HIS 206 ? A HIS 206 
30 1 Y 1 B HIS 207 ? A HIS 207 
# 
loop_
_chem_comp_atom.comp_id 
_chem_comp_atom.atom_id 
_chem_comp_atom.type_symbol 
_chem_comp_atom.pdbx_aromatic_flag 
_chem_comp_atom.pdbx_stereo_config 
_chem_comp_atom.pdbx_ordinal 
ALA N    N N N 1   
ALA CA   C N S 2   
ALA C    C N N 3   
ALA O    O N N 4   
ALA CB   C N N 5   
ALA OXT  O N N 6   
ALA H    H N N 7   
ALA H2   H N N 8   
ALA HA   H N N 9   
ALA HB1  H N N 10  
ALA HB2  H N N 11  
ALA HB3  H N N 12  
ALA HXT  H N N 13  
ARG N    N N N 14  
ARG CA   C N S 15  
ARG C    C N N 16  
ARG O    O N N 17  
ARG CB   C N N 18  
ARG CG   C N N 19  
ARG CD   C N N 20  
ARG NE   N N N 21  
ARG CZ   C N N 22  
ARG NH1  N N N 23  
ARG NH2  N N N 24  
ARG OXT  O N N 25  
ARG H    H N N 26  
ARG H2   H N N 27  
ARG HA   H N N 28  
ARG HB2  H N N 29  
ARG HB3  H N N 30  
ARG HG2  H N N 31  
ARG HG3  H N N 32  
ARG HD2  H N N 33  
ARG HD3  H N N 34  
ARG HE   H N N 35  
ARG HH11 H N N 36  
ARG HH12 H N N 37  
ARG HH21 H N N 38  
ARG HH22 H N N 39  
ARG HXT  H N N 40  
ASN N    N N N 41  
ASN CA   C N S 42  
ASN C    C N N 43  
ASN O    O N N 44  
ASN CB   C N N 45  
ASN CG   C N N 46  
ASN OD1  O N N 47  
ASN ND2  N N N 48  
ASN OXT  O N N 49  
ASN H    H N N 50  
ASN H2   H N N 51  
ASN HA   H N N 52  
ASN HB2  H N N 53  
ASN HB3  H N N 54  
ASN HD21 H N N 55  
ASN HD22 H N N 56  
ASN HXT  H N N 57  
ASP N    N N N 58  
ASP CA   C N S 59  
ASP C    C N N 60  
ASP O    O N N 61  
ASP CB   C N N 62  
ASP CG   C N N 63  
ASP OD1  O N N 64  
ASP OD2  O N N 65  
ASP OXT  O N N 66  
ASP H    H N N 67  
ASP H2   H N N 68  
ASP HA   H N N 69  
ASP HB2  H N N 70  
ASP HB3  H N N 71  
ASP HD2  H N N 72  
ASP HXT  H N N 73  
CYS N    N N N 74  
CYS CA   C N R 75  
CYS C    C N N 76  
CYS O    O N N 77  
CYS CB   C N N 78  
CYS SG   S N N 79  
CYS OXT  O N N 80  
CYS H    H N N 81  
CYS H2   H N N 82  
CYS HA   H N N 83  
CYS HB2  H N N 84  
CYS HB3  H N N 85  
CYS HG   H N N 86  
CYS HXT  H N N 87  
GLN N    N N N 88  
GLN CA   C N S 89  
GLN C    C N N 90  
GLN O    O N N 91  
GLN CB   C N N 92  
GLN CG   C N N 93  
GLN CD   C N N 94  
GLN OE1  O N N 95  
GLN NE2  N N N 96  
GLN OXT  O N N 97  
GLN H    H N N 98  
GLN H2   H N N 99  
GLN HA   H N N 100 
GLN HB2  H N N 101 
GLN HB3  H N N 102 
GLN HG2  H N N 103 
GLN HG3  H N N 104 
GLN HE21 H N N 105 
GLN HE22 H N N 106 
GLN HXT  H N N 107 
GLU N    N N N 108 
GLU CA   C N S 109 
GLU C    C N N 110 
GLU O    O N N 111 
GLU CB   C N N 112 
GLU CG   C N N 113 
GLU CD   C N N 114 
GLU OE1  O N N 115 
GLU OE2  O N N 116 
GLU OXT  O N N 117 
GLU H    H N N 118 
GLU H2   H N N 119 
GLU HA   H N N 120 
GLU HB2  H N N 121 
GLU HB3  H N N 122 
GLU HG2  H N N 123 
GLU HG3  H N N 124 
GLU HE2  H N N 125 
GLU HXT  H N N 126 
GLY N    N N N 127 
GLY CA   C N N 128 
GLY C    C N N 129 
GLY O    O N N 130 
GLY OXT  O N N 131 
GLY H    H N N 132 
GLY H2   H N N 133 
GLY HA2  H N N 134 
GLY HA3  H N N 135 
GLY HXT  H N N 136 
HIS N    N N N 137 
HIS CA   C N S 138 
HIS C    C N N 139 
HIS O    O N N 140 
HIS CB   C N N 141 
HIS CG   C Y N 142 
HIS ND1  N Y N 143 
HIS CD2  C Y N 144 
HIS CE1  C Y N 145 
HIS NE2  N Y N 146 
HIS OXT  O N N 147 
HIS H    H N N 148 
HIS H2   H N N 149 
HIS HA   H N N 150 
HIS HB2  H N N 151 
HIS HB3  H N N 152 
HIS HD1  H N N 153 
HIS HD2  H N N 154 
HIS HE1  H N N 155 
HIS HE2  H N N 156 
HIS HXT  H N N 157 
ILE N    N N N 158 
ILE CA   C N S 159 
ILE C    C N N 160 
ILE O    O N N 161 
ILE CB   C N S 162 
ILE CG1  C N N 163 
ILE CG2  C N N 164 
ILE CD1  C N N 165 
ILE OXT  O N N 166 
ILE H    H N N 167 
ILE H2   H N N 168 
ILE HA   H N N 169 
ILE HB   H N N 170 
ILE HG12 H N N 171 
ILE HG13 H N N 172 
ILE HG21 H N N 173 
ILE HG22 H N N 174 
ILE HG23 H N N 175 
ILE HD11 H N N 176 
ILE HD12 H N N 177 
ILE HD13 H N N 178 
ILE HXT  H N N 179 
LEU N    N N N 180 
LEU CA   C N S 181 
LEU C    C N N 182 
LEU O    O N N 183 
LEU CB   C N N 184 
LEU CG   C N N 185 
LEU CD1  C N N 186 
LEU CD2  C N N 187 
LEU OXT  O N N 188 
LEU H    H N N 189 
LEU H2   H N N 190 
LEU HA   H N N 191 
LEU HB2  H N N 192 
LEU HB3  H N N 193 
LEU HG   H N N 194 
LEU HD11 H N N 195 
LEU HD12 H N N 196 
LEU HD13 H N N 197 
LEU HD21 H N N 198 
LEU HD22 H N N 199 
LEU HD23 H N N 200 
LEU HXT  H N N 201 
LYS N    N N N 202 
LYS CA   C N S 203 
LYS C    C N N 204 
LYS O    O N N 205 
LYS CB   C N N 206 
LYS CG   C N N 207 
LYS CD   C N N 208 
LYS CE   C N N 209 
LYS NZ   N N N 210 
LYS OXT  O N N 211 
LYS H    H N N 212 
LYS H2   H N N 213 
LYS HA   H N N 214 
LYS HB2  H N N 215 
LYS HB3  H N N 216 
LYS HG2  H N N 217 
LYS HG3  H N N 218 
LYS HD2  H N N 219 
LYS HD3  H N N 220 
LYS HE2  H N N 221 
LYS HE3  H N N 222 
LYS HZ1  H N N 223 
LYS HZ2  H N N 224 
LYS HZ3  H N N 225 
LYS HXT  H N N 226 
MET N    N N N 227 
MET CA   C N S 228 
MET C    C N N 229 
MET O    O N N 230 
MET CB   C N N 231 
MET CG   C N N 232 
MET SD   S N N 233 
MET CE   C N N 234 
MET OXT  O N N 235 
MET H    H N N 236 
MET H2   H N N 237 
MET HA   H N N 238 
MET HB2  H N N 239 
MET HB3  H N N 240 
MET HG2  H N N 241 
MET HG3  H N N 242 
MET HE1  H N N 243 
MET HE2  H N N 244 
MET HE3  H N N 245 
MET HXT  H N N 246 
PHE N    N N N 247 
PHE CA   C N S 248 
PHE C    C N N 249 
PHE O    O N N 250 
PHE CB   C N N 251 
PHE CG   C Y N 252 
PHE CD1  C Y N 253 
PHE CD2  C Y N 254 
PHE CE1  C Y N 255 
PHE CE2  C Y N 256 
PHE CZ   C Y N 257 
PHE OXT  O N N 258 
PHE H    H N N 259 
PHE H2   H N N 260 
PHE HA   H N N 261 
PHE HB2  H N N 262 
PHE HB3  H N N 263 
PHE HD1  H N N 264 
PHE HD2  H N N 265 
PHE HE1  H N N 266 
PHE HE2  H N N 267 
PHE HZ   H N N 268 
PHE HXT  H N N 269 
PRO N    N N N 270 
PRO CA   C N S 271 
PRO C    C N N 272 
PRO O    O N N 273 
PRO CB   C N N 274 
PRO CG   C N N 275 
PRO CD   C N N 276 
PRO OXT  O N N 277 
PRO H    H N N 278 
PRO HA   H N N 279 
PRO HB2  H N N 280 
PRO HB3  H N N 281 
PRO HG2  H N N 282 
PRO HG3  H N N 283 
PRO HD2  H N N 284 
PRO HD3  H N N 285 
PRO HXT  H N N 286 
SER N    N N N 287 
SER CA   C N S 288 
SER C    C N N 289 
SER O    O N N 290 
SER CB   C N N 291 
SER OG   O N N 292 
SER OXT  O N N 293 
SER H    H N N 294 
SER H2   H N N 295 
SER HA   H N N 296 
SER HB2  H N N 297 
SER HB3  H N N 298 
SER HG   H N N 299 
SER HXT  H N N 300 
THR N    N N N 301 
THR CA   C N S 302 
THR C    C N N 303 
THR O    O N N 304 
THR CB   C N R 305 
THR OG1  O N N 306 
THR CG2  C N N 307 
THR OXT  O N N 308 
THR H    H N N 309 
THR H2   H N N 310 
THR HA   H N N 311 
THR HB   H N N 312 
THR HG1  H N N 313 
THR HG21 H N N 314 
THR HG22 H N N 315 
THR HG23 H N N 316 
THR HXT  H N N 317 
TRP N    N N N 318 
TRP CA   C N S 319 
TRP C    C N N 320 
TRP O    O N N 321 
TRP CB   C N N 322 
TRP CG   C Y N 323 
TRP CD1  C Y N 324 
TRP CD2  C Y N 325 
TRP NE1  N Y N 326 
TRP CE2  C Y N 327 
TRP CE3  C Y N 328 
TRP CZ2  C Y N 329 
TRP CZ3  C Y N 330 
TRP CH2  C Y N 331 
TRP OXT  O N N 332 
TRP H    H N N 333 
TRP H2   H N N 334 
TRP HA   H N N 335 
TRP HB2  H N N 336 
TRP HB3  H N N 337 
TRP HD1  H N N 338 
TRP HE1  H N N 339 
TRP HE3  H N N 340 
TRP HZ2  H N N 341 
TRP HZ3  H N N 342 
TRP HH2  H N N 343 
TRP HXT  H N N 344 
TYR N    N N N 345 
TYR CA   C N S 346 
TYR C    C N N 347 
TYR O    O N N 348 
TYR CB   C N N 349 
TYR CG   C Y N 350 
TYR CD1  C Y N 351 
TYR CD2  C Y N 352 
TYR CE1  C Y N 353 
TYR CE2  C Y N 354 
TYR CZ   C Y N 355 
TYR OH   O N N 356 
TYR OXT  O N N 357 
TYR H    H N N 358 
TYR H2   H N N 359 
TYR HA   H N N 360 
TYR HB2  H N N 361 
TYR HB3  H N N 362 
TYR HD1  H N N 363 
TYR HD2  H N N 364 
TYR HE1  H N N 365 
TYR HE2  H N N 366 
TYR HH   H N N 367 
TYR HXT  H N N 368 
VAL N    N N N 369 
VAL CA   C N S 370 
VAL C    C N N 371 
VAL O    O N N 372 
VAL CB   C N N 373 
VAL CG1  C N N 374 
VAL CG2  C N N 375 
VAL OXT  O N N 376 
VAL H    H N N 377 
VAL H2   H N N 378 
VAL HA   H N N 379 
VAL HB   H N N 380 
VAL HG11 H N N 381 
VAL HG12 H N N 382 
VAL HG13 H N N 383 
VAL HG21 H N N 384 
VAL HG22 H N N 385 
VAL HG23 H N N 386 
VAL HXT  H N N 387 
# 
loop_
_chem_comp_bond.comp_id 
_chem_comp_bond.atom_id_1 
_chem_comp_bond.atom_id_2 
_chem_comp_bond.value_order 
_chem_comp_bond.pdbx_aromatic_flag 
_chem_comp_bond.pdbx_stereo_config 
_chem_comp_bond.pdbx_ordinal 
ALA N   CA   sing N N 1   
ALA N   H    sing N N 2   
ALA N   H2   sing N N 3   
ALA CA  C    sing N N 4   
ALA CA  CB   sing N N 5   
ALA CA  HA   sing N N 6   
ALA C   O    doub N N 7   
ALA C   OXT  sing N N 8   
ALA CB  HB1  sing N N 9   
ALA CB  HB2  sing N N 10  
ALA CB  HB3  sing N N 11  
ALA OXT HXT  sing N N 12  
ARG N   CA   sing N N 13  
ARG N   H    sing N N 14  
ARG N   H2   sing N N 15  
ARG CA  C    sing N N 16  
ARG CA  CB   sing N N 17  
ARG CA  HA   sing N N 18  
ARG C   O    doub N N 19  
ARG C   OXT  sing N N 20  
ARG CB  CG   sing N N 21  
ARG CB  HB2  sing N N 22  
ARG CB  HB3  sing N N 23  
ARG CG  CD   sing N N 24  
ARG CG  HG2  sing N N 25  
ARG CG  HG3  sing N N 26  
ARG CD  NE   sing N N 27  
ARG CD  HD2  sing N N 28  
ARG CD  HD3  sing N N 29  
ARG NE  CZ   sing N N 30  
ARG NE  HE   sing N N 31  
ARG CZ  NH1  sing N N 32  
ARG CZ  NH2  doub N N 33  
ARG NH1 HH11 sing N N 34  
ARG NH1 HH12 sing N N 35  
ARG NH2 HH21 sing N N 36  
ARG NH2 HH22 sing N N 37  
ARG OXT HXT  sing N N 38  
ASN N   CA   sing N N 39  
ASN N   H    sing N N 40  
ASN N   H2   sing N N 41  
ASN CA  C    sing N N 42  
ASN CA  CB   sing N N 43  
ASN CA  HA   sing N N 44  
ASN C   O    doub N N 45  
ASN C   OXT  sing N N 46  
ASN CB  CG   sing N N 47  
ASN CB  HB2  sing N N 48  
ASN CB  HB3  sing N N 49  
ASN CG  OD1  doub N N 50  
ASN CG  ND2  sing N N 51  
ASN ND2 HD21 sing N N 52  
ASN ND2 HD22 sing N N 53  
ASN OXT HXT  sing N N 54  
ASP N   CA   sing N N 55  
ASP N   H    sing N N 56  
ASP N   H2   sing N N 57  
ASP CA  C    sing N N 58  
ASP CA  CB   sing N N 59  
ASP CA  HA   sing N N 60  
ASP C   O    doub N N 61  
ASP C   OXT  sing N N 62  
ASP CB  CG   sing N N 63  
ASP CB  HB2  sing N N 64  
ASP CB  HB3  sing N N 65  
ASP CG  OD1  doub N N 66  
ASP CG  OD2  sing N N 67  
ASP OD2 HD2  sing N N 68  
ASP OXT HXT  sing N N 69  
CYS N   CA   sing N N 70  
CYS N   H    sing N N 71  
CYS N   H2   sing N N 72  
CYS CA  C    sing N N 73  
CYS CA  CB   sing N N 74  
CYS CA  HA   sing N N 75  
CYS C   O    doub N N 76  
CYS C   OXT  sing N N 77  
CYS CB  SG   sing N N 78  
CYS CB  HB2  sing N N 79  
CYS CB  HB3  sing N N 80  
CYS SG  HG   sing N N 81  
CYS OXT HXT  sing N N 82  
GLN N   CA   sing N N 83  
GLN N   H    sing N N 84  
GLN N   H2   sing N N 85  
GLN CA  C    sing N N 86  
GLN CA  CB   sing N N 87  
GLN CA  HA   sing N N 88  
GLN C   O    doub N N 89  
GLN C   OXT  sing N N 90  
GLN CB  CG   sing N N 91  
GLN CB  HB2  sing N N 92  
GLN CB  HB3  sing N N 93  
GLN CG  CD   sing N N 94  
GLN CG  HG2  sing N N 95  
GLN CG  HG3  sing N N 96  
GLN CD  OE1  doub N N 97  
GLN CD  NE2  sing N N 98  
GLN NE2 HE21 sing N N 99  
GLN NE2 HE22 sing N N 100 
GLN OXT HXT  sing N N 101 
GLU N   CA   sing N N 102 
GLU N   H    sing N N 103 
GLU N   H2   sing N N 104 
GLU CA  C    sing N N 105 
GLU CA  CB   sing N N 106 
GLU CA  HA   sing N N 107 
GLU C   O    doub N N 108 
GLU C   OXT  sing N N 109 
GLU CB  CG   sing N N 110 
GLU CB  HB2  sing N N 111 
GLU CB  HB3  sing N N 112 
GLU CG  CD   sing N N 113 
GLU CG  HG2  sing N N 114 
GLU CG  HG3  sing N N 115 
GLU CD  OE1  doub N N 116 
GLU CD  OE2  sing N N 117 
GLU OE2 HE2  sing N N 118 
GLU OXT HXT  sing N N 119 
GLY N   CA   sing N N 120 
GLY N   H    sing N N 121 
GLY N   H2   sing N N 122 
GLY CA  C    sing N N 123 
GLY CA  HA2  sing N N 124 
GLY CA  HA3  sing N N 125 
GLY C   O    doub N N 126 
GLY C   OXT  sing N N 127 
GLY OXT HXT  sing N N 128 
HIS N   CA   sing N N 129 
HIS N   H    sing N N 130 
HIS N   H2   sing N N 131 
HIS CA  C    sing N N 132 
HIS CA  CB   sing N N 133 
HIS CA  HA   sing N N 134 
HIS C   O    doub N N 135 
HIS C   OXT  sing N N 136 
HIS CB  CG   sing N N 137 
HIS CB  HB2  sing N N 138 
HIS CB  HB3  sing N N 139 
HIS CG  ND1  sing Y N 140 
HIS CG  CD2  doub Y N 141 
HIS ND1 CE1  doub Y N 142 
HIS ND1 HD1  sing N N 143 
HIS CD2 NE2  sing Y N 144 
HIS CD2 HD2  sing N N 145 
HIS CE1 NE2  sing Y N 146 
HIS CE1 HE1  sing N N 147 
HIS NE2 HE2  sing N N 148 
HIS OXT HXT  sing N N 149 
ILE N   CA   sing N N 150 
ILE N   H    sing N N 151 
ILE N   H2   sing N N 152 
ILE CA  C    sing N N 153 
ILE CA  CB   sing N N 154 
ILE CA  HA   sing N N 155 
ILE C   O    doub N N 156 
ILE C   OXT  sing N N 157 
ILE CB  CG1  sing N N 158 
ILE CB  CG2  sing N N 159 
ILE CB  HB   sing N N 160 
ILE CG1 CD1  sing N N 161 
ILE CG1 HG12 sing N N 162 
ILE CG1 HG13 sing N N 163 
ILE CG2 HG21 sing N N 164 
ILE CG2 HG22 sing N N 165 
ILE CG2 HG23 sing N N 166 
ILE CD1 HD11 sing N N 167 
ILE CD1 HD12 sing N N 168 
ILE CD1 HD13 sing N N 169 
ILE OXT HXT  sing N N 170 
LEU N   CA   sing N N 171 
LEU N   H    sing N N 172 
LEU N   H2   sing N N 173 
LEU CA  C    sing N N 174 
LEU CA  CB   sing N N 175 
LEU CA  HA   sing N N 176 
LEU C   O    doub N N 177 
LEU C   OXT  sing N N 178 
LEU CB  CG   sing N N 179 
LEU CB  HB2  sing N N 180 
LEU CB  HB3  sing N N 181 
LEU CG  CD1  sing N N 182 
LEU CG  CD2  sing N N 183 
LEU CG  HG   sing N N 184 
LEU CD1 HD11 sing N N 185 
LEU CD1 HD12 sing N N 186 
LEU CD1 HD13 sing N N 187 
LEU CD2 HD21 sing N N 188 
LEU CD2 HD22 sing N N 189 
LEU CD2 HD23 sing N N 190 
LEU OXT HXT  sing N N 191 
LYS N   CA   sing N N 192 
LYS N   H    sing N N 193 
LYS N   H2   sing N N 194 
LYS CA  C    sing N N 195 
LYS CA  CB   sing N N 196 
LYS CA  HA   sing N N 197 
LYS C   O    doub N N 198 
LYS C   OXT  sing N N 199 
LYS CB  CG   sing N N 200 
LYS CB  HB2  sing N N 201 
LYS CB  HB3  sing N N 202 
LYS CG  CD   sing N N 203 
LYS CG  HG2  sing N N 204 
LYS CG  HG3  sing N N 205 
LYS CD  CE   sing N N 206 
LYS CD  HD2  sing N N 207 
LYS CD  HD3  sing N N 208 
LYS CE  NZ   sing N N 209 
LYS CE  HE2  sing N N 210 
LYS CE  HE3  sing N N 211 
LYS NZ  HZ1  sing N N 212 
LYS NZ  HZ2  sing N N 213 
LYS NZ  HZ3  sing N N 214 
LYS OXT HXT  sing N N 215 
MET N   CA   sing N N 216 
MET N   H    sing N N 217 
MET N   H2   sing N N 218 
MET CA  C    sing N N 219 
MET CA  CB   sing N N 220 
MET CA  HA   sing N N 221 
MET C   O    doub N N 222 
MET C   OXT  sing N N 223 
MET CB  CG   sing N N 224 
MET CB  HB2  sing N N 225 
MET CB  HB3  sing N N 226 
MET CG  SD   sing N N 227 
MET CG  HG2  sing N N 228 
MET CG  HG3  sing N N 229 
MET SD  CE   sing N N 230 
MET CE  HE1  sing N N 231 
MET CE  HE2  sing N N 232 
MET CE  HE3  sing N N 233 
MET OXT HXT  sing N N 234 
PHE N   CA   sing N N 235 
PHE N   H    sing N N 236 
PHE N   H2   sing N N 237 
PHE CA  C    sing N N 238 
PHE CA  CB   sing N N 239 
PHE CA  HA   sing N N 240 
PHE C   O    doub N N 241 
PHE C   OXT  sing N N 242 
PHE CB  CG   sing N N 243 
PHE CB  HB2  sing N N 244 
PHE CB  HB3  sing N N 245 
PHE CG  CD1  doub Y N 246 
PHE CG  CD2  sing Y N 247 
PHE CD1 CE1  sing Y N 248 
PHE CD1 HD1  sing N N 249 
PHE CD2 CE2  doub Y N 250 
PHE CD2 HD2  sing N N 251 
PHE CE1 CZ   doub Y N 252 
PHE CE1 HE1  sing N N 253 
PHE CE2 CZ   sing Y N 254 
PHE CE2 HE2  sing N N 255 
PHE CZ  HZ   sing N N 256 
PHE OXT HXT  sing N N 257 
PRO N   CA   sing N N 258 
PRO N   CD   sing N N 259 
PRO N   H    sing N N 260 
PRO CA  C    sing N N 261 
PRO CA  CB   sing N N 262 
PRO CA  HA   sing N N 263 
PRO C   O    doub N N 264 
PRO C   OXT  sing N N 265 
PRO CB  CG   sing N N 266 
PRO CB  HB2  sing N N 267 
PRO CB  HB3  sing N N 268 
PRO CG  CD   sing N N 269 
PRO CG  HG2  sing N N 270 
PRO CG  HG3  sing N N 271 
PRO CD  HD2  sing N N 272 
PRO CD  HD3  sing N N 273 
PRO OXT HXT  sing N N 274 
SER N   CA   sing N N 275 
SER N   H    sing N N 276 
SER N   H2   sing N N 277 
SER CA  C    sing N N 278 
SER CA  CB   sing N N 279 
SER CA  HA   sing N N 280 
SER C   O    doub N N 281 
SER C   OXT  sing N N 282 
SER CB  OG   sing N N 283 
SER CB  HB2  sing N N 284 
SER CB  HB3  sing N N 285 
SER OG  HG   sing N N 286 
SER OXT HXT  sing N N 287 
THR N   CA   sing N N 288 
THR N   H    sing N N 289 
THR N   H2   sing N N 290 
THR CA  C    sing N N 291 
THR CA  CB   sing N N 292 
THR CA  HA   sing N N 293 
THR C   O    doub N N 294 
THR C   OXT  sing N N 295 
THR CB  OG1  sing N N 296 
THR CB  CG2  sing N N 297 
THR CB  HB   sing N N 298 
THR OG1 HG1  sing N N 299 
THR CG2 HG21 sing N N 300 
THR CG2 HG22 sing N N 301 
THR CG2 HG23 sing N N 302 
THR OXT HXT  sing N N 303 
TRP N   CA   sing N N 304 
TRP N   H    sing N N 305 
TRP N   H2   sing N N 306 
TRP CA  C    sing N N 307 
TRP CA  CB   sing N N 308 
TRP CA  HA   sing N N 309 
TRP C   O    doub N N 310 
TRP C   OXT  sing N N 311 
TRP CB  CG   sing N N 312 
TRP CB  HB2  sing N N 313 
TRP CB  HB3  sing N N 314 
TRP CG  CD1  doub Y N 315 
TRP CG  CD2  sing Y N 316 
TRP CD1 NE1  sing Y N 317 
TRP CD1 HD1  sing N N 318 
TRP CD2 CE2  doub Y N 319 
TRP CD2 CE3  sing Y N 320 
TRP NE1 CE2  sing Y N 321 
TRP NE1 HE1  sing N N 322 
TRP CE2 CZ2  sing Y N 323 
TRP CE3 CZ3  doub Y N 324 
TRP CE3 HE3  sing N N 325 
TRP CZ2 CH2  doub Y N 326 
TRP CZ2 HZ2  sing N N 327 
TRP CZ3 CH2  sing Y N 328 
TRP CZ3 HZ3  sing N N 329 
TRP CH2 HH2  sing N N 330 
TRP OXT HXT  sing N N 331 
TYR N   CA   sing N N 332 
TYR N   H    sing N N 333 
TYR N   H2   sing N N 334 
TYR CA  C    sing N N 335 
TYR CA  CB   sing N N 336 
TYR CA  HA   sing N N 337 
TYR C   O    doub N N 338 
TYR C   OXT  sing N N 339 
TYR CB  CG   sing N N 340 
TYR CB  HB2  sing N N 341 
TYR CB  HB3  sing N N 342 
TYR CG  CD1  doub Y N 343 
TYR CG  CD2  sing Y N 344 
TYR CD1 CE1  sing Y N 345 
TYR CD1 HD1  sing N N 346 
TYR CD2 CE2  doub Y N 347 
TYR CD2 HD2  sing N N 348 
TYR CE1 CZ   doub Y N 349 
TYR CE1 HE1  sing N N 350 
TYR CE2 CZ   sing Y N 351 
TYR CE2 HE2  sing N N 352 
TYR CZ  OH   sing N N 353 
TYR OH  HH   sing N N 354 
TYR OXT HXT  sing N N 355 
VAL N   CA   sing N N 356 
VAL N   H    sing N N 357 
VAL N   H2   sing N N 358 
VAL CA  C    sing N N 359 
VAL CA  CB   sing N N 360 
VAL CA  HA   sing N N 361 
VAL C   O    doub N N 362 
VAL C   OXT  sing N N 363 
VAL CB  CG1  sing N N 364 
VAL CB  CG2  sing N N 365 
VAL CB  HB   sing N N 366 
VAL CG1 HG11 sing N N 367 
VAL CG1 HG12 sing N N 368 
VAL CG1 HG13 sing N N 369 
VAL CG2 HG21 sing N N 370 
VAL CG2 HG22 sing N N 371 
VAL CG2 HG23 sing N N 372 
VAL OXT HXT  sing N N 373 
# 
_pdbx_audit_support.funding_organization   'Israel Science Foundation' 
_pdbx_audit_support.country                Israel 
_pdbx_audit_support.grant_number           500/10 
_pdbx_audit_support.ordinal                1 
# 
_pdbx_initial_refinement_model.id               1 
_pdbx_initial_refinement_model.entity_id_list   ? 
_pdbx_initial_refinement_model.type             'experimental model' 
_pdbx_initial_refinement_model.source_name      PDB 
_pdbx_initial_refinement_model.accession_code   2FXA 
_pdbx_initial_refinement_model.details          ? 
# 
_space_group.name_H-M_alt     'I 41 2 2' 
_space_group.name_Hall        'I 4bw 2bw' 
_space_group.IT_number        98 
_space_group.crystal_system   tetragonal 
_space_group.id               1 
# 
_atom_sites.entry_id                    9FA0 
_atom_sites.Cartn_transf_matrix[1][1]   ? 
_atom_sites.Cartn_transf_matrix[1][2]   ? 
_atom_sites.Cartn_transf_matrix[1][3]   ? 
_atom_sites.Cartn_transf_matrix[2][1]   ? 
_atom_sites.Cartn_transf_matrix[2][2]   ? 
_atom_sites.Cartn_transf_matrix[2][3]   ? 
_atom_sites.Cartn_transf_matrix[3][1]   ? 
_atom_sites.Cartn_transf_matrix[3][2]   ? 
_atom_sites.Cartn_transf_matrix[3][3]   ? 
_atom_sites.Cartn_transf_vector[1]      ? 
_atom_sites.Cartn_transf_vector[2]      ? 
_atom_sites.Cartn_transf_vector[3]      ? 
_atom_sites.Cartn_transform_axes        ? 
_atom_sites.fract_transf_matrix[1][1]   -0.00460462 
_atom_sites.fract_transf_matrix[1][2]   0.00749298 
_atom_sites.fract_transf_matrix[1][3]   -0.00574706 
_atom_sites.fract_transf_matrix[2][1]   -0.00193564 
_atom_sites.fract_transf_matrix[2][2]   0.00550921 
_atom_sites.fract_transf_matrix[2][3]   0.00873373 
_atom_sites.fract_transf_matrix[3][1]   0.00563920 
_atom_sites.fract_transf_matrix[3][2]   0.00298151 
_atom_sites.fract_transf_matrix[3][3]   -0.00063092 
_atom_sites.fract_transf_vector[1]      0.588692 
_atom_sites.fract_transf_vector[2]      -0.087023 
_atom_sites.fract_transf_vector[3]      0.384485 
_atom_sites.solution_primary            ? 
_atom_sites.solution_secondary          ? 
_atom_sites.solution_hydrogens          ? 
_atom_sites.special_details             ? 
# 
loop_
_atom_type.symbol 
_atom_type.scat_dispersion_real 
_atom_type.scat_dispersion_imag 
_atom_type.scat_Cromer_Mann_a1 
_atom_type.scat_Cromer_Mann_a2 
_atom_type.scat_Cromer_Mann_a3 
_atom_type.scat_Cromer_Mann_a4 
_atom_type.scat_Cromer_Mann_b1 
_atom_type.scat_Cromer_Mann_b2 
_atom_type.scat_Cromer_Mann_b3 
_atom_type.scat_Cromer_Mann_b4 
_atom_type.scat_Cromer_Mann_c 
_atom_type.scat_source 
_atom_type.scat_dispersion_source 
C ? ? 3.54356 2.42580 ? ? 25.62398 1.50364  ? ? 0.0 
;2-Gaussian fit: Grosse-Kunstleve RW, Sauter NK, Adams PD: Newsletter of the IUCr Commission on Crystallographic Computing 2004, 3, 22-31.
;
? 
N ? ? 6.96715 ?       ? ? 11.43723 ?        ? ? 0.0 
;1-Gaussian fit: Grosse-Kunstleve RW, Sauter NK, Adams PD: Newsletter of the IUCr Commission on Crystallographic Computing 2004, 3, 22-31.
;
? 
O ? ? 7.96527 ?       ? ? 9.05267  ?        ? ? 0.0 
;1-Gaussian fit: Grosse-Kunstleve RW, Sauter NK, Adams PD: Newsletter of the IUCr Commission on Crystallographic Computing 2004, 3, 22-31.
;
? 
S ? ? 9.55732 6.39887 ? ? 1.23737  29.19336 ? ? 0.0 
;2-Gaussian fit: Grosse-Kunstleve RW, Sauter NK, Adams PD: Newsletter of the IUCr Commission on Crystallographic Computing 2004, 3, 22-31.
;
? 
# 
loop_
_atom_site.group_PDB 
_atom_site.id 
_atom_site.type_symbol 
_atom_site.label_atom_id 
_atom_site.label_alt_id 
_atom_site.label_comp_id 
_atom_site.label_asym_id 
_atom_site.label_entity_id 
_atom_site.label_seq_id 
_atom_site.pdbx_PDB_ins_code 
_atom_site.Cartn_x 
_atom_site.Cartn_y 
_atom_site.Cartn_z 
_atom_site.occupancy 
_atom_site.B_iso_or_equiv 
_atom_site.pdbx_formal_charge 
_atom_site.auth_seq_id 
_atom_site.auth_comp_id 
_atom_site.auth_asym_id 
_atom_site.auth_atom_id 
_atom_site.pdbx_PDB_model_num 
ATOM 1    N N   . GLN A 1 6   ? -16.17097 8.55154   30.10331  1.000 128.69790 ? 6   GLN B N   1 
ATOM 2    C CA  . GLN A 1 6   ? -16.13044 7.32078   30.89129  1.000 131.89562 ? 6   GLN B CA  1 
ATOM 3    C C   . GLN A 1 6   ? -16.98106 6.20255   30.24365  1.000 137.19773 ? 6   GLN B C   1 
ATOM 4    O O   . GLN A 1 6   ? -16.75067 5.86524   29.08813  1.000 140.54210 ? 6   GLN B O   1 
ATOM 5    C CB  . GLN A 1 6   ? -16.59182 7.59951   32.32041  1.000 139.11199 ? 6   GLN B CB  1 
ATOM 6    C CG  . GLN A 1 6   ? -15.63004 7.11465   33.40297  1.000 140.16790 ? 6   GLN B CG  1 
ATOM 7    C CD  . GLN A 1 6   ? -15.72495 5.61479   33.67469  1.000 137.08790 ? 6   GLN B CD  1 
ATOM 8    O OE1 . GLN A 1 6   ? -16.70090 4.95863   33.29628  1.000 136.03358 ? 6   GLN B OE1 1 
ATOM 9    N NE2 . GLN A 1 6   ? -14.72334 5.07564   34.37181  1.000 128.26829 ? 6   GLN B NE2 1 
ATOM 10   N N   . HIS A 1 7   ? -17.96095 5.64660   30.97639  1.000 136.83976 ? 7   HIS B N   1 
ATOM 11   C CA  . HIS A 1 7   ? -18.69066 4.41480   30.61715  1.000 134.28520 ? 7   HIS B CA  1 
ATOM 12   C C   . HIS A 1 7   ? -17.77708 3.30760   30.06780  1.000 128.78655 ? 7   HIS B C   1 
ATOM 13   O O   . HIS A 1 7   ? -18.20513 2.49539   29.24406  1.000 128.17252 ? 7   HIS B O   1 
ATOM 14   C CB  . HIS A 1 7   ? -19.87210 4.67060   29.65232  1.000 131.78918 ? 7   HIS B CB  1 
ATOM 15   C CG  . HIS A 1 7   ? -19.65603 5.79333   28.68091  1.000 135.64842 ? 7   HIS B CG  1 
ATOM 16   N ND1 . HIS A 1 7   ? -19.15445 5.60544   27.41254  1.000 137.58826 ? 7   HIS B ND1 1 
ATOM 17   C CD2 . HIS A 1 7   ? -19.94646 7.11258   28.77590  1.000 138.97771 ? 7   HIS B CD2 1 
ATOM 18   C CE1 . HIS A 1 7   ? -19.09786 6.76778   26.78418  1.000 139.15771 ? 7   HIS B CE1 1 
ATOM 19   N NE2 . HIS A 1 7   ? -19.57991 7.69677   27.58708  1.000 139.70771 ? 7   HIS B NE2 1 
ATOM 20   N N   . TYR A 1 8   ? -16.53082 3.26020   30.54183  1.000 122.64237 ? 8   TYR B N   1 
ATOM 21   C CA  . TYR A 1 8   ? -15.59828 2.14276   30.41061  1.000 116.04289 ? 8   TYR B CA  1 
ATOM 22   C C   . TYR A 1 8   ? -14.60945 2.23712   31.56514  1.000 117.64487 ? 8   TYR B C   1 
ATOM 23   O O   . TYR A 1 8   ? -14.44081 3.30514   32.16232  1.000 125.27955 ? 8   TYR B O   1 
ATOM 24   C CB  . TYR A 1 8   ? -14.86458 2.15272   29.05914  1.000 114.73207 ? 8   TYR B CB  1 
ATOM 25   C CG  . TYR A 1 8   ? -14.15706 3.44266   28.68626  1.000 106.30771 ? 8   TYR B CG  1 
ATOM 26   C CD1 . TYR A 1 8   ? -13.08957 3.94242   29.42525  1.000 110.03814 ? 8   TYR B CD1 1 
ATOM 27   C CD2 . TYR A 1 8   ? -14.59797 4.18287   27.60507  1.000 103.97074 ? 8   TYR B CD2 1 
ATOM 28   C CE1 . TYR A 1 8   ? -12.46765 5.14166   29.06686  1.000 113.81987 ? 8   TYR B CE1 1 
ATOM 29   C CE2 . TYR A 1 8   ? -13.99235 5.37183   27.24343  1.000 104.23008 ? 8   TYR B CE2 1 
ATOM 30   C CZ  . TYR A 1 8   ? -12.93133 5.85493   27.97061  1.000 105.96918 ? 8   TYR B CZ  1 
ATOM 31   O OH  . TYR A 1 8   ? -12.35162 7.04681   27.58159  1.000 90.37238  ? 8   TYR B OH  1 
ATOM 32   N N   . SER A 1 9   ? -13.95242 1.11910   31.87732  1.000 111.39267 ? 9   SER B N   1 
ATOM 33   C CA  . SER A 1 9   ? -12.90447 1.14745   32.89061  1.000 108.33452 ? 9   SER B CA  1 
ATOM 34   C C   . SER A 1 9   ? -11.59475 1.69805   32.35007  1.000 105.76402 ? 9   SER B C   1 
ATOM 35   O O   . SER A 1 9   ? -11.29731 1.60296   31.15897  1.000 111.37240 ? 9   SER B O   1 
ATOM 36   C CB  . SER A 1 9   ? -12.62595 -0.24060  33.44228  1.000 108.23331 ? 9   SER B CB  1 
ATOM 37   O OG  . SER A 1 9   ? -11.42987 -0.19244  34.20955  1.000 111.37219 ? 9   SER B OG  1 
ATOM 38   N N   . ILE A 1 10  ? -10.78810 2.24686   33.25602  1.000 105.05265 ? 10  ILE B N   1 
ATOM 39   C CA  . ILE A 1 10  ? -9.45439  2.69991   32.87342  1.000 104.65579 ? 10  ILE B CA  1 
ATOM 40   C C   . ILE A 1 10  ? -8.57808  1.49994   32.51981  1.000 104.14222 ? 10  ILE B C   1 
ATOM 41   O O   . ILE A 1 10  ? -7.90693  1.46520   31.47170  1.000 103.52818 ? 10  ILE B O   1 
ATOM 42   C CB  . ILE A 1 10  ? -8.82162  3.54863   33.99680  1.000 107.61612 ? 10  ILE B CB  1 
ATOM 43   C CG1 . ILE A 1 10  ? -9.81586  4.53664   34.63747  1.000 119.63953 ? 10  ILE B CG1 1 
ATOM 44   C CG2 . ILE A 1 10  ? -7.65441  4.32993   33.44440  1.000 100.89567 ? 10  ILE B CG2 1 
ATOM 45   C CD1 . ILE A 1 10  ? -10.71767 4.00839   35.76574  1.000 116.65999 ? 10  ILE B CD1 1 
ATOM 46   N N   . LYS A 1 11  ? -8.56830  0.50157   33.40099  1.000 105.11994 ? 11  LYS B N   1 
ATOM 47   C CA  . LYS A 1 11  ? -7.91588  -0.77355  33.12080  1.000 101.29824 ? 11  LYS B CA  1 
ATOM 48   C C   . LYS A 1 11  ? -8.21197  -1.25069  31.70791  1.000 97.82042  ? 11  LYS B C   1 
ATOM 49   O O   . LYS A 1 11  ? -7.28967  -1.52661  30.93260  1.000 96.36281  ? 11  LYS B O   1 
ATOM 50   C CB  . LYS A 1 11  ? -8.40185  -1.81602  34.13061  1.000 104.47188 ? 11  LYS B CB  1 
ATOM 51   C CG  . LYS A 1 11  ? -7.72197  -1.78805  35.47753  1.000 106.28830 ? 11  LYS B CG  1 
ATOM 52   C CD  . LYS A 1 11  ? -8.29689  -2.89049  36.35207  1.000 112.08983 ? 11  LYS B CD  1 
ATOM 53   C CE  . LYS A 1 11  ? -7.44662  -3.15606  37.58904  1.000 116.90555 ? 11  LYS B CE  1 
ATOM 54   N NZ  . LYS A 1 11  ? -8.05471  -4.23372  38.42728  1.000 112.45623 ? 11  LYS B NZ  1 
ATOM 55   N N   . GLU A 1 12  ? -9.49870  -1.38627  31.38149  1.000 98.89810  ? 12  GLU B N   1 
ATOM 56   C CA  . GLU A 1 12  ? -9.90663  -1.85648  30.06861  1.000 95.27200  ? 12  GLU B CA  1 
ATOM 57   C C   . GLU A 1 12  ? -9.14853  -1.11120  28.99431  1.000 93.57960  ? 12  GLU B C   1 
ATOM 58   O O   . GLU A 1 12  ? -8.63470  -1.71600  28.04087  1.000 95.65224  ? 12  GLU B O   1 
ATOM 59   C CB  . GLU A 1 12  ? -11.40796 -1.63172  29.89764  1.000 102.57818 ? 12  GLU B CB  1 
ATOM 60   C CG  . GLU A 1 12  ? -12.31134 -2.59611  30.64785  1.000 108.62449 ? 12  GLU B CG  1 
ATOM 61   C CD  . GLU A 1 12  ? -13.79958 -2.25529  30.48819  1.000 126.32413 ? 12  GLU B CD  1 
ATOM 62   O OE1 . GLU A 1 12  ? -14.14269 -1.42339  29.60749  1.000 123.06005 ? 12  GLU B OE1 1 
ATOM 63   O OE2 . GLU A 1 12  ? -14.62092 -2.81042  31.25844  1.000 134.10776 ? 12  GLU B OE2 1 
ATOM 64   N N   . ALA A 1 13  ? -9.05636  0.20952   29.15068  1.000 86.00964  ? 13  ALA B N   1 
ATOM 65   C CA  . ALA A 1 13  ? -8.41180  1.02282   28.13969  1.000 85.35849  ? 13  ALA B CA  1 
ATOM 66   C C   . ALA A 1 13  ? -6.95846  0.62719   27.99061  1.000 88.18388  ? 13  ALA B C   1 
ATOM 67   O O   . ALA A 1 13  ? -6.46265  0.47361   26.87091  1.000 87.50857  ? 13  ALA B O   1 
ATOM 68   C CB  . ALA A 1 13  ? -8.54090  2.49530   28.50181  1.000 92.38351  ? 13  ALA B CB  1 
ATOM 69   N N   . MET A 1 14  ? -6.26922  0.41829   29.11800  1.000 94.18430  ? 14  MET B N   1 
ATOM 70   C CA  . MET A 1 14  ? -4.85736  0.02920   29.06033  1.000 89.31304  ? 14  MET B CA  1 
ATOM 71   C C   . MET A 1 14  ? -4.67877  -1.32980  28.40719  1.000 85.05649  ? 14  MET B C   1 
ATOM 72   O O   . MET A 1 14  ? -3.76114  -1.53470  27.59579  1.000 86.10863  ? 14  MET B O   1 
ATOM 73   C CB  . MET A 1 14  ? -4.24017  0.04433   30.45839  1.000 84.69435  ? 14  MET B CB  1 
ATOM 74   C CG  . MET A 1 14  ? -2.73457  -0.01655  30.41129  1.000 87.04563  ? 14  MET B CG  1 
ATOM 75   S SD  . MET A 1 14  ? -2.08316  1.17644   29.23112  1.000 102.48336 ? 14  MET B SD  1 
ATOM 76   C CE  . MET A 1 14  ? -0.33601  1.25691   29.65732  1.000 106.75929 ? 14  MET B CE  1 
ATOM 77   N N   . LEU A 1 15  ? -5.55273  -2.26609  28.73807  1.000 78.46181  ? 15  LEU B N   1 
ATOM 78   C CA  . LEU A 1 15  ? -5.44472  -3.57969  28.14138  1.000 79.63754  ? 15  LEU B CA  1 
ATOM 79   C C   . LEU A 1 15  ? -5.57683  -3.47204  26.63805  1.000 81.04729  ? 15  LEU B C   1 
ATOM 80   O O   . LEU A 1 15  ? -4.70109  -3.91849  25.87962  1.000 78.70509  ? 15  LEU B O   1 
ATOM 81   C CB  . LEU A 1 15  ? -6.51051  -4.49242  28.73525  1.000 88.30903  ? 15  LEU B CB  1 
ATOM 82   C CG  . LEU A 1 15  ? -6.34533  -4.73467  30.23642  1.000 82.91582  ? 15  LEU B CG  1 
ATOM 83   C CD1 . LEU A 1 15  ? -7.32238  -5.75531  30.76134  1.000 78.55434  ? 15  LEU B CD1 1 
ATOM 84   C CD2 . LEU A 1 15  ? -4.94663  -5.24845  30.45191  1.000 89.75321  ? 15  LEU B CD2 1 
ATOM 85   N N   . PHE A 1 16  ? -6.64676  -2.82263  26.19664  1.000 84.38967  ? 16  PHE B N   1 
ATOM 86   C CA  . PHE A 1 16  ? -6.90278  -2.73546  24.77273  1.000 85.09602  ? 16  PHE B CA  1 
ATOM 87   C C   . PHE A 1 16  ? -5.74226  -2.05817  24.05733  1.000 80.95660  ? 16  PHE B C   1 
ATOM 88   O O   . PHE A 1 16  ? -5.28465  -2.53345  23.00424  1.000 77.71366  ? 16  PHE B O   1 
ATOM 89   C CB  . PHE A 1 16  ? -8.20161  -1.98622  24.53916  1.000 79.55753  ? 16  PHE B CB  1 
ATOM 90   C CG  . PHE A 1 16  ? -8.49312  -1.75790  23.10856  1.000 77.02648  ? 16  PHE B CG  1 
ATOM 91   C CD1 . PHE A 1 16  ? -9.04291  -2.76181  22.32892  1.000 79.61582  ? 16  PHE B CD1 1 
ATOM 92   C CD2 . PHE A 1 16  ? -8.18000  -0.54642  22.52548  1.000 78.55106  ? 16  PHE B CD2 1 
ATOM 93   C CE1 . PHE A 1 16  ? -9.30467  -2.54097  21.00061  1.000 85.65268  ? 16  PHE B CE1 1 
ATOM 94   C CE2 . PHE A 1 16  ? -8.42630  -0.31397  21.19036  1.000 75.74555  ? 16  PHE B CE2 1 
ATOM 95   C CZ  . PHE A 1 16  ? -8.98807  -1.30625  20.42425  1.000 85.32440  ? 16  PHE B CZ  1 
ATOM 96   N N   . SER A 1 17  ? -5.24557  -0.95587  24.63286  1.000 78.49362  ? 17  SER B N   1 
ATOM 97   C CA  . SER A 1 17  ? -4.15393  -0.20447  24.02382  1.000 75.85541  ? 17  SER B CA  1 
ATOM 98   C C   . SER A 1 17  ? -2.95175  -1.07751  23.78456  1.000 81.79261  ? 17  SER B C   1 
ATOM 99   O O   . SER A 1 17  ? -2.41458  -1.11705  22.66925  1.000 87.21028  ? 17  SER B O   1 
ATOM 100  C CB  . SER A 1 17  ? -3.71376  0.92980   24.92788  1.000 81.53230  ? 17  SER B CB  1 
ATOM 101  O OG  . SER A 1 17  ? -4.82466  1.62376   25.43958  1.000 96.89150  ? 17  SER B OG  1 
ATOM 102  N N   . GLN A 1 18  ? -2.47911  -1.74132  24.84275  1.000 82.31128  ? 18  GLN B N   1 
ATOM 103  C CA  . GLN A 1 18  ? -1.29385  -2.57525  24.71912  1.000 70.09724  ? 18  GLN B CA  1 
ATOM 104  C C   . GLN A 1 18  ? -1.52809  -3.68500  23.71242  1.000 70.11919  ? 18  GLN B C   1 
ATOM 105  O O   . GLN A 1 18  ? -0.67782  -3.95144  22.84578  1.000 69.42058  ? 18  GLN B O   1 
ATOM 106  C CB  . GLN A 1 18  ? -0.95877  -3.13278  26.08882  1.000 73.34730  ? 18  GLN B CB  1 
ATOM 107  C CG  . GLN A 1 18  ? -0.25400  -2.11858  26.98347  1.000 80.55378  ? 18  GLN B CG  1 
ATOM 108  C CD  . GLN A 1 18  ? 0.16437   -2.70300  28.31096  1.000 85.65155  ? 18  GLN B CD  1 
ATOM 109  O OE1 . GLN A 1 18  ? -0.53807  -3.54571  28.86706  1.000 93.46790  ? 18  GLN B OE1 1 
ATOM 110  N NE2 . GLN A 1 18  ? 1.27518   -2.22222  28.85535  1.000 87.60642  ? 18  GLN B NE2 1 
ATOM 111  N N   . ARG A 1 19  ? -2.70720  -4.30131  23.79071  1.000 68.86934  ? 19  ARG B N   1 
ATOM 112  C CA  . ARG A 1 19  ? -3.05285  -5.40385  22.90988  1.000 73.30391  ? 19  ARG B CA  1 
ATOM 113  C C   . ARG A 1 19  ? -2.90623  -4.99509  21.45004  1.000 77.98324  ? 19  ARG B C   1 
ATOM 114  O O   . ARG A 1 19  ? -2.19708  -5.64742  20.66621  1.000 72.86120  ? 19  ARG B O   1 
ATOM 115  C CB  . ARG A 1 19  ? -4.48425  -5.84038  23.21994  1.000 72.89024  ? 19  ARG B CB  1 
ATOM 116  C CG  . ARG A 1 19  ? -4.96609  -7.04882  22.47547  1.000 74.25076  ? 19  ARG B CG  1 
ATOM 117  C CD  . ARG A 1 19  ? -6.41790  -7.27796  22.77804  1.000 77.68766  ? 19  ARG B CD  1 
ATOM 118  N NE  . ARG A 1 19  ? -6.76900  -8.68478  22.94960  1.000 91.74778  ? 19  ARG B NE  1 
ATOM 119  C CZ  . ARG A 1 19  ? -7.45724  -9.36278  22.03819  1.000 92.25671  ? 19  ARG B CZ  1 
ATOM 120  N NH1 . ARG A 1 19  ? -7.75256  -8.74810  20.90448  1.000 89.33224  ? 19  ARG B NH1 1 
ATOM 121  N NH2 . ARG A 1 19  ? -7.81273  -10.63631 22.22334  1.000 86.65005  ? 19  ARG B NH2 1 
ATOM 122  N N   . ILE A 1 20  ? -3.55961  -3.89586  21.06859  1.000 75.56802  ? 20  ILE B N   1 
ATOM 123  C CA  . ILE A 1 20  ? -3.51815  -3.50111  19.66588  1.000 73.35938  ? 20  ILE B CA  1 
ATOM 124  C C   . ILE A 1 20  ? -2.14777  -2.99097  19.27859  1.000 69.86763  ? 20  ILE B C   1 
ATOM 125  O O   . ILE A 1 20  ? -1.72807  -3.14146  18.12512  1.000 72.19187  ? 20  ILE B O   1 
ATOM 126  C CB  . ILE A 1 20  ? -4.61447  -2.48232  19.30265  1.000 72.45322  ? 20  ILE B CB  1 
ATOM 127  C CG1 . ILE A 1 20  ? -4.75124  -2.43841  17.77207  1.000 69.68087  ? 20  ILE B CG1 1 
ATOM 128  C CG2 . ILE A 1 20  ? -4.36731  -1.14602  19.94168  1.000 75.69481  ? 20  ILE B CG2 1 
ATOM 129  C CD1 . ILE A 1 20  ? -5.99480  -1.79461  17.22151  1.000 68.95862  ? 20  ILE B CD1 1 
ATOM 130  N N   . ALA A 1 21  ? -1.42190  -2.38175  20.20490  1.000 67.85302  ? 21  ALA B N   1 
ATOM 131  C CA  . ALA A 1 21  ? -0.14666  -1.82070  19.79334  1.000 74.04481  ? 21  ALA B CA  1 
ATOM 132  C C   . ALA A 1 21  ? 0.82830   -2.94363  19.45005  1.000 78.35852  ? 21  ALA B C   1 
ATOM 133  O O   . ALA A 1 21  ? 1.53395   -2.89754  18.43121  1.000 71.71947  ? 21  ALA B O   1 
ATOM 134  C CB  . ALA A 1 21  ? 0.38728   -0.89485  20.88375  1.000 68.05899  ? 21  ALA B CB  1 
ATOM 135  N N   . GLN A 1 22  ? 0.81580   -4.00463  20.25660  1.000 73.32811  ? 22  GLN B N   1 
ATOM 136  C CA  . GLN A 1 22  ? 1.63745   -5.17449  19.96545  1.000 70.34541  ? 22  GLN B CA  1 
ATOM 137  C C   . GLN A 1 22  ? 1.16549   -5.90403  18.71306  1.000 73.12481  ? 22  GLN B C   1 
ATOM 138  O O   . GLN A 1 22  ? 1.97573   -6.30192  17.86339  1.000 71.44381  ? 22  GLN B O   1 
ATOM 139  C CB  . GLN A 1 22  ? 1.63424   -6.08076  21.18934  1.000 68.26243  ? 22  GLN B CB  1 
ATOM 140  C CG  . GLN A 1 22  ? 2.46003   -7.32486  21.10033  1.000 71.58655  ? 22  GLN B CG  1 
ATOM 141  C CD  . GLN A 1 22  ? 3.85346   -7.13105  21.65356  1.000 73.31833  ? 22  GLN B CD  1 
ATOM 142  O OE1 . GLN A 1 22  ? 4.16168   -6.08678  22.21705  1.000 76.28161  ? 22  GLN B OE1 1 
ATOM 143  N NE2 . GLN A 1 22  ? 4.66636   -8.17135  21.58715  1.000 71.19353  ? 22  GLN B NE2 1 
ATOM 144  N N   . LEU A 1 23  ? -0.13934  -6.07508  18.56284  1.000 71.06942  ? 23  LEU B N   1 
ATOM 145  C CA  . LEU A 1 23  ? -0.60533  -6.78407  17.38880  1.000 71.55518  ? 23  LEU B CA  1 
ATOM 146  C C   . LEU A 1 23  ? -0.21296  -6.02585  16.13798  1.000 72.68450  ? 23  LEU B C   1 
ATOM 147  O O   . LEU A 1 23  ? 0.23257   -6.61695  15.14511  1.000 74.93458  ? 23  LEU B O   1 
ATOM 148  C CB  . LEU A 1 23  ? -2.11224  -6.96393  17.47946  1.000 77.41303  ? 23  LEU B CB  1 
ATOM 149  C CG  . LEU A 1 23  ? -2.42675  -8.13163  18.40792  1.000 84.96278  ? 23  LEU B CG  1 
ATOM 150  C CD1 . LEU A 1 23  ? -3.89062  -8.12186  18.75314  1.000 82.39417  ? 23  LEU B CD1 1 
ATOM 151  C CD2 . LEU A 1 23  ? -2.01945  -9.45454  17.77615  1.000 81.94198  ? 23  LEU B CD2 1 
ATOM 152  N N   . SER A 1 24  ? -0.30277  -4.70136  16.19381  1.000 72.85892  ? 24  SER B N   1 
ATOM 153  C CA  . SER A 1 24  ? -0.14540  -3.93302  14.98014  1.000 75.06800  ? 24  SER B CA  1 
ATOM 154  C C   . SER A 1 24  ? 1.32103   -3.82032  14.63989  1.000 76.41677  ? 24  SER B C   1 
ATOM 155  O O   . SER A 1 24  ? 1.70210   -3.83316  13.46310  1.000 75.27086  ? 24  SER B O   1 
ATOM 156  C CB  . SER A 1 24  ? -0.81000  -2.57284  15.14679  1.000 72.68886  ? 24  SER B CB  1 
ATOM 157  O OG  . SER A 1 24  ? -0.36368  -1.71270  14.11937  1.000 87.68954  ? 24  SER B OG  1 
ATOM 158  N N   . LYS A 1 25  ? 2.16863   -3.81028  15.66686  1.000 81.26556  ? 25  LYS B N   1 
ATOM 159  C CA  . LYS A 1 25  ? 3.59495   -3.81157  15.40190  1.000 81.64164  ? 25  LYS B CA  1 
ATOM 160  C C   . LYS A 1 25  ? 3.98215   -5.13005  14.75769  1.000 73.61696  ? 25  LYS B C   1 
ATOM 161  O O   . LYS A 1 25  ? 4.72869   -5.15893  13.77024  1.000 72.10392  ? 25  LYS B O   1 
ATOM 162  C CB  . LYS A 1 25  ? 4.37654   -3.56552  16.70382  1.000 74.07832  ? 25  LYS B CB  1 
ATOM 163  C CG  . LYS A 1 25  ? 5.86160   -3.35113  16.48427  1.000 73.44339  ? 25  LYS B CG  1 
ATOM 164  C CD  . LYS A 1 25  ? 6.55314   -2.80112  17.73077  1.000 79.70013  ? 25  LYS B CD  1 
ATOM 165  C CE  . LYS A 1 25  ? 8.06388   -2.64213  17.51685  1.000 85.90894  ? 25  LYS B CE  1 
ATOM 166  N NZ  . LYS A 1 25  ? 8.72593   -1.94017  18.66414  1.000 88.47573  ? 25  LYS B NZ  1 
ATOM 167  N N   . ALA A 1 26  ? 3.44879   -6.23538  15.28068  1.000 70.20451  ? 26  ALA B N   1 
ATOM 168  C CA  . ALA A 1 26  ? 3.79542   -7.52331  14.70510  1.000 73.29698  ? 26  ALA B CA  1 
ATOM 169  C C   . ALA A 1 26  ? 3.42980   -7.54939  13.23359  1.000 77.84661  ? 26  ALA B C   1 
ATOM 170  O O   . ALA A 1 26  ? 4.26652   -7.84498  12.36809  1.000 76.08116  ? 26  ALA B O   1 
ATOM 171  C CB  . ALA A 1 26  ? 3.08973   -8.64479  15.45748  1.000 70.68001  ? 26  ALA B CB  1 
ATOM 172  N N   . LEU A 1 27  ? 2.18162   -7.20511  12.93753  1.000 76.35585  ? 27  LEU B N   1 
ATOM 173  C CA  . LEU A 1 27  ? 1.69229   -7.27195  11.57242  1.000 69.57174  ? 27  LEU B CA  1 
ATOM 174  C C   . LEU A 1 27  ? 2.46792   -6.36882  10.64018  1.000 76.71325  ? 27  LEU B C   1 
ATOM 175  O O   . LEU A 1 27  ? 2.80631   -6.76456  9.51549   1.000 80.84076  ? 27  LEU B O   1 
ATOM 176  C CB  . LEU A 1 27  ? 0.22985   -6.90517  11.55262  1.000 70.56390  ? 27  LEU B CB  1 
ATOM 177  C CG  . LEU A 1 27  ? -0.36520  -7.43884  10.28328  1.000 76.94357  ? 27  LEU B CG  1 
ATOM 178  C CD1 . LEU A 1 27  ? 0.03591   -8.88355  10.07260  1.000 84.13519  ? 27  LEU B CD1 1 
ATOM 179  C CD2 . LEU A 1 27  ? -1.85870  -7.29463  10.39603  1.000 83.83815  ? 27  LEU B CD2 1 
ATOM 180  N N   . TRP A 1 28  ? 2.74240   -5.14176  11.06343  1.000 73.32395  ? 28  TRP B N   1 
ATOM 181  C CA  . TRP A 1 28  ? 3.44091   -4.25830  10.15389  1.000 72.47344  ? 28  TRP B CA  1 
ATOM 182  C C   . TRP A 1 28  ? 4.83411   -4.78677  9.87604   1.000 78.47048  ? 28  TRP B C   1 
ATOM 183  O O   . TRP A 1 28  ? 5.29656   -4.77127  8.73350   1.000 76.21042  ? 28  TRP B O   1 
ATOM 184  C CB  . TRP A 1 28  ? 3.51927   -2.84913  10.71193  1.000 74.28642  ? 28  TRP B CB  1 
ATOM 185  C CG  . TRP A 1 28  ? 4.22688   -1.96857  9.78197   1.000 75.69384  ? 28  TRP B CG  1 
ATOM 186  C CD1 . TRP A 1 28  ? 5.21703   -1.09770  10.09513  1.000 77.34789  ? 28  TRP B CD1 1 
ATOM 187  C CD2 . TRP A 1 28  ? 3.99899   -1.83075  8.37101   1.000 79.07781  ? 28  TRP B CD2 1 
ATOM 188  N NE1 . TRP A 1 28  ? 5.64833   -0.44215  8.97159   1.000 82.77260  ? 28  TRP B NE1 1 
ATOM 189  C CE2 . TRP A 1 28  ? 4.91748   -0.88102  7.89867   1.000 76.98876  ? 28  TRP B CE2 1 
ATOM 190  C CE3 . TRP A 1 28  ? 3.12520   -2.43155  7.45947   1.000 77.21935  ? 28  TRP B CE3 1 
ATOM 191  C CZ2 . TRP A 1 28  ? 4.98552   -0.52188  6.57502   1.000 70.11512  ? 28  TRP B CZ2 1 
ATOM 192  C CZ3 . TRP A 1 28  ? 3.20986   -2.07587  6.14238   1.000 72.66813  ? 28  TRP B CZ3 1 
ATOM 193  C CH2 . TRP A 1 28  ? 4.12779   -1.13275  5.71326   1.000 70.77275  ? 28  TRP B CH2 1 
ATOM 194  N N   . LYS A 1 29  ? 5.49833   -5.31221  10.90534  1.000 82.88743  ? 29  LYS B N   1 
ATOM 195  C CA  . LYS A 1 29  ? 6.86197   -5.79403  10.74342  1.000 75.89993  ? 29  LYS B CA  1 
ATOM 196  C C   . LYS A 1 29  ? 6.93376   -7.00700  9.82055   1.000 76.37919  ? 29  LYS B C   1 
ATOM 197  O O   . LYS A 1 29  ? 7.85121   -7.11603  8.99490   1.000 79.21347  ? 29  LYS B O   1 
ATOM 198  C CB  . LYS A 1 29  ? 7.41649   -6.08265  12.12041  1.000 64.45822  ? 29  LYS B CB  1 
ATOM 199  C CG  . LYS A 1 29  ? 7.76211   -4.81477  12.90321  1.000 77.51184  ? 29  LYS B CG  1 
ATOM 200  C CD  . LYS A 1 29  ? 8.82312   -3.96822  12.16478  1.000 86.18692  ? 29  LYS B CD  1 
ATOM 201  C CE  . LYS A 1 29  ? 9.14924   -2.66473  12.91599  1.000 88.19650  ? 29  LYS B CE  1 
ATOM 202  N NZ  . LYS A 1 29  ? 10.21295  -1.82736  12.29715  1.000 84.11057  ? 29  LYS B NZ  1 
ATOM 203  N N   . SER A 1 30  ? 5.94448   -7.89574  9.89367   1.000 70.87064  ? 30  SER B N   1 
ATOM 204  C CA  . SER A 1 30  ? 5.95699   -9.06134  9.01147   1.000 75.03127  ? 30  SER B CA  1 
ATOM 205  C C   . SER A 1 30  ? 5.72416   -8.66142  7.57107   1.000 83.32380  ? 30  SER B C   1 
ATOM 206  O O   . SER A 1 30  ? 6.41094   -9.14283  6.65189   1.000 87.17223  ? 30  SER B O   1 
ATOM 207  C CB  . SER A 1 30  ? 4.88674   -10.05346 9.41945   1.000 76.94262  ? 30  SER B CB  1 
ATOM 208  O OG  . SER A 1 30  ? 4.84978   -10.17122 10.81633  1.000 89.49475  ? 30  SER B OG  1 
ATOM 209  N N   . ILE A 1 31  ? 4.71185   -7.82105  7.34903   1.000 87.40613  ? 31  ILE B N   1 
ATOM 210  C CA  . ILE A 1 31  ? 4.43048   -7.39098  5.98645   1.000 84.91689  ? 31  ILE B CA  1 
ATOM 211  C C   . ILE A 1 31  ? 5.61656   -6.63051  5.43288   1.000 82.01365  ? 31  ILE B C   1 
ATOM 212  O O   . ILE A 1 31  ? 5.99977   -6.79772  4.27040   1.000 79.61220  ? 31  ILE B O   1 
ATOM 213  C CB  . ILE A 1 31  ? 3.12806   -6.57038  5.93265   1.000 73.70470  ? 31  ILE B CB  1 
ATOM 214  C CG1 . ILE A 1 31  ? 1.93865   -7.41809  6.38509   1.000 70.85520  ? 31  ILE B CG1 1 
ATOM 215  C CG2 . ILE A 1 31  ? 2.90100   -6.01010  4.55227   1.000 80.39339  ? 31  ILE B CG2 1 
ATOM 216  C CD1 . ILE A 1 31  ? 0.67356   -6.69989  6.31825   1.000 76.84621  ? 31  ILE B CD1 1 
ATOM 217  N N   . GLU A 1 32  ? 6.25516   -5.83598  6.28463   1.000 80.08544  ? 32  GLU B N   1 
ATOM 218  C CA  . GLU A 1 32  ? 7.41890   -5.07298  5.87947   1.000 80.13092  ? 32  GLU B CA  1 
ATOM 219  C C   . GLU A 1 32  ? 8.51586   -6.01059  5.38460   1.000 85.51401  ? 32  GLU B C   1 
ATOM 220  O O   . GLU A 1 32  ? 9.09729   -5.79788  4.31226   1.000 83.88439  ? 32  GLU B O   1 
ATOM 221  C CB  . GLU A 1 32  ? 7.86079   -4.21822  7.07592   1.000 77.06223  ? 32  GLU B CB  1 
ATOM 222  C CG  . GLU A 1 32  ? 8.24293   -2.77750  6.81673   1.000 80.45780  ? 32  GLU B CG  1 
ATOM 223  C CD  . GLU A 1 32  ? 8.36112   -1.98651  8.12065   1.000 92.04286  ? 32  GLU B CD  1 
ATOM 224  O OE1 . GLU A 1 32  ? 7.79477   -2.46213  9.12733   1.000 88.77023  ? 32  GLU B OE1 1 
ATOM 225  O OE2 . GLU A 1 32  ? 9.02896   -0.91943  8.16319   1.000 99.27877  ? 32  GLU B OE2 1 
ATOM 226  N N   . LYS A 1 33  ? 8.75223   -7.10280  6.12368   1.000 86.34063  ? 33  LYS B N   1 
ATOM 227  C CA  . LYS A 1 33  ? 9.85273   -8.00245  5.79064   1.000 86.04897  ? 33  LYS B CA  1 
ATOM 228  C C   . LYS A 1 33  ? 9.57380   -8.76972  4.50920   1.000 90.30652  ? 33  LYS B C   1 
ATOM 229  O O   . LYS A 1 33  ? 10.43859  -8.86529  3.62494   1.000 93.09000  ? 33  LYS B O   1 
ATOM 230  C CB  . LYS A 1 33  ? 10.10194  -8.96964  6.93621   1.000 86.52551  ? 33  LYS B CB  1 
ATOM 231  C CG  . LYS A 1 33  ? 11.27091  -9.92346  6.69174   1.000 100.50795 ? 33  LYS B CG  1 
ATOM 232  C CD  . LYS A 1 33  ? 11.54218  -10.79071 7.91940   1.000 92.59795  ? 33  LYS B CD  1 
ATOM 233  C CE  . LYS A 1 33  ? 10.23752  -11.31652 8.51927   1.000 98.59795  ? 33  LYS B CE  1 
ATOM 234  N NZ  . LYS A 1 33  ? 9.31926   -11.99724 7.52763   1.000 105.65795 ? 33  LYS B NZ  1 
ATOM 235  N N   . ASP A 1 34  ? 8.37328   -9.33486  4.39420   1.000 87.42992  ? 34  ASP B N   1 
ATOM 236  C CA  . ASP A 1 34  ? 8.00839   -10.02535 3.15634   1.000 91.65503  ? 34  ASP B CA  1 
ATOM 237  C C   . ASP A 1 34  ? 8.06896   -9.08024  1.95606   1.000 94.42761  ? 34  ASP B C   1 
ATOM 238  O O   . ASP A 1 34  ? 8.65624   -9.40880  0.91635   1.000 100.87898 ? 34  ASP B O   1 
ATOM 239  C CB  . ASP A 1 34  ? 6.59570   -10.60112 3.27714   1.000 94.26612  ? 34  ASP B CB  1 
ATOM 240  C CG  . ASP A 1 34  ? 6.43187   -11.54336 4.45028   1.000 98.81409  ? 34  ASP B CG  1 
ATOM 241  O OD1 . ASP A 1 34  ? 7.44907   -11.95930 5.07262   1.000 102.28817 ? 34  ASP B OD1 1 
ATOM 242  O OD2 . ASP A 1 34  ? 5.25466   -11.80111 4.78584   1.000 95.74911  ? 34  ASP B OD2 1 
ATOM 243  N N   . TRP A 1 35  ? 7.43192   -7.91905  2.07608   1.000 92.71604  ? 35  TRP B N   1 
ATOM 244  C CA  . TRP A 1 35  ? 7.37842   -6.95843  0.99054   1.000 88.52641  ? 35  TRP B CA  1 
ATOM 245  C C   . TRP A 1 35  ? 8.78068   -6.59176  0.54235   1.000 91.20746  ? 35  TRP B C   1 
ATOM 246  O O   . TRP A 1 35  ? 9.08324   -6.60644  -0.65819  1.000 99.56593  ? 35  TRP B O   1 
ATOM 247  C CB  . TRP A 1 35  ? 6.60423   -5.72058  1.47158   1.000 90.87507  ? 35  TRP B CB  1 
ATOM 248  C CG  . TRP A 1 35  ? 6.12200   -4.76545  0.41507   1.000 86.97688  ? 35  TRP B CG  1 
ATOM 249  C CD1 . TRP A 1 35  ? 6.48894   -4.74598  -0.89179  1.000 89.39243  ? 35  TRP B CD1 1 
ATOM 250  C CD2 . TRP A 1 35  ? 5.25701   -3.63639  0.60478   1.000 83.55366  ? 35  TRP B CD2 1 
ATOM 251  N NE1 . TRP A 1 35  ? 5.87311   -3.71106  -1.54041  1.000 84.13192  ? 35  TRP B NE1 1 
ATOM 252  C CE2 . TRP A 1 35  ? 5.11436   -3.00917  -0.64612  1.000 84.07510  ? 35  TRP B CE2 1 
ATOM 253  C CE3 . TRP A 1 35  ? 4.57022   -3.10878  1.70504   1.000 87.88808  ? 35  TRP B CE3 1 
ATOM 254  C CZ2 . TRP A 1 35  ? 4.32028   -1.87017  -0.83557  1.000 89.51587  ? 35  TRP B CZ2 1 
ATOM 255  C CZ3 . TRP A 1 35  ? 3.77302   -1.96919  1.51855   1.000 84.57861  ? 35  TRP B CZ3 1 
ATOM 256  C CH2 . TRP A 1 35  ? 3.65697   -1.36818  0.25414   1.000 86.82785  ? 35  TRP B CH2 1 
ATOM 257  N N   . GLN A 1 36  ? 9.65256   -6.26771  1.49783   1.000 86.41068  ? 36  GLN B N   1 
ATOM 258  C CA  . GLN A 1 36  ? 11.02338  -5.91520  1.16432   1.000 91.97331  ? 36  GLN B CA  1 
ATOM 259  C C   . GLN A 1 36  ? 11.70985  -7.05339  0.43483   1.000 99.68478  ? 36  GLN B C   1 
ATOM 260  O O   . GLN A 1 36  ? 12.50785  -6.82283  -0.48117  1.000 102.34123 ? 36  GLN B O   1 
ATOM 261  C CB  . GLN A 1 36  ? 11.78897  -5.59884  2.43308   1.000 93.39207  ? 36  GLN B CB  1 
ATOM 262  C CG  . GLN A 1 36  ? 11.53690  -4.25497  2.98603   1.000 92.33402  ? 36  GLN B CG  1 
ATOM 263  C CD  . GLN A 1 36  ? 12.10525  -4.14241  4.37842   1.000 99.83362  ? 36  GLN B CD  1 
ATOM 264  O OE1 . GLN A 1 36  ? 12.68888  -5.10006  4.89300   1.000 111.98030 ? 36  GLN B OE1 1 
ATOM 265  N NE2 . GLN A 1 36  ? 11.95002  -2.97589  4.99911   1.000 101.70080 ? 36  GLN B NE2 1 
ATOM 266  N N   . ARG A 1 37  ? 11.42916  -8.29419  0.84131   1.000 97.09558  ? 37  ARG B N   1 
ATOM 267  C CA  . ARG A 1 37  ? 11.98310  -9.41821  0.10374   1.000 99.23366  ? 37  ARG B CA  1 
ATOM 268  C C   . ARG A 1 37  ? 11.55912  -9.36476  -1.35431  1.000 99.13833  ? 37  ARG B C   1 
ATOM 269  O O   . ARG A 1 37  ? 12.39765  -9.45958  -2.25531  1.000 104.45259 ? 37  ARG B O   1 
ATOM 270  C CB  . ARG A 1 37  ? 11.53686  -10.73569 0.71755   1.000 99.19683  ? 37  ARG B CB  1 
ATOM 271  C CG  . ARG A 1 37  ? 11.51572  -11.82765 -0.31757  1.000 96.98226  ? 37  ARG B CG  1 
ATOM 272  C CD  . ARG A 1 37  ? 11.42331  -13.19117 0.27654   1.000 94.86127  ? 37  ARG B CD  1 
ATOM 273  N NE  . ARG A 1 37  ? 10.31929  -13.30768 1.21596   1.000 97.62816  ? 37  ARG B NE  1 
ATOM 274  C CZ  . ARG A 1 37  ? 10.43827  -13.20080 2.53536   1.000 104.06850 ? 37  ARG B CZ  1 
ATOM 275  N NH1 . ARG A 1 37  ? 11.63016  -12.98700 3.08526   1.000 101.02273 ? 37  ARG B NH1 1 
ATOM 276  N NH2 . ARG A 1 37  ? 9.36447   -13.32627 3.31163   1.000 103.95960 ? 37  ARG B NH2 1 
ATOM 277  N N   . TRP A 1 38  ? 10.25354  -9.20824  -1.59448  1.000 99.71348  ? 38  TRP B N   1 
ATOM 278  C CA  . TRP A 1 38  ? 9.70483   -9.26290  -2.95223  1.000 99.52780  ? 38  TRP B CA  1 
ATOM 279  C C   . TRP A 1 38  ? 10.30547  -8.19068  -3.84565  1.000 103.36341 ? 38  TRP B C   1 
ATOM 280  O O   . TRP A 1 38  ? 10.61438  -8.44035  -5.01888  1.000 105.96026 ? 38  TRP B O   1 
ATOM 281  C CB  . TRP A 1 38  ? 8.18738   -9.11270  -2.89791  1.000 94.66097  ? 38  TRP B CB  1 
ATOM 282  C CG  . TRP A 1 38  ? 7.46832   -9.10863  -4.20415  1.000 100.23192 ? 38  TRP B CG  1 
ATOM 283  C CD1 . TRP A 1 38  ? 7.75896   -9.83736  -5.32537  1.000 109.30802 ? 38  TRP B CD1 1 
ATOM 284  C CD2 . TRP A 1 38  ? 6.29214   -8.35151  -4.51063  1.000 105.71693 ? 38  TRP B CD2 1 
ATOM 285  N NE1 . TRP A 1 38  ? 6.83537   -9.56347  -6.32041  1.000 110.71857 ? 38  TRP B NE1 1 
ATOM 286  C CE2 . TRP A 1 38  ? 5.92440   -8.65663  -5.83976  1.000 108.45898 ? 38  TRP B CE2 1 
ATOM 287  C CE3 . TRP A 1 38  ? 5.51762   -7.43696  -3.79007  1.000 97.75474  ? 38  TRP B CE3 1 
ATOM 288  C CZ2 . TRP A 1 38  ? 4.80931   -8.08099  -6.45573  1.000 106.73322 ? 38  TRP B CZ2 1 
ATOM 289  C CZ3 . TRP A 1 38  ? 4.41526   -6.86520  -4.40626  1.000 95.41360  ? 38  TRP B CZ3 1 
ATOM 290  C CH2 . TRP A 1 38  ? 4.07118   -7.18989  -5.72335  1.000 103.97425 ? 38  TRP B CH2 1 
ATOM 291  N N   . ILE A 1 39  ? 10.49309  -6.99076  -3.30339  1.000 103.56629 ? 39  ILE B N   1 
ATOM 292  C CA  . ILE A 1 39  ? 10.84858  -5.85483  -4.14340  1.000 102.13474 ? 39  ILE B CA  1 
ATOM 293  C C   . ILE A 1 39  ? 12.34947  -5.54644  -4.15508  1.000 107.41964 ? 39  ILE B C   1 
ATOM 294  O O   . ILE A 1 39  ? 12.79682  -4.78685  -5.02941  1.000 107.64307 ? 39  ILE B O   1 
ATOM 295  C CB  . ILE A 1 39  ? 9.97729   -4.61985  -3.77742  1.000 95.35758  ? 39  ILE B CB  1 
ATOM 296  C CG1 . ILE A 1 39  ? 9.96246   -4.25748  -2.27169  1.000 85.80038  ? 39  ILE B CG1 1 
ATOM 297  C CG2 . ILE A 1 39  ? 8.55513   -4.86751  -4.20740  1.000 96.14666  ? 39  ILE B CG2 1 
ATOM 298  C CD1 . ILE A 1 39  ? 11.22900  -3.74113  -1.67113  1.000 97.17951  ? 39  ILE B CD1 1 
ATOM 299  N N   . LYS A 1 40  ? 13.15137  -6.15073  -3.26597  1.000 107.70238 ? 40  LYS B N   1 
ATOM 300  C CA  . LYS A 1 40  ? 14.57422  -5.81429  -3.21754  1.000 109.03725 ? 40  LYS B CA  1 
ATOM 301  C C   . LYS A 1 40  ? 15.32956  -6.13715  -4.50738  1.000 111.36650 ? 40  LYS B C   1 
ATOM 302  O O   . LYS A 1 40  ? 16.28577  -5.40727  -4.82073  1.000 114.60191 ? 40  LYS B O   1 
ATOM 303  C CB  . LYS A 1 40  ? 15.22139  -6.50184  -2.00451  1.000 109.94733 ? 40  LYS B CB  1 
ATOM 304  C CG  . LYS A 1 40  ? 16.68261  -6.10264  -1.75785  1.000 115.37786 ? 40  LYS B CG  1 
ATOM 305  C CD  . LYS A 1 40  ? 17.28246  -6.80493  -0.54319  1.000 118.11821 ? 40  LYS B CD  1 
ATOM 306  C CE  . LYS A 1 40  ? 18.67183  -6.25515  -0.19909  1.000 116.91829 ? 40  LYS B CE  1 
ATOM 307  N NZ  . LYS A 1 40  ? 19.64510  -6.36239  -1.32258  1.000 123.33652 ? 40  LYS B NZ  1 
ATOM 308  N N   . PRO A 1 41  ? 14.97479  -7.17179  -5.29046  1.000 106.60925 ? 41  PRO B N   1 
ATOM 309  C CA  . PRO A 1 41  ? 15.62285  -7.32913  -6.60383  1.000 104.92046 ? 41  PRO B CA  1 
ATOM 310  C C   . PRO A 1 41  ? 15.70034  -6.04145  -7.42045  1.000 111.59720 ? 41  PRO B C   1 
ATOM 311  O O   . PRO A 1 41  ? 16.74571  -5.74680  -8.01679  1.000 112.53565 ? 41  PRO B O   1 
ATOM 312  C CB  . PRO A 1 41  ? 14.72860  -8.37452  -7.29029  1.000 100.98080 ? 41  PRO B CB  1 
ATOM 313  C CG  . PRO A 1 41  ? 14.30057  -9.23354  -6.20467  1.000 101.70926 ? 41  PRO B CG  1 
ATOM 314  C CD  . PRO A 1 41  ? 14.12128  -8.34191  -5.00016  1.000 106.68706 ? 41  PRO B CD  1 
ATOM 315  N N   . PHE A 1 42  ? 14.63547  -5.24174  -7.42079  1.000 109.77530 ? 42  PHE B N   1 
ATOM 316  C CA  . PHE A 1 42  ? 14.49443  -4.11021  -8.32468  1.000 103.31835 ? 42  PHE B CA  1 
ATOM 317  C C   . PHE A 1 42  ? 15.00399  -2.80849  -7.71554  1.000 105.28493 ? 42  PHE B C   1 
ATOM 318  O O   . PHE A 1 42  ? 14.79226  -1.73838  -8.29540  1.000 107.15225 ? 42  PHE B O   1 
ATOM 319  C CB  . PHE A 1 42  ? 13.02653  -3.95031  -8.74665  1.000 99.40986  ? 42  PHE B CB  1 
ATOM 320  C CG  . PHE A 1 42  ? 12.44244  -5.14831  -9.46889  1.000 98.12396  ? 42  PHE B CG  1 
ATOM 321  C CD1 . PHE A 1 42  ? 12.43842  -6.40839  -8.89120  1.000 102.55026 ? 42  PHE B CD1 1 
ATOM 322  C CD2 . PHE A 1 42  ? 11.85395  -4.99537  -10.71289 1.000 105.30543 ? 42  PHE B CD2 1 
ATOM 323  C CE1 . PHE A 1 42  ? 11.89676  -7.49363  -9.54575  1.000 111.29429 ? 42  PHE B CE1 1 
ATOM 324  C CE2 . PHE A 1 42  ? 11.29154  -6.08318  -11.37967 1.000 111.51208 ? 42  PHE B CE2 1 
ATOM 325  C CZ  . PHE A 1 42  ? 11.31463  -7.33344  -10.79042 1.000 113.51922 ? 42  PHE B CZ  1 
ATOM 326  N N   . ASP A 1 43  ? 15.67123  -2.87958  -6.56588  1.000 105.77052 ? 43  ASP B N   1 
ATOM 327  C CA  . ASP A 1 43  ? 16.24627  -1.71091  -5.89898  1.000 108.00998 ? 43  ASP B CA  1 
ATOM 328  C C   . ASP A 1 43  ? 15.17753  -0.65955  -5.60941  1.000 105.98531 ? 43  ASP B C   1 
ATOM 329  O O   . ASP A 1 43  ? 15.27345  0.49171   -6.03320  1.000 108.49391 ? 43  ASP B O   1 
ATOM 330  C CB  . ASP A 1 43  ? 17.38554  -1.11176  -6.72011  1.000 111.16461 ? 43  ASP B CB  1 
ATOM 331  C CG  . ASP A 1 43  ? 18.15946  -0.04783  -5.95629  1.000 123.98461 ? 43  ASP B CG  1 
ATOM 332  O OD1 . ASP A 1 43  ? 17.79956  0.25818   -4.79272  1.000 124.03693 ? 43  ASP B OD1 1 
ATOM 333  O OD2 . ASP A 1 43  ? 19.14071  0.48094   -6.51839  1.000 131.49962 ? 43  ASP B OD2 1 
ATOM 334  N N   . LEU A 1 44  ? 14.16223  -1.06114  -4.85750  1.000 108.07385 ? 44  LEU B N   1 
ATOM 335  C CA  . LEU A 1 44  ? 13.05056  -0.19463  -4.51384  1.000 98.54475  ? 44  LEU B CA  1 
ATOM 336  C C   . LEU A 1 44  ? 12.84044  -0.22284  -3.02083  1.000 95.22618  ? 44  LEU B C   1 
ATOM 337  O O   . LEU A 1 44  ? 12.78262  -1.29149  -2.42058  1.000 97.71457  ? 44  LEU B O   1 
ATOM 338  C CB  . LEU A 1 44  ? 11.75490  -0.63618  -5.20668  1.000 99.45768  ? 44  LEU B CB  1 
ATOM 339  C CG  . LEU A 1 44  ? 11.69474  -0.41062  -6.71642  1.000 99.01317  ? 44  LEU B CG  1 
ATOM 340  C CD1 . LEU A 1 44  ? 10.45356  -1.01825  -7.34607  1.000 87.98239  ? 44  LEU B CD1 1 
ATOM 341  C CD2 . LEU A 1 44  ? 11.76613  1.07874   -7.00104  1.000 103.85487 ? 44  LEU B CD2 1 
ATOM 342  N N   . ASN A 1 45  ? 12.73252  0.94961   -2.43165  1.000 94.99394  ? 45  ASN B N   1 
ATOM 343  C CA  . ASN A 1 45  ? 12.28353  1.04708   -1.06231  1.000 92.11427  ? 45  ASN B CA  1 
ATOM 344  C C   . ASN A 1 45  ? 10.79178  0.64286   -1.01153  1.000 100.07774 ? 45  ASN B C   1 
ATOM 345  O O   . ASN A 1 45  ? 10.11331  0.56682   -2.04492  1.000 98.62376  ? 45  ASN B O   1 
ATOM 346  C CB  . ASN A 1 45  ? 12.56695  2.47656   -0.58720  1.000 85.62452  ? 45  ASN B CB  1 
ATOM 347  C CG  . ASN A 1 45  ? 12.16441  2.72096   0.83343   1.000 102.59034 ? 45  ASN B CG  1 
ATOM 348  O OD1 . ASN A 1 45  ? 11.03377  2.44218   1.23730   1.000 103.98710 ? 45  ASN B OD1 1 
ATOM 349  N ND2 . ASN A 1 45  ? 13.10260  3.25822   1.62329   1.000 103.48027 ? 45  ASN B ND2 1 
ATOM 350  N N   . ILE A 1 46  ? 10.29638  0.30368   0.19041   1.000 99.94364  ? 46  ILE B N   1 
ATOM 351  C CA  . ILE A 1 46  ? 8.85864   0.04247   0.36531   1.000 95.47005  ? 46  ILE B CA  1 
ATOM 352  C C   . ILE A 1 46  ? 8.02742   1.24788   -0.08000  1.000 97.06448  ? 46  ILE B C   1 
ATOM 353  O O   . ILE A 1 46  ? 7.07329   1.11954   -0.86872  1.000 94.30550  ? 46  ILE B O   1 
ATOM 354  C CB  . ILE A 1 46  ? 8.54628   -0.34098  1.83157   1.000 95.37841  ? 46  ILE B CB  1 
ATOM 355  C CG1 . ILE A 1 46  ? 8.96129   -1.75199  2.20925   1.000 84.64596  ? 46  ILE B CG1 1 
ATOM 356  C CG2 . ILE A 1 46  ? 7.05960   -0.32357  2.07355   1.000 93.88026  ? 46  ILE B CG2 1 
ATOM 357  C CD1 . ILE A 1 46  ? 8.65275   -2.74352  1.15642   1.000 95.31343  ? 46  ILE B CD1 1 
ATOM 358  N N   . ASN A 1 47  ? 8.36758   2.43449   0.43747   1.000 94.85661  ? 47  ASN B N   1 
ATOM 359  C CA  . ASN A 1 47  ? 7.67473   3.66120   0.05460   1.000 91.29786  ? 47  ASN B CA  1 
ATOM 360  C C   . ASN A 1 47  ? 7.61522   3.82954   -1.45533  1.000 93.15076  ? 47  ASN B C   1 
ATOM 361  O O   . ASN A 1 47  ? 6.57266   4.19217   -2.00022  1.000 96.75807  ? 47  ASN B O   1 
ATOM 362  C CB  . ASN A 1 47  ? 8.34990   4.86968   0.70763   1.000 85.57979  ? 47  ASN B CB  1 
ATOM 363  C CG  . ASN A 1 47  ? 8.34036   4.80649   2.24300   1.000 98.50153  ? 47  ASN B CG  1 
ATOM 364  O OD1 . ASN A 1 47  ? 7.35504   5.17645   2.89333   1.000 89.24210  ? 47  ASN B OD1 1 
ATOM 365  N ND2 . ASN A 1 47  ? 9.40855   4.26081   2.81864   1.000 111.35964 ? 47  ASN B ND2 1 
ATOM 366  N N   . GLU A 1 48  ? 8.71471   3.55455   -2.14791  1.000 90.35941  ? 48  GLU B N   1 
ATOM 367  C CA  . GLU A 1 48  ? 8.78147   3.81092   -3.58073  1.000 88.56146  ? 48  GLU B CA  1 
ATOM 368  C C   . GLU A 1 48  ? 7.79987   2.93747   -4.34796  1.000 91.33514  ? 48  GLU B C   1 
ATOM 369  O O   . GLU A 1 48  ? 7.07799   3.40861   -5.23881  1.000 88.46212  ? 48  GLU B O   1 
ATOM 370  C CB  . GLU A 1 48  ? 10.20690  3.56425   -4.04879  1.000 89.29230  ? 48  GLU B CB  1 
ATOM 371  C CG  . GLU A 1 48  ? 11.21021  4.48634   -3.37342  1.000 95.93874  ? 48  GLU B CG  1 
ATOM 372  C CD  . GLU A 1 48  ? 12.61256  4.34223   -3.93108  1.000 101.16479 ? 48  GLU B CD  1 
ATOM 373  O OE1 . GLU A 1 48  ? 12.88812  3.29316   -4.54659  1.000 104.86631 ? 48  GLU B OE1 1 
ATOM 374  O OE2 . GLU A 1 48  ? 13.43491  5.26941   -3.74787  1.000 99.84408  ? 48  GLU B OE2 1 
ATOM 375  N N   . HIS A 1 49  ? 7.75971   1.65588   -4.02419  1.000 92.65460  ? 49  HIS B N   1 
ATOM 376  C CA  . HIS A 1 49  ? 6.76852   0.79718   -4.65456  1.000 94.65594  ? 49  HIS B CA  1 
ATOM 377  C C   . HIS A 1 49  ? 5.34920   1.28046   -4.33990  1.000 94.60706  ? 49  HIS B C   1 
ATOM 378  O O   . HIS A 1 49  ? 4.49106   1.36388   -5.23449  1.000 88.63859  ? 49  HIS B O   1 
ATOM 379  C CB  . HIS A 1 49  ? 6.99507   -0.64172  -4.18980  1.000 88.34983  ? 49  HIS B CB  1 
ATOM 380  C CG  . HIS A 1 49  ? 6.18841   -1.65542  -4.93306  1.000 92.14373  ? 49  HIS B CG  1 
ATOM 381  N ND1 . HIS A 1 49  ? 5.29993   -2.50320  -4.30646  1.000 94.34524  ? 49  HIS B ND1 1 
ATOM 382  C CD2 . HIS A 1 49  ? 6.12955   -1.95838  -6.25043  1.000 101.37883 ? 49  HIS B CD2 1 
ATOM 383  C CE1 . HIS A 1 49  ? 4.72662   -3.28307  -5.20665  1.000 96.35343  ? 49  HIS B CE1 1 
ATOM 384  N NE2 . HIS A 1 49  ? 5.21154   -2.97274  -6.39470  1.000 100.90143 ? 49  HIS B NE2 1 
ATOM 385  N N   . HIS A 1 50  ? 5.09581   1.62190   -3.06946  1.000 91.89001  ? 50  HIS B N   1 
ATOM 386  C CA  . HIS A 1 50  ? 3.78950   2.14411   -2.67047  1.000 87.95221  ? 50  HIS B CA  1 
ATOM 387  C C   . HIS A 1 50  ? 3.39162   3.34756   -3.50727  1.000 90.69735  ? 50  HIS B C   1 
ATOM 388  O O   . HIS A 1 50  ? 2.23630   3.47207   -3.94455  1.000 92.33821  ? 50  HIS B O   1 
ATOM 389  C CB  . HIS A 1 50  ? 3.82320   2.48260   -1.17845  1.000 90.78999  ? 50  HIS B CB  1 
ATOM 390  C CG  . HIS A 1 50  ? 2.47527   2.52340   -0.53125  1.000 85.42563  ? 50  HIS B CG  1 
ATOM 391  N ND1 . HIS A 1 50  ? 1.35591   1.98604   -1.12743  1.000 85.91017  ? 50  HIS B ND1 1 
ATOM 392  C CD2 . HIS A 1 50  ? 2.09900   2.88124   0.72068   1.000 76.71271  ? 50  HIS B CD2 1 
ATOM 393  C CE1 . HIS A 1 50  ? 0.32499   2.11239   -0.31188  1.000 82.25376  ? 50  HIS B CE1 1 
ATOM 394  N NE2 . HIS A 1 50  ? 0.75281   2.63120   0.82418   1.000 76.45171  ? 50  HIS B NE2 1 
ATOM 395  N N   . ILE A 1 51  ? 4.35548   4.21774   -3.77735  1.000 89.52363  ? 51  ILE B N   1 
ATOM 396  C CA  . ILE A 1 51  ? 4.09624   5.42782   -4.53979  1.000 89.10355  ? 51  ILE B CA  1 
ATOM 397  C C   . ILE A 1 51  ? 3.75163   5.06376   -5.97519  1.000 91.04637  ? 51  ILE B C   1 
ATOM 398  O O   . ILE A 1 51  ? 2.80862   5.60360   -6.57321  1.000 91.38903  ? 51  ILE B O   1 
ATOM 399  C CB  . ILE A 1 51  ? 5.33280   6.33575   -4.45117  1.000 83.76221  ? 51  ILE B CB  1 
ATOM 400  C CG1 . ILE A 1 51  ? 5.48906   6.85998   -3.01191  1.000 87.93304  ? 51  ILE B CG1 1 
ATOM 401  C CG2 . ILE A 1 51  ? 5.23728   7.44939   -5.45367  1.000 76.23479  ? 51  ILE B CG2 1 
ATOM 402  C CD1 . ILE A 1 51  ? 6.71260   7.72842   -2.76446  1.000 83.26928  ? 51  ILE B CD1 1 
ATOM 403  N N   . LEU A 1 52  ? 4.48624   4.10249   -6.52994  1.000 89.10343  ? 52  LEU B N   1 
ATOM 404  C CA  . LEU A 1 52  ? 4.25021   3.68634   -7.90094  1.000 85.69137  ? 52  LEU B CA  1 
ATOM 405  C C   . LEU A 1 52  ? 2.85087   3.11877   -8.05269  1.000 87.25557  ? 52  LEU B C   1 
ATOM 406  O O   . LEU A 1 52  ? 2.16246   3.37330   -9.04773  1.000 91.81630  ? 52  LEU B O   1 
ATOM 407  C CB  . LEU A 1 52  ? 5.27751   2.63379   -8.28522  1.000 100.23182 ? 52  LEU B CB  1 
ATOM 408  C CG  . LEU A 1 52  ? 6.76149   3.00550   -8.34229  1.000 99.29619  ? 52  LEU B CG  1 
ATOM 409  C CD1 . LEU A 1 52  ? 7.54694   1.99095   -9.16614  1.000 94.74306  ? 52  LEU B CD1 1 
ATOM 410  C CD2 . LEU A 1 52  ? 6.98480   4.39272   -8.85973  1.000 101.34857 ? 52  LEU B CD2 1 
ATOM 411  N N   . TRP A 1 53  ? 2.40619   2.34203   -7.06618  1.000 91.32048  ? 53  TRP B N   1 
ATOM 412  C CA  . TRP A 1 53  ? 1.05405   1.79962   -7.15786  1.000 97.14922  ? 53  TRP B CA  1 
ATOM 413  C C   . TRP A 1 53  ? 0.02952   2.90504   -7.04619  1.000 94.45903  ? 53  TRP B C   1 
ATOM 414  O O   . TRP A 1 53  ? -0.98952  2.88952   -7.74762  1.000 96.38577  ? 53  TRP B O   1 
ATOM 415  C CB  . TRP A 1 53  ? 0.77578   0.74536   -6.08293  1.000 94.36320  ? 53  TRP B CB  1 
ATOM 416  C CG  . TRP A 1 53  ? 0.94842   -0.66461  -6.56248  1.000 98.24254  ? 53  TRP B CG  1 
ATOM 417  C CD1 . TRP A 1 53  ? 1.81197   -1.59867  -6.05980  1.000 102.49180 ? 53  TRP B CD1 1 
ATOM 418  C CD2 . TRP A 1 53  ? 0.27623   -1.29523  -7.66344  1.000 101.92963 ? 53  TRP B CD2 1 
ATOM 419  N NE1 . TRP A 1 53  ? 1.71288   -2.77479  -6.76866  1.000 110.55700 ? 53  TRP B NE1 1 
ATOM 420  C CE2 . TRP A 1 53  ? 0.78186   -2.61594  -7.76189  1.000 111.10045 ? 53  TRP B CE2 1 
ATOM 421  C CE3 . TRP A 1 53  ? -0.69154  -0.87404  -8.58033  1.000 105.85124 ? 53  TRP B CE3 1 
ATOM 422  C CZ2 . TRP A 1 53  ? 0.34464   -3.51819  -8.73750  1.000 110.99246 ? 53  TRP B CZ2 1 
ATOM 423  C CZ3 . TRP A 1 53  ? -1.12238  -1.77480  -9.55156  1.000 114.04173 ? 53  TRP B CZ3 1 
ATOM 424  C CH2 . TRP A 1 53  ? -0.60384  -3.07843  -9.62142  1.000 110.23022 ? 53  TRP B CH2 1 
ATOM 425  N N   . ILE A 1 54  ? 0.25534   3.84763   -6.13518  1.000 87.45583  ? 54  ILE B N   1 
ATOM 426  C CA  . ILE A 1 54  ? -0.71069  4.92553   -5.99990  1.000 88.53610  ? 54  ILE B CA  1 
ATOM 427  C C   . ILE A 1 54  ? -0.89074  5.62533   -7.33725  1.000 93.90672  ? 54  ILE B C   1 
ATOM 428  O O   . ILE A 1 54  ? -2.02286  5.90026   -7.76966  1.000 98.93245  ? 54  ILE B O   1 
ATOM 429  C CB  . ILE A 1 54  ? -0.28694  5.90535   -4.89637  1.000 88.45991  ? 54  ILE B CB  1 
ATOM 430  C CG1 . ILE A 1 54  ? -0.39467  5.23968   -3.52085  1.000 90.59714  ? 54  ILE B CG1 1 
ATOM 431  C CG2 . ILE A 1 54  ? -1.16857  7.13229   -4.94218  1.000 88.40861  ? 54  ILE B CG2 1 
ATOM 432  C CD1 . ILE A 1 54  ? 0.26715   6.02364   -2.38525  1.000 83.56012  ? 54  ILE B CD1 1 
ATOM 433  N N   . ALA A 1 55  ? 0.21982   5.86179   -8.04533  1.000 93.65979  ? 55  ALA B N   1 
ATOM 434  C CA  . ALA A 1 55  ? 0.12694   6.49195   -9.35823  1.000 87.67960  ? 55  ALA B CA  1 
ATOM 435  C C   . ALA A 1 55  ? -0.64086  5.62116   -10.33580 1.000 90.89209  ? 55  ALA B C   1 
ATOM 436  O O   . ALA A 1 55  ? -1.48212  6.12252   -11.08969 1.000 94.86349  ? 55  ALA B O   1 
ATOM 437  C CB  . ALA A 1 55  ? 1.50801   6.80057   -9.91041  1.000 81.06393  ? 55  ALA B CB  1 
ATOM 438  N N   . TYR A 1 56  ? -0.37128  4.31572   -10.34672 1.000 89.78263  ? 56  TYR B N   1 
ATOM 439  C CA  . TYR A 1 56  ? -1.11756  3.47015   -11.27029 1.000 95.99747  ? 56  TYR B CA  1 
ATOM 440  C C   . TYR A 1 56  ? -2.61451  3.58048   -11.01862 1.000 97.14714  ? 56  TYR B C   1 
ATOM 441  O O   . TYR A 1 56  ? -3.40059  3.77679   -11.95392 1.000 96.20549  ? 56  TYR B O   1 
ATOM 442  C CB  . TYR A 1 56  ? -0.67914  2.01342   -11.16907 1.000 99.40566  ? 56  TYR B CB  1 
ATOM 443  C CG  . TYR A 1 56  ? -1.55943  1.14341   -12.03033 1.000 103.05987 ? 56  TYR B CG  1 
ATOM 444  C CD1 . TYR A 1 56  ? -1.32065  1.00897   -13.39970 1.000 105.10304 ? 56  TYR B CD1 1 
ATOM 445  C CD2 . TYR A 1 56  ? -2.64798  0.47849   -11.48571 1.000 99.34252  ? 56  TYR B CD2 1 
ATOM 446  C CE1 . TYR A 1 56  ? -2.13670  0.22656   -14.18973 1.000 100.50390 ? 56  TYR B CE1 1 
ATOM 447  C CE2 . TYR A 1 56  ? -3.46021  -0.29844  -12.26954 1.000 105.71076 ? 56  TYR B CE2 1 
ATOM 448  C CZ  . TYR A 1 56  ? -3.20322  -0.41886  -13.61195 1.000 101.97572 ? 56  TYR B CZ  1 
ATOM 449  O OH  . TYR A 1 56  ? -4.03553  -1.19632  -14.35875 1.000 110.53747 ? 56  TYR B OH  1 
ATOM 450  N N   . HIS A 1 57  ? -3.01583  3.47787   -9.75049  1.000 98.14506  ? 57  HIS B N   1 
ATOM 451  C CA  . HIS A 1 57  ? -4.42713  3.36075   -9.40136  1.000 95.96045  ? 57  HIS B CA  1 
ATOM 452  C C   . HIS A 1 57  ? -5.16944  4.67059   -9.64210  1.000 94.68293  ? 57  HIS B C   1 
ATOM 453  O O   . HIS A 1 57  ? -6.33925  4.65516   -10.04533 1.000 96.21847  ? 57  HIS B O   1 
ATOM 454  C CB  . HIS A 1 57  ? -4.58806  2.95790   -7.92888  1.000 99.01081  ? 57  HIS B CB  1 
ATOM 455  C CG  . HIS A 1 57  ? -4.23215  1.52652   -7.60436  1.000 109.68715 ? 57  HIS B CG  1 
ATOM 456  N ND1 . HIS A 1 57  ? -4.39972  0.47105   -8.48193  1.000 108.75603 ? 57  HIS B ND1 1 
ATOM 457  C CD2 . HIS A 1 57  ? -3.75144  0.98412   -6.45444  1.000 103.48526 ? 57  HIS B CD2 1 
ATOM 458  C CE1 . HIS A 1 57  ? -4.01823  -0.65159  -7.88955  1.000 106.13229 ? 57  HIS B CE1 1 
ATOM 459  N NE2 . HIS A 1 57  ? -3.62225  -0.36710  -6.66033  1.000 100.64526 ? 57  HIS B NE2 1 
ATOM 460  N N   . PHE A 1 58  ? -4.52993  5.81262   -9.35770  1.000 91.57322  ? 58  PHE B N   1 
ATOM 461  C CA  . PHE A 1 58  ? -5.19755  7.10614   -9.45417  1.000 90.11617  ? 58  PHE B CA  1 
ATOM 462  C C   . PHE A 1 58  ? -4.90577  7.84531   -10.75186 1.000 90.61015  ? 58  PHE B C   1 
ATOM 463  O O   . PHE A 1 58  ? -5.32812  8.99803   -10.88956 1.000 94.65074  ? 58  PHE B O   1 
ATOM 464  C CB  . PHE A 1 58  ? -4.82994  8.02592   -8.28236  1.000 88.35355  ? 58  PHE B CB  1 
ATOM 465  C CG  . PHE A 1 58  ? -5.45441  7.65120   -6.97067  1.000 88.09902  ? 58  PHE B CG  1 
ATOM 466  C CD1 . PHE A 1 58  ? -4.84669  6.75644   -6.13313  1.000 89.03768  ? 58  PHE B CD1 1 
ATOM 467  C CD2 . PHE A 1 58  ? -6.67883  8.18234   -6.59381  1.000 94.87613  ? 58  PHE B CD2 1 
ATOM 468  C CE1 . PHE A 1 58  ? -5.42910  6.41192   -4.93041  1.000 87.35377  ? 58  PHE B CE1 1 
ATOM 469  C CE2 . PHE A 1 58  ? -7.26595  7.82890   -5.39872  1.000 88.78964  ? 58  PHE B CE2 1 
ATOM 470  C CZ  . PHE A 1 58  ? -6.64238  6.95059   -4.56886  1.000 82.41889  ? 58  PHE B CZ  1 
ATOM 471  N N   . LYS A 1 59  ? -4.20570  7.21720   -11.69932 1.000 89.85773  ? 59  LYS B N   1 
ATOM 472  C CA  . LYS A 1 59  ? -3.85143  7.83887   -12.98278 1.000 90.13619  ? 59  LYS B CA  1 
ATOM 473  C C   . LYS A 1 59  ? -3.04725  9.11181   -12.76951 1.000 87.54949  ? 59  LYS B C   1 
ATOM 474  O O   . LYS A 1 59  ? -3.37019  10.17655  -13.29720 1.000 93.36458  ? 59  LYS B O   1 
ATOM 475  C CB  . LYS A 1 59  ? -5.08331  8.13141   -13.83935 1.000 90.71603  ? 59  LYS B CB  1 
ATOM 476  C CG  . LYS A 1 59  ? -4.76278  8.29686   -15.31961 1.000 92.82914  ? 59  LYS B CG  1 
ATOM 477  C CD  . LYS A 1 59  ? -5.96882  8.03381   -16.20297 1.000 99.87255  ? 59  LYS B CD  1 
ATOM 478  C CE  . LYS A 1 59  ? -5.55940  7.75598   -17.63188 1.000 103.61335 ? 59  LYS B CE  1 
ATOM 479  N NZ  . LYS A 1 59  ? -6.64889  7.04876   -18.35360 1.000 109.81034 ? 59  LYS B NZ  1 
ATOM 480  N N   . GLY A 1 60  ? -1.97812  8.98527   -12.01090 1.000 83.61401  ? 60  GLY B N   1 
ATOM 481  C CA  . GLY A 1 60  ? -1.21391  10.12969  -11.57089 1.000 81.21308  ? 60  GLY B CA  1 
ATOM 482  C C   . GLY A 1 60  ? -1.82105  10.74541  -10.33460 1.000 82.23936  ? 60  GLY B C   1 
ATOM 483  O O   . GLY A 1 60  ? -3.00067  10.53990  -10.02465 1.000 82.32026  ? 60  GLY B O   1 
ATOM 484  N N   . ALA A 1 61  ? -1.00304  11.51987  -9.61083  1.000 77.60468  ? 61  ALA B N   1 
ATOM 485  C CA  . ALA A 1 61  ? -1.45107  12.13456  -8.36586  1.000 85.93506  ? 61  ALA B CA  1 
ATOM 486  C C   . ALA A 1 61  ? -0.57911  13.31669  -7.98425  1.000 88.63539  ? 61  ALA B C   1 
ATOM 487  O O   . ALA A 1 61  ? 0.54940   13.46428  -8.45501  1.000 83.63578  ? 61  ALA B O   1 
ATOM 488  C CB  . ALA A 1 61  ? -1.45691  11.12997  -7.21522  1.000 84.64507  ? 61  ALA B CB  1 
ATOM 489  N N   . SER A 1 62  ? -1.14678  14.15927  -7.12753  1.000 88.20250  ? 62  SER B N   1 
ATOM 490  C CA  . SER A 1 62  ? -0.43117  15.16053  -6.37568  1.000 84.22755  ? 62  SER B CA  1 
ATOM 491  C C   . SER A 1 62  ? 0.44352   14.49482  -5.31747  1.000 89.84431  ? 62  SER B C   1 
ATOM 492  O O   . SER A 1 62  ? 0.18337   13.37089  -4.88702  1.000 92.67108  ? 62  SER B O   1 
ATOM 493  C CB  . SER A 1 62  ? -1.45605  16.11354  -5.77443  1.000 88.36400  ? 62  SER B CB  1 
ATOM 494  O OG  . SER A 1 62  ? -1.98193  15.59318  -4.57467  1.000 89.00087  ? 62  SER B OG  1 
ATOM 495  N N   . ILE A 1 63  ? 1.52716   15.17497  -4.93284  1.000 92.70699  ? 63  ILE B N   1 
ATOM 496  C CA  . ILE A 1 63  ? 2.27439   14.72090  -3.76133  1.000 87.52574  ? 63  ILE B CA  1 
ATOM 497  C C   . ILE A 1 63  ? 1.35359   14.64194  -2.55242  1.000 88.31731  ? 63  ILE B C   1 
ATOM 498  O O   . ILE A 1 63  ? 1.43755   13.70090  -1.76753  1.000 93.04267  ? 63  ILE B O   1 
ATOM 499  C CB  . ILE A 1 63  ? 3.51345   15.60611  -3.48492  1.000 87.16515  ? 63  ILE B CB  1 
ATOM 500  C CG1 . ILE A 1 63  ? 4.74998   15.11391  -4.22484  1.000 88.97131  ? 63  ILE B CG1 1 
ATOM 501  C CG2 . ILE A 1 63  ? 3.90025   15.59048  -2.02123  1.000 85.84409  ? 63  ILE B CG2 1 
ATOM 502  C CD1 . ILE A 1 63  ? 4.60582   14.93792  -5.67178  1.000 86.75346  ? 63  ILE B CD1 1 
ATOM 503  N N   . SER A 1 64  ? 0.44799   15.60226  -2.38115  1.000 88.46234  ? 64  SER B N   1 
ATOM 504  C CA  . SER A 1 64  ? -0.37552  15.53249  -1.18304  1.000 91.44046  ? 64  SER B CA  1 
ATOM 505  C C   . SER A 1 64  ? -1.27477  14.30786  -1.23217  1.000 91.20635  ? 64  SER B C   1 
ATOM 506  O O   . SER A 1 64  ? -1.51327  13.65657  -0.20561  1.000 94.39489  ? 64  SER B O   1 
ATOM 507  C CB  . SER A 1 64  ? -1.18752  16.81019  -0.99718  1.000 99.43438  ? 64  SER B CB  1 
ATOM 508  O OG  . SER A 1 64  ? -1.83932  16.78420  0.27320   1.000 108.25951 ? 64  SER B OG  1 
ATOM 509  N N   . GLU A 1 65  ? -1.72929  13.94045  -2.43195  1.000 92.05188  ? 65  GLU B N   1 
ATOM 510  C CA  . GLU A 1 65  ? -2.44926  12.68059  -2.59948  1.000 92.96221  ? 65  GLU B CA  1 
ATOM 511  C C   . GLU A 1 65  ? -1.55837  11.51253  -2.21389  1.000 87.80772  ? 65  GLU B C   1 
ATOM 512  O O   . GLU A 1 65  ? -1.94362  10.63719  -1.42355  1.000 87.53607  ? 65  GLU B O   1 
ATOM 513  C CB  . GLU A 1 65  ? -2.92493  12.54798  -4.05403  1.000 88.79035  ? 65  GLU B CB  1 
ATOM 514  C CG  . GLU A 1 65  ? -4.13723  13.40663  -4.36807  1.000 97.42121  ? 65  GLU B CG  1 
ATOM 515  C CD  . GLU A 1 65  ? -4.68028  13.22833  -5.77153  1.000 106.69910 ? 65  GLU B CD  1 
ATOM 516  O OE1 . GLU A 1 65  ? -4.88435  12.07295  -6.20254  1.000 101.60939 ? 65  GLU B OE1 1 
ATOM 517  O OE2 . GLU A 1 65  ? -4.91570  14.27356  -6.42744  1.000 111.98289 ? 65  GLU B OE2 1 
ATOM 518  N N   . ILE A 1 66  ? -0.34313  11.51971  -2.73950  1.000 87.30412  ? 66  ILE B N   1 
ATOM 519  C CA  . ILE A 1 66  ? 0.59683   10.43300  -2.53263  1.000 87.45479  ? 66  ILE B CA  1 
ATOM 520  C C   . ILE A 1 66  ? 0.89328   10.24150  -1.05277  1.000 86.16854  ? 66  ILE B C   1 
ATOM 521  O O   . ILE A 1 66  ? 1.03071   9.11089   -0.56888  1.000 94.55736  ? 66  ILE B O   1 
ATOM 522  C CB  . ILE A 1 66  ? 1.87128   10.73400  -3.32307  1.000 84.08745  ? 66  ILE B CB  1 
ATOM 523  C CG1 . ILE A 1 66  ? 1.61163   10.47954  -4.78319  1.000 77.79512  ? 66  ILE B CG1 1 
ATOM 524  C CG2 . ILE A 1 66  ? 3.03056   9.91270   -2.81175  1.000 88.64294  ? 66  ILE B CG2 1 
ATOM 525  C CD1 . ILE A 1 66  ? 2.77465   10.82151  -5.57449  1.000 89.23815  ? 66  ILE B CD1 1 
ATOM 526  N N   . ALA A 1 67  ? 0.99713   11.33284  -0.30849  1.000 81.39600  ? 67  ALA B N   1 
ATOM 527  C CA  . ALA A 1 67  ? 1.29220   11.19782  1.10597   1.000 78.72621  ? 67  ALA B CA  1 
ATOM 528  C C   . ALA A 1 67  ? 0.05984   10.73985  1.86692   1.000 84.66917  ? 67  ALA B C   1 
ATOM 529  O O   . ALA A 1 67  ? 0.16497   9.92514   2.79529   1.000 88.48240  ? 67  ALA B O   1 
ATOM 530  C CB  . ALA A 1 67  ? 1.82164   12.51070  1.66848   1.000 80.08065  ? 67  ALA B CB  1 
ATOM 531  N N   . LYS A 1 68  ? -1.12262  11.24543  1.49162   1.000 82.46305  ? 68  LYS B N   1 
ATOM 532  C CA  . LYS A 1 68  ? -2.34305  10.77348  2.13513   1.000 78.07265  ? 68  LYS B CA  1 
ATOM 533  C C   . LYS A 1 68  ? -2.45883  9.25702   2.00657   1.000 83.40332  ? 68  LYS B C   1 
ATOM 534  O O   . LYS A 1 68  ? -2.43193  8.53104   3.00346   1.000 82.60581  ? 68  LYS B O   1 
ATOM 535  C CB  . LYS A 1 68  ? -3.57096  11.45651  1.52588   1.000 76.80531  ? 68  LYS B CB  1 
ATOM 536  C CG  . LYS A 1 68  ? -4.88484  11.10662  2.23360   1.000 75.31687  ? 68  LYS B CG  1 
ATOM 537  C CD  . LYS A 1 68  ? -6.13174  11.43546  1.38958   1.000 78.01301  ? 68  LYS B CD  1 
ATOM 538  C CE  . LYS A 1 68  ? -7.35422  11.79185  2.26581   1.000 86.98892  ? 68  LYS B CE  1 
ATOM 539  N NZ  . LYS A 1 68  ? -7.52404  10.89483  3.46645   1.000 91.84341  ? 68  LYS B NZ  1 
ATOM 540  N N   . PHE A 1 69  ? -2.55725  8.76024   0.77055   1.000 84.86678  ? 69  PHE B N   1 
ATOM 541  C CA  . PHE A 1 69  ? -2.79106  7.34038   0.51762   1.000 74.81308  ? 69  PHE B CA  1 
ATOM 542  C C   . PHE A 1 69  ? -1.57151  6.47955   0.81610   1.000 82.97555  ? 69  PHE B C   1 
ATOM 543  O O   . PHE A 1 69  ? -1.71153  5.26456   0.96978   1.000 91.79679  ? 69  PHE B O   1 
ATOM 544  C CB  . PHE A 1 69  ? -3.20054  7.16034   -0.94728  1.000 81.48925  ? 69  PHE B CB  1 
ATOM 545  C CG  . PHE A 1 69  ? -4.56207  7.72757   -1.28471  1.000 86.86301  ? 69  PHE B CG  1 
ATOM 546  C CD1 . PHE A 1 69  ? -5.73463  7.11754   -0.85698  1.000 88.90943  ? 69  PHE B CD1 1 
ATOM 547  C CD2 . PHE A 1 69  ? -4.66169  8.95004   -1.90438  1.000 84.64626  ? 69  PHE B CD2 1 
ATOM 548  C CE1 . PHE A 1 69  ? -6.97082  7.66525   -1.16073  1.000 81.49442  ? 69  PHE B CE1 1 
ATOM 549  C CE2 . PHE A 1 69  ? -5.88515  9.50489   -2.18128  1.000 84.05370  ? 69  PHE B CE2 1 
ATOM 550  C CZ  . PHE A 1 69  ? -7.03646  8.86834   -1.81325  1.000 83.15122  ? 69  PHE B CZ  1 
ATOM 551  N N   . GLY A 1 70  ? -0.38396  7.06259   0.86491   1.000 76.28950  ? 70  GLY B N   1 
ATOM 552  C CA  . GLY A 1 70  ? 0.81527   6.32926   1.17418   1.000 73.72446  ? 70  GLY B CA  1 
ATOM 553  C C   . GLY A 1 70  ? 1.14727   6.32549   2.64045   1.000 84.23338  ? 70  GLY B C   1 
ATOM 554  O O   . GLY A 1 70  ? 2.15809   5.75355   3.06035   1.000 94.22395  ? 70  GLY B O   1 
ATOM 555  N N   . VAL A 1 71  ? 0.29149   6.93086   3.44623   1.000 81.04207  ? 71  VAL B N   1 
ATOM 556  C CA  . VAL A 1 71  ? 0.57482   7.21973   4.84632   1.000 79.85147  ? 71  VAL B CA  1 
ATOM 557  C C   . VAL A 1 71  ? 2.05240   7.52255   5.07595   1.000 85.63351  ? 71  VAL B C   1 
ATOM 558  O O   . VAL A 1 71  ? 2.73899   6.86229   5.86634   1.000 86.81119  ? 71  VAL B O   1 
ATOM 559  C CB  . VAL A 1 71  ? 0.03533   6.10876   5.76965   1.000 77.76475  ? 71  VAL B CB  1 
ATOM 560  C CG1 . VAL A 1 71  ? -1.31633  5.71222   5.32864   1.000 82.15019  ? 71  VAL B CG1 1 
ATOM 561  C CG2 . VAL A 1 71  ? 0.80019   4.88799   5.67205   1.000 90.69647  ? 71  VAL B CG2 1 
ATOM 562  N N   . MET A 1 72  ? 2.54260   8.56261   4.40427   1.000 90.06300  ? 72  MET B N   1 
ATOM 563  C CA  . MET A 1 72  ? 3.85848   9.10916   4.68941   1.000 90.30409  ? 72  MET B CA  1 
ATOM 564  C C   . MET A 1 72  ? 3.73864   10.61686  4.81912   1.000 87.30686  ? 72  MET B C   1 
ATOM 565  O O   . MET A 1 72  ? 2.67753   11.19309  4.57352   1.000 94.64121  ? 72  MET B O   1 
ATOM 566  C CB  . MET A 1 72  ? 4.86224   8.71117   3.60128   1.000 83.84482  ? 72  MET B CB  1 
ATOM 567  C CG  . MET A 1 72  ? 4.51823   9.19105   2.24225   1.000 81.65159  ? 72  MET B CG  1 
ATOM 568  S SD  . MET A 1 72  ? 5.56069   8.50502   0.94326   1.000 93.16756  ? 72  MET B SD  1 
ATOM 569  C CE  . MET A 1 72  ? 5.24530   6.75179   1.13622   1.000 90.78935  ? 72  MET B CE  1 
ATOM 570  N N   . HIS A 1 73  ? 4.82831   11.24367  5.24436   1.000 86.92174  ? 73  HIS B N   1 
ATOM 571  C CA  . HIS A 1 73  ? 4.88996   12.69342  5.29388   1.000 87.75657  ? 73  HIS B CA  1 
ATOM 572  C C   . HIS A 1 73  ? 5.07583   13.27219  3.88526   1.000 86.36242  ? 73  HIS B C   1 
ATOM 573  O O   . HIS A 1 73  ? 5.41839   12.57020  2.92485   1.000 83.10327  ? 73  HIS B O   1 
ATOM 574  C CB  . HIS A 1 73  ? 6.01468   13.12116  6.22811   1.000 90.47641  ? 73  HIS B CB  1 
ATOM 575  C CG  . HIS A 1 73  ? 5.66667   12.98268  7.67372   1.000 92.16737  ? 73  HIS B CG  1 
ATOM 576  N ND1 . HIS A 1 73  ? 5.56666   11.75663  8.29326   1.000 101.75695 ? 73  HIS B ND1 1 
ATOM 577  C CD2 . HIS A 1 73  ? 5.38812   13.90726  8.62230   1.000 101.35024 ? 73  HIS B CD2 1 
ATOM 578  C CE1 . HIS A 1 73  ? 5.23784   11.93052  9.56055   1.000 104.94110 ? 73  HIS B CE1 1 
ATOM 579  N NE2 . HIS A 1 73  ? 5.12213   13.22706  9.78652   1.000 109.30340 ? 73  HIS B NE2 1 
ATOM 580  N N   . VAL A 1 74  ? 4.80610   14.56817  3.74843   1.000 86.54624  ? 74  VAL B N   1 
ATOM 581  C CA  . VAL A 1 74  ? 4.94343   15.16305  2.42478   1.000 91.90219  ? 74  VAL B CA  1 
ATOM 582  C C   . VAL A 1 74  ? 6.39373   15.10946  1.99185   1.000 92.73244  ? 74  VAL B C   1 
ATOM 583  O O   . VAL A 1 74  ? 6.71548   14.73905  0.85136   1.000 91.01681  ? 74  VAL B O   1 
ATOM 584  C CB  . VAL A 1 74  ? 4.39800   16.60367  2.41321   1.000 97.03472  ? 74  VAL B CB  1 
ATOM 585  C CG1 . VAL A 1 74  ? 4.98172   17.38970  1.25423   1.000 87.93864  ? 74  VAL B CG1 1 
ATOM 586  C CG2 . VAL A 1 74  ? 2.89374   16.58858  2.23916   1.000 98.68643  ? 74  VAL B CG2 1 
ATOM 587  N N   . SER A 1 75  ? 7.28495   15.47111  2.91066   1.000 94.51178  ? 75  SER B N   1 
ATOM 588  C CA  . SER A 1 75  ? 8.71173   15.49540  2.63733   1.000 91.59073  ? 75  SER B CA  1 
ATOM 589  C C   . SER A 1 75  ? 9.16893   14.19313  2.00992   1.000 91.31955  ? 75  SER B C   1 
ATOM 590  O O   . SER A 1 75  ? 9.74210   14.18026  0.91554   1.000 92.71213  ? 75  SER B O   1 
ATOM 591  C CB  . SER A 1 75  ? 9.42959   15.74147  3.94686   1.000 89.40604  ? 75  SER B CB  1 
ATOM 592  O OG  . SER A 1 75  ? 8.62243   16.62419  4.70787   1.000 103.06156 ? 75  SER B OG  1 
ATOM 593  N N   . THR A 1 76  ? 8.92113   13.08802  2.69947   1.000 89.57669  ? 76  THR B N   1 
ATOM 594  C CA  . THR A 1 76  ? 9.31992   11.78977  2.19023   1.000 90.65085  ? 76  THR B CA  1 
ATOM 595  C C   . THR A 1 76  ? 8.72983   11.54840  0.80696   1.000 90.43666  ? 76  THR B C   1 
ATOM 596  O O   . THR A 1 76  ? 9.40383   11.00995  -0.07854  1.000 92.18349  ? 76  THR B O   1 
ATOM 597  C CB  . THR A 1 76  ? 8.85101   10.72514  3.16784   1.000 89.14030  ? 76  THR B CB  1 
ATOM 598  O OG1 . THR A 1 76  ? 7.42300   10.76898  3.20581   1.000 105.65900 ? 76  THR B OG1 1 
ATOM 599  C CG2 . THR A 1 76  ? 9.34684   11.04411  4.58099   1.000 81.37732  ? 76  THR B CG2 1 
ATOM 600  N N   . ALA A 1 77  ? 7.47219   11.95488  0.59940   1.000 90.86521  ? 77  ALA B N   1 
ATOM 601  C CA  . ALA A 1 77  ? 6.81559   11.70500  -0.67935  1.000 90.91922  ? 77  ALA B CA  1 
ATOM 602  C C   . ALA A 1 77  ? 7.52065   12.44739  -1.80069  1.000 91.57907  ? 77  ALA B C   1 
ATOM 603  O O   . ALA A 1 77  ? 7.75377   11.89099  -2.87927  1.000 87.45541  ? 77  ALA B O   1 
ATOM 604  C CB  . ALA A 1 77  ? 5.34691   12.09814  -0.59732  1.000 83.95420  ? 77  ALA B CB  1 
ATOM 605  N N   . PHE A 1 78  ? 7.95017   13.67951  -1.53266  1.000 91.64958  ? 78  PHE B N   1 
ATOM 606  C CA  . PHE A 1 78  ? 8.72460   14.38674  -2.53970  1.000 96.58056  ? 78  PHE B CA  1 
ATOM 607  C C   . PHE A 1 78  ? 10.08975  13.73872  -2.75853  1.000 102.13403 ? 78  PHE B C   1 
ATOM 608  O O   . PHE A 1 78  ? 10.49993  13.52389  -3.90731  1.000 97.97097  ? 78  PHE B O   1 
ATOM 609  C CB  . PHE A 1 78  ? 8.85004   15.86168  -2.17395  1.000 97.63022  ? 78  PHE B CB  1 
ATOM 610  C CG  . PHE A 1 78  ? 9.43628   16.68953  -3.27640  1.000 100.29862 ? 78  PHE B CG  1 
ATOM 611  C CD1 . PHE A 1 78  ? 8.74432   16.86949  -4.45363  1.000 96.30153  ? 78  PHE B CD1 1 
ATOM 612  C CD2 . PHE A 1 78  ? 10.63714  17.33715  -3.11415  1.000 108.40118 ? 78  PHE B CD2 1 
ATOM 613  C CE1 . PHE A 1 78  ? 9.26514   17.61649  -5.46641  1.000 97.50214  ? 78  PHE B CE1 1 
ATOM 614  C CE2 . PHE A 1 78  ? 11.15848  18.10794  -4.12999  1.000 111.76440 ? 78  PHE B CE2 1 
ATOM 615  C CZ  . PHE A 1 78  ? 10.46631  18.24460  -5.30842  1.000 105.09709 ? 78  PHE B CZ  1 
ATOM 616  N N   . ASN A 1 79  ? 10.78659  13.38575  -1.67294  1.000 102.56983 ? 79  ASN B N   1 
ATOM 617  C CA  . ASN A 1 79  ? 12.14932  12.86349  -1.78288  1.000 101.83303 ? 79  ASN B CA  1 
ATOM 618  C C   . ASN A 1 79  ? 12.17471  11.56268  -2.57490  1.000 96.78960  ? 79  ASN B C   1 
ATOM 619  O O   . ASN A 1 79  ? 12.96649  11.39632  -3.51343  1.000 101.31773 ? 79  ASN B O   1 
ATOM 620  C CB  . ASN A 1 79  ? 12.74811  12.65998  -0.38132  1.000 103.19778 ? 79  ASN B CB  1 
ATOM 621  C CG  . ASN A 1 79  ? 14.18072  12.08319  -0.41043  1.000 123.34782 ? 79  ASN B CG  1 
ATOM 622  O OD1 . ASN A 1 79  ? 14.92503  12.23076  -1.39657  1.000 123.98782 ? 79  ASN B OD1 1 
ATOM 623  N ND2 . ASN A 1 79  ? 14.57112  11.43568  0.69039   1.000 115.46948 ? 79  ASN B ND2 1 
ATOM 624  N N   . PHE A 1 80  ? 11.31892  10.62099  -2.20298  1.000 92.24984  ? 80  PHE B N   1 
ATOM 625  C CA  . PHE A 1 80  ? 11.34737  9.31942   -2.85710  1.000 98.78501  ? 80  PHE B CA  1 
ATOM 626  C C   . PHE A 1 80  ? 10.75209  9.40276   -4.25440  1.000 96.59585  ? 80  PHE B C   1 
ATOM 627  O O   . PHE A 1 80  ? 11.15133  8.65137   -5.15995  1.000 89.94464  ? 80  PHE B O   1 
ATOM 628  C CB  . PHE A 1 80  ? 10.60456  8.28702   -2.00279  1.000 98.73662  ? 80  PHE B CB  1 
ATOM 629  C CG  . PHE A 1 80  ? 11.39424  7.78996   -0.79369  1.000 100.58498 ? 80  PHE B CG  1 
ATOM 630  C CD1 . PHE A 1 80  ? 12.24560  6.70414   -0.88355  1.000 100.86608 ? 80  PHE B CD1 1 
ATOM 631  C CD2 . PHE A 1 80  ? 11.29590  8.44125   0.42087   1.000 101.64518 ? 80  PHE B CD2 1 
ATOM 632  C CE1 . PHE A 1 80  ? 12.95375  6.26793   0.22123   1.000 104.96448 ? 80  PHE B CE1 1 
ATOM 633  C CE2 . PHE A 1 80  ? 12.00575  8.01635   1.51398   1.000 99.92513  ? 80  PHE B CE2 1 
ATOM 634  C CZ  . PHE A 1 80  ? 12.83309  6.93102   1.42111   1.000 105.33216 ? 80  PHE B CZ  1 
ATOM 635  N N   . SER A 1 81  ? 9.83652   10.35495  -4.46482  1.000 99.72862  ? 81  SER B N   1 
ATOM 636  C CA  . SER A 1 81  ? 9.32572   10.59751  -5.80147  1.000 95.26786  ? 81  SER B CA  1 
ATOM 637  C C   . SER A 1 81  ? 10.45068  11.04857  -6.71928  1.000 97.75414  ? 81  SER B C   1 
ATOM 638  O O   . SER A 1 81  ? 10.57648  10.57985  -7.85781  1.000 94.12787  ? 81  SER B O   1 
ATOM 639  C CB  . SER A 1 81  ? 8.23814   11.66510  -5.70608  1.000 98.06406  ? 81  SER B CB  1 
ATOM 640  O OG  . SER A 1 81  ? 7.17682   11.26496  -4.84239  1.000 95.80986  ? 81  SER B OG  1 
ATOM 641  N N   . LYS A 1 82  ? 11.29219  11.95527  -6.21649  1.000 97.18941  ? 82  LYS B N   1 
ATOM 642  C CA  . LYS A 1 82  ? 12.44213  12.43748  -6.97330  1.000 95.99927  ? 82  LYS B CA  1 
ATOM 643  C C   . LYS A 1 82  ? 13.40198  11.29935  -7.28068  1.000 98.86588  ? 82  LYS B C   1 
ATOM 644  O O   . LYS A 1 82  ? 13.82707  11.12435  -8.42713  1.000 102.95304 ? 82  LYS B O   1 
ATOM 645  C CB  . LYS A 1 82  ? 13.13482  13.54622  -6.17661  1.000 94.21830  ? 82  LYS B CB  1 
ATOM 646  C CG  . LYS A 1 82  ? 13.85475  14.64450  -6.97751  1.000 99.08988  ? 82  LYS B CG  1 
ATOM 647  C CD  . LYS A 1 82  ? 12.88462  15.70659  -7.50181  1.000 101.95660 ? 82  LYS B CD  1 
ATOM 648  C CE  . LYS A 1 82  ? 13.57151  16.85859  -8.24342  1.000 105.68843 ? 82  LYS B CE  1 
ATOM 649  N NZ  . LYS A 1 82  ? 14.53440  17.61898  -7.39796  1.000 106.34583 ? 82  LYS B NZ  1 
ATOM 650  N N   . LYS A 1 83  ? 13.74340  10.50790  -6.26293  1.000 97.64796  ? 83  LYS B N   1 
ATOM 651  C CA  . LYS A 1 83  ? 14.59325  9.33961   -6.47828  1.000 96.81281  ? 83  LYS B CA  1 
ATOM 652  C C   . LYS A 1 83  ? 14.03941  8.45421   -7.58079  1.000 98.85663  ? 83  LYS B C   1 
ATOM 653  O O   . LYS A 1 83  ? 14.79797  7.84953   -8.34291  1.000 105.07899 ? 83  LYS B O   1 
ATOM 654  C CB  . LYS A 1 83  ? 14.72952  8.53220   -5.18560  1.000 103.05278 ? 83  LYS B CB  1 
ATOM 655  C CG  . LYS A 1 83  ? 15.67223  9.13509   -4.15795  1.000 107.05761 ? 83  LYS B CG  1 
ATOM 656  C CD  . LYS A 1 83  ? 15.66417  8.35303   -2.85322  1.000 108.12166 ? 83  LYS B CD  1 
ATOM 657  C CE  . LYS A 1 83  ? 16.66783  8.93591   -1.86722  1.000 116.71818 ? 83  LYS B CE  1 
ATOM 658  N NZ  . LYS A 1 83  ? 16.49481  8.35833   -0.50505  1.000 120.70104 ? 83  LYS B NZ  1 
ATOM 659  N N   . LEU A 1 84  ? 12.71893  8.35460   -7.67966  1.000 97.59436  ? 84  LEU B N   1 
ATOM 660  C CA  . LEU A 1 84  ? 12.14951  7.53820   -8.74477  1.000 100.00981 ? 84  LEU B CA  1 
ATOM 661  C C   . LEU A 1 84  ? 12.25681  8.22785   -10.08690 1.000 103.47961 ? 84  LEU B C   1 
ATOM 662  O O   . LEU A 1 84  ? 12.39705  7.57096   -11.12309 1.000 106.73715 ? 84  LEU B O   1 
ATOM 663  C CB  . LEU A 1 84  ? 10.69573  7.22680   -8.45148  1.000 102.65623 ? 84  LEU B CB  1 
ATOM 664  C CG  . LEU A 1 84  ? 10.51757  6.35723   -7.23403  1.000 98.79100  ? 84  LEU B CG  1 
ATOM 665  C CD1 . LEU A 1 84  ? 9.11156   6.48556   -6.76589  1.000 96.99328  ? 84  LEU B CD1 1 
ATOM 666  C CD2 . LEU A 1 84  ? 10.78924  4.94661   -7.66384  1.000 105.27373 ? 84  LEU B CD2 1 
ATOM 667  N N   . GLU A 1 85  ? 12.12140  9.54980   -10.09475 1.000 107.02903 ? 85  GLU B N   1 
ATOM 668  C CA  . GLU A 1 85  ? 12.31289  10.28544  -11.33687 1.000 109.29184 ? 85  GLU B CA  1 
ATOM 669  C C   . GLU A 1 85  ? 13.71170  10.03309  -11.87675 1.000 108.79227 ? 85  GLU B C   1 
ATOM 670  O O   . GLU A 1 85  ? 13.89343  9.80334   -13.07808 1.000 110.37446 ? 85  GLU B O   1 
ATOM 671  C CB  . GLU A 1 85  ? 12.06895  11.78004  -11.11195 1.000 103.10140 ? 85  GLU B CB  1 
ATOM 672  C CG  . GLU A 1 85  ? 12.11337  12.60168  -12.38014 1.000 106.60507 ? 85  GLU B CG  1 
ATOM 673  C CD  . GLU A 1 85  ? 12.12929  14.10474  -12.13056 1.000 111.27316 ? 85  GLU B CD  1 
ATOM 674  O OE1 . GLU A 1 85  ? 12.59096  14.52577  -11.05165 1.000 107.86826 ? 85  GLU B OE1 1 
ATOM 675  O OE2 . GLU A 1 85  ? 11.67769  14.86264  -13.02197 1.000 108.36403 ? 85  GLU B OE2 1 
ATOM 676  N N   . GLU A 1 86  ? 14.70860  10.03399  -10.98719 1.000 106.15320 ? 86  GLU B N   1 
ATOM 677  C CA  . GLU A 1 86  ? 16.07394  9.72515   -11.39543 1.000 111.32711 ? 86  GLU B CA  1 
ATOM 678  C C   . GLU A 1 86  ? 16.15662  8.36151   -12.06936 1.000 111.15005 ? 86  GLU B C   1 
ATOM 679  O O   . GLU A 1 86  ? 16.88083  8.19098   -13.05838 1.000 111.47944 ? 86  GLU B O   1 
ATOM 680  C CB  . GLU A 1 86  ? 17.00843  9.76805   -10.18513 1.000 111.89190 ? 86  GLU B CB  1 
ATOM 681  C CG  . GLU A 1 86  ? 16.95012  11.03884  -9.34723  1.000 117.10685 ? 86  GLU B CG  1 
ATOM 682  C CD  . GLU A 1 86  ? 17.37404  12.30002  -10.09491 1.000 133.88508 ? 86  GLU B CD  1 
ATOM 683  O OE1 . GLU A 1 86  ? 17.37533  13.37749  -9.46303  1.000 135.36508 ? 86  GLU B OE1 1 
ATOM 684  O OE2 . GLU A 1 86  ? 17.72232  12.21913  -11.29446 1.000 138.24043 ? 86  GLU B OE2 1 
ATOM 685  N N   . LYS A 1 87  ? 15.40951  7.38148   -11.55491 1.000 104.57061 ? 87  LYS B N   1 
ATOM 686  C CA  . LYS A 1 87  ? 15.42537  6.03238   -12.10209 1.000 107.44053 ? 87  LYS B CA  1 
ATOM 687  C C   . LYS A 1 87  ? 14.59027  5.90204   -13.37154 1.000 111.20452 ? 87  LYS B C   1 
ATOM 688  O O   . LYS A 1 87  ? 14.44305  4.78441   -13.88324 1.000 108.69603 ? 87  LYS B O   1 
ATOM 689  C CB  . LYS A 1 87  ? 14.91381  5.04955   -11.04967 1.000 106.47338 ? 87  LYS B CB  1 
ATOM 690  C CG  . LYS A 1 87  ? 15.68099  5.11617   -9.73286  1.000 108.66452 ? 87  LYS B CG  1 
ATOM 691  C CD  . LYS A 1 87  ? 15.23262  4.05523   -8.71141  1.000 110.13651 ? 87  LYS B CD  1 
ATOM 692  C CE  . LYS A 1 87  ? 16.00187  4.19587   -7.39534  1.000 110.43078 ? 87  LYS B CE  1 
ATOM 693  N NZ  . LYS A 1 87  ? 15.86672  3.01210   -6.51580  1.000 110.60188 ? 87  LYS B NZ  1 
ATOM 694  N N   . GLY A 1 88  ? 14.03095  7.00402   -13.87734 1.000 105.24082 ? 88  GLY B N   1 
ATOM 695  C CA  . GLY A 1 88  ? 13.19225  6.97440   -15.04935 1.000 98.58330  ? 88  GLY B CA  1 
ATOM 696  C C   . GLY A 1 88  ? 11.89619  6.23134   -14.87595 1.000 98.23303  ? 88  GLY B C   1 
ATOM 697  O O   . GLY A 1 88  ? 11.33160  5.76604   -15.86750 1.000 102.30757 ? 88  GLY B O   1 
ATOM 698  N N   . LEU A 1 89  ? 11.40460  6.10832   -13.64904 1.000 107.84173 ? 89  LEU B N   1 
ATOM 699  C CA  . LEU A 1 89  ? 10.17377  5.36835   -13.40912 1.000 105.28762 ? 89  LEU B CA  1 
ATOM 700  C C   . LEU A 1 89  ? 8.95397   6.25806   -13.55703 1.000 105.81421 ? 89  LEU B C   1 
ATOM 701  O O   . LEU A 1 89  ? 7.94319   5.83700   -14.12917 1.000 105.90329 ? 89  LEU B O   1 
ATOM 702  C CB  . LEU A 1 89  ? 10.22715  4.74167   -12.02575 1.000 103.14124 ? 89  LEU B CB  1 
ATOM 703  C CG  . LEU A 1 89  ? 11.45231  3.84850   -11.87467 1.000 99.01622  ? 89  LEU B CG  1 
ATOM 704  C CD1 . LEU A 1 89  ? 11.31082  2.93280   -10.70026 1.000 100.18986 ? 89  LEU B CD1 1 
ATOM 705  C CD2 . LEU A 1 89  ? 11.53161  3.00727   -13.12309 1.000 106.85726 ? 89  LEU B CD2 1 
ATOM 706  N N   . LEU A 1 90  ? 9.04428   7.50091   -13.08961 1.000 109.45569 ? 90  LEU B N   1 
ATOM 707  C CA  . LEU A 1 90  ? 7.93583   8.44528   -13.11545 1.000 112.53625 ? 90  LEU B CA  1 
ATOM 708  C C   . LEU A 1 90  ? 8.39298   9.80407   -13.64391 1.000 110.35630 ? 90  LEU B C   1 
ATOM 709  O O   . LEU A 1 90  ? 9.59108   10.07018  -13.76712 1.000 112.14679 ? 90  LEU B O   1 
ATOM 710  C CB  . LEU A 1 90  ? 7.31597   8.55718   -11.71457 1.000 109.45641 ? 90  LEU B CB  1 
ATOM 711  C CG  . LEU A 1 90  ? 8.15781   8.95603   -10.49480 1.000 109.88140 ? 90  LEU B CG  1 
ATOM 712  C CD1 . LEU A 1 90  ? 8.68033   10.40248  -10.52334 1.000 112.72253 ? 90  LEU B CD1 1 
ATOM 713  C CD2 . LEU A 1 90  ? 7.35525   8.67689   -9.21826  1.000 100.26656 ? 90  LEU B CD2 1 
ATOM 714  N N   . SER A 1 91  ? 7.41593   10.65402  -13.97248 1.000 108.50584 ? 91  SER B N   1 
ATOM 715  C CA  . SER A 1 91  ? 7.62331   12.00599  -14.48198 1.000 107.39889 ? 91  SER B CA  1 
ATOM 716  C C   . SER A 1 91  ? 6.99117   13.03162  -13.54818 1.000 109.43567 ? 91  SER B C   1 
ATOM 717  O O   . SER A 1 91  ? 6.06889   12.72150  -12.78322 1.000 111.99043 ? 91  SER B O   1 
ATOM 718  C CB  . SER A 1 91  ? 7.02868   12.16528  -15.88869 1.000 103.25196 ? 91  SER B CB  1 
ATOM 719  O OG  . SER A 1 91  ? 5.62782   11.92237  -15.90216 1.000 102.74994 ? 91  SER B OG  1 
ATOM 720  N N   . PHE A 1 92  ? 7.48895   14.27006  -13.64150 1.000 106.45508 ? 92  PHE B N   1 
ATOM 721  C CA  . PHE A 1 92  ? 7.09713   15.37285  -12.76878 1.000 104.33375 ? 92  PHE B CA  1 
ATOM 722  C C   . PHE A 1 92  ? 6.38472   16.46359  -13.56177 1.000 113.24757 ? 92  PHE B C   1 
ATOM 723  O O   . PHE A 1 92  ? 6.62892   16.63714  -14.75704 1.000 117.64582 ? 92  PHE B O   1 
ATOM 724  C CB  . PHE A 1 92  ? 8.32737   15.96654  -12.10057 1.000 104.31166 ? 92  PHE B CB  1 
ATOM 725  C CG  . PHE A 1 92  ? 8.57706   15.45018  -10.72352 1.000 111.38807 ? 92  PHE B CG  1 
ATOM 726  C CD1 . PHE A 1 92  ? 8.87542   14.12002  -10.51916 1.000 109.50856 ? 92  PHE B CD1 1 
ATOM 727  C CD2 . PHE A 1 92  ? 8.60334   16.30373  -9.64089  1.000 111.95295 ? 92  PHE B CD2 1 
ATOM 728  C CE1 . PHE A 1 92  ? 9.13311   13.65487  -9.26295  1.000 101.25605 ? 92  PHE B CE1 1 
ATOM 729  C CE2 . PHE A 1 92  ? 8.87200   15.82741  -8.38404  1.000 97.83211  ? 92  PHE B CE2 1 
ATOM 730  C CZ  . PHE A 1 92  ? 9.13631   14.50814  -8.20267  1.000 94.70870  ? 92  PHE B CZ  1 
ATOM 731  N N   . SER A 1 93  ? 5.49343   17.19236  -12.89570 1.000 114.03600 ? 93  SER B N   1 
ATOM 732  C CA  . SER A 1 93  ? 4.87490   18.35660  -13.50871 1.000 110.44722 ? 93  SER B CA  1 
ATOM 733  C C   . SER A 1 93  ? 5.82263   19.55102  -13.42649 1.000 124.17980 ? 93  SER B C   1 
ATOM 734  O O   . SER A 1 93  ? 6.80559   19.53803  -12.68061 1.000 129.77032 ? 93  SER B O   1 
ATOM 735  C CB  . SER A 1 93  ? 3.54960   18.66935  -12.82034 1.000 108.35054 ? 93  SER B CB  1 
ATOM 736  O OG  . SER A 1 93  ? 3.76185   19.45378  -11.65280 1.000 109.65012 ? 93  SER B OG  1 
ATOM 737  N N   . LYS A 1 94  ? 5.53287   20.58928  -14.22556 1.000 128.93512 ? 94  LYS B N   1 
ATOM 738  C CA  . LYS A 1 94  ? 6.42121   21.75422  -14.28213 1.000 127.99512 ? 94  LYS B CA  1 
ATOM 739  C C   . LYS A 1 94  ? 6.37132   22.57113  -12.99733 1.000 132.48940 ? 94  LYS B C   1 
ATOM 740  O O   . LYS A 1 94  ? 7.39841   23.09939  -12.55340 1.000 137.20170 ? 94  LYS B O   1 
ATOM 741  C CB  . LYS A 1 94  ? 6.07126   22.65457  -15.46981 1.000 128.43631 ? 94  LYS B CB  1 
ATOM 742  C CG  . LYS A 1 94  ? 6.82894   24.00448  -15.47786 1.000 126.99292 ? 94  LYS B CG  1 
ATOM 743  C CD  . LYS A 1 94  ? 6.48814   24.88256  -16.68370 1.000 124.41451 ? 94  LYS B CD  1 
ATOM 744  C CE  . LYS A 1 94  ? 7.27645   26.18226  -16.66303 1.000 127.02007 ? 94  LYS B CE  1 
ATOM 745  N NZ  . LYS A 1 94  ? 6.90974   27.05666  -17.81349 1.000 119.17290 ? 94  LYS B NZ  1 
ATOM 746  N N   . LYS A 1 95  ? 5.18878   22.72223  -12.40523 1.000 135.20703 ? 95  LYS B N   1 
ATOM 747  C CA  . LYS A 1 95  ? 5.06245   23.58184  -11.23735 1.000 135.60990 ? 95  LYS B CA  1 
ATOM 748  C C   . LYS A 1 95  ? 5.68044   22.90514  -10.01621 1.000 133.45990 ? 95  LYS B C   1 
ATOM 749  O O   . LYS A 1 95  ? 5.32437   21.77479  -9.67074  1.000 131.80951 ? 95  LYS B O   1 
ATOM 750  C CB  . LYS A 1 95  ? 3.59220   23.93427  -10.99141 1.000 131.69990 ? 95  LYS B CB  1 
ATOM 751  C CG  . LYS A 1 95  ? 2.67028   22.73515  -10.71998 1.000 125.83162 ? 95  LYS B CG  1 
ATOM 752  C CD  . LYS A 1 95  ? 1.33025   23.14090  -10.11878 1.000 120.32348 ? 95  LYS B CD  1 
ATOM 753  C CE  . LYS A 1 95  ? 0.26787   22.07578  -10.34903 1.000 113.39033 ? 95  LYS B CE  1 
ATOM 754  N NZ  . LYS A 1 95  ? 0.80495   20.70604  -10.08657 1.000 106.22354 ? 95  LYS B NZ  1 
ATOM 755  N N   . GLN A 1 96  ? 6.64728   23.58038  -9.38622  1.000 132.05968 ? 96  GLN B N   1 
ATOM 756  C CA  . GLN A 1 96  ? 7.15450   23.18282  -8.07418  1.000 134.80474 ? 96  GLN B CA  1 
ATOM 757  C C   . GLN A 1 96  ? 6.82575   24.22216  -7.01109  1.000 128.26861 ? 96  GLN B C   1 
ATOM 758  O O   . GLN A 1 96  ? 7.48113   24.25459  -5.95975  1.000 127.51474 ? 96  GLN B O   1 
ATOM 759  C CB  . GLN A 1 96  ? 8.66657   22.90888  -8.10611  1.000 137.72474 ? 96  GLN B CB  1 
ATOM 760  C CG  . GLN A 1 96  ? 9.05983   21.41905  -8.24766  1.000 132.58474 ? 96  GLN B CG  1 
ATOM 761  C CD  . GLN A 1 96  ? 9.07256   20.89359  -9.68489  1.000 133.23707 ? 96  GLN B CD  1 
ATOM 762  O OE1 . GLN A 1 96  ? 8.31526   21.35991  -10.54147 1.000 134.29474 ? 96  GLN B OE1 1 
ATOM 763  N NE2 . GLN A 1 96  ? 9.93312   19.90122  -9.94577  1.000 120.79578 ? 96  GLN B NE2 1 
ATOM 764  N N   . ASP A 1 97  ? 5.81270   25.06357  -7.27385  1.000 130.67671 ? 97  ASP B N   1 
ATOM 765  C CA  . ASP A 1 97  ? 5.46240   26.15022  -6.36049  1.000 130.25671 ? 97  ASP B CA  1 
ATOM 766  C C   . ASP A 1 97  ? 5.36763   25.63578  -4.93694  1.000 130.99671 ? 97  ASP B C   1 
ATOM 767  O O   . ASP A 1 97  ? 6.08149   26.09329  -4.03334  1.000 129.58695 ? 97  ASP B O   1 
ATOM 768  C CB  . ASP A 1 97  ? 4.11519   26.77362  -6.72848  1.000 117.54279 ? 97  ASP B CB  1 
ATOM 769  C CG  . ASP A 1 97  ? 3.07426   25.73275  -7.14999  1.000 122.96390 ? 97  ASP B CG  1 
ATOM 770  O OD1 . ASP A 1 97  ? 3.47293   24.66765  -7.66931  1.000 132.62435 ? 97  ASP B OD1 1 
ATOM 771  O OD2 . ASP A 1 97  ? 1.86819   25.95867  -6.88961  1.000 114.68774 ? 97  ASP B OD2 1 
ATOM 772  N N   . ASP A 1 98  ? 4.46736   24.68630  -4.73487  1.000 128.25827 ? 98  ASP B N   1 
ATOM 773  C CA  . ASP A 1 98  ? 4.31433   23.95644  -3.50244  1.000 119.99625 ? 98  ASP B CA  1 
ATOM 774  C C   . ASP A 1 98  ? 4.58618   22.50317  -3.82995  1.000 121.06693 ? 98  ASP B C   1 
ATOM 775  O O   . ASP A 1 98  ? 3.96557   21.94630  -4.74403  1.000 115.03454 ? 98  ASP B O   1 
ATOM 776  C CB  . ASP A 1 98  ? 2.91645   24.14980  -2.93791  1.000 115.10785 ? 98  ASP B CB  1 
ATOM 777  C CG  . ASP A 1 98  ? 2.87745   23.98719  -1.44989  1.000 129.84441 ? 98  ASP B CG  1 
ATOM 778  O OD1 . ASP A 1 98  ? 3.93911   23.68600  -0.87727  1.000 140.27472 ? 98  ASP B OD1 1 
ATOM 779  O OD2 . ASP A 1 98  ? 1.80015   24.18831  -0.84404  1.000 135.85949 ? 98  ASP B OD2 1 
ATOM 780  N N   . LYS A 1 99  ? 5.55225   21.91534  -3.11927  1.000 120.53379 ? 99  LYS B N   1 
ATOM 781  C CA  . LYS A 1 99  ? 5.80009   20.48128  -3.23421  1.000 108.41680 ? 99  LYS B CA  1 
ATOM 782  C C   . LYS A 1 99  ? 4.49450   19.69593  -3.27113  1.000 106.83997 ? 99  LYS B C   1 
ATOM 783  O O   . LYS A 1 99  ? 4.35227   18.74743  -4.05110  1.000 102.64628 ? 99  LYS B O   1 
ATOM 784  C CB  . LYS A 1 99  ? 6.66547   20.00397  -2.06639  1.000 108.89558 ? 99  LYS B CB  1 
ATOM 785  C CG  . LYS A 1 99  ? 8.07480   20.55783  -2.06223  1.000 114.91324 ? 99  LYS B CG  1 
ATOM 786  C CD  . LYS A 1 99  ? 8.90877   19.98855  -0.92446  1.000 114.37420 ? 99  LYS B CD  1 
ATOM 787  C CE  . LYS A 1 99  ? 10.30198  20.58422  -0.96565  1.000 114.52104 ? 99  LYS B CE  1 
ATOM 788  N NZ  . LYS A 1 99  ? 11.15641  20.05993  0.12400   1.000 108.12717 ? 99  LYS B NZ  1 
ATOM 789  N N   . ARG A 1 100 ? 3.51808   20.10660  -2.45683  1.000 107.25170 ? 100 ARG B N   1 
ATOM 790  C CA  . ARG A 1 100 ? 2.27579   19.35747  -2.30152  1.000 103.31404 ? 100 ARG B CA  1 
ATOM 791  C C   . ARG A 1 100 ? 1.53015   19.24206  -3.61805  1.000 105.02781 ? 100 ARG B C   1 
ATOM 792  O O   . ARG A 1 100 ? 0.94910   18.19478  -3.92812  1.000 97.04346  ? 100 ARG B O   1 
ATOM 793  C CB  . ARG A 1 100 ? 1.40957   20.06194  -1.26947  1.000 108.38361 ? 100 ARG B CB  1 
ATOM 794  C CG  . ARG A 1 100 ? 2.24555   20.73173  -0.21075  1.000 119.51871 ? 100 ARG B CG  1 
ATOM 795  C CD  . ARG A 1 100 ? 1.45881   20.98435  1.05209   1.000 129.51711 ? 100 ARG B CD  1 
ATOM 796  N NE  . ARG A 1 100 ? 0.06375   21.25166  0.73957   1.000 135.57305 ? 100 ARG B NE  1 
ATOM 797  C CZ  . ARG A 1 100 ? -0.93449  20.41821  1.00837   1.000 137.34765 ? 100 ARG B CZ  1 
ATOM 798  N NH1 . ARG A 1 100 ? -2.18147  20.75764  0.67919   1.000 140.55478 ? 100 ARG B NH1 1 
ATOM 799  N NH2 . ARG A 1 100 ? -0.67922  19.24319  1.58666   1.000 121.01765 ? 100 ARG B NH2 1 
ATOM 800  N N   . ASN A 1 101 ? 1.51506   20.32317  -4.38991  1.000 105.40171 ? 101 ASN B N   1 
ATOM 801  C CA  . ASN A 1 101 ? 0.75972   20.39061  -5.62358  1.000 95.46420  ? 101 ASN B CA  1 
ATOM 802  C C   . ASN A 1 101 ? 1.51366   19.82629  -6.81514  1.000 96.14352  ? 101 ASN B C   1 
ATOM 803  O O   . ASN A 1 101 ? 0.92581   19.70744  -7.89396  1.000 98.49910  ? 101 ASN B O   1 
ATOM 804  C CB  . ASN A 1 101 ? 0.33887   21.84241  -5.85209  1.000 99.71611  ? 101 ASN B CB  1 
ATOM 805  C CG  . ASN A 1 101 ? -0.36342  22.44045  -4.63903  1.000 97.60497  ? 101 ASN B CG  1 
ATOM 806  O OD1 . ASN A 1 101 ? -0.82340  21.71945  -3.76573  1.000 103.40438 ? 101 ASN B OD1 1 
ATOM 807  N ND2 . ASN A 1 101 ? -0.38827  23.75386  -4.55142  1.000 100.20844 ? 101 ASN B ND2 1 
ATOM 808  N N   . THR A 1 102 ? 2.78310   19.46694  -6.65803  1.000 97.90099  ? 102 THR B N   1 
ATOM 809  C CA  . THR A 1 102 ? 3.48147   18.80915  -7.75215  1.000 93.54014  ? 102 THR B CA  1 
ATOM 810  C C   . THR A 1 102 ? 2.71867   17.56568  -8.16814  1.000 90.31146  ? 102 THR B C   1 
ATOM 811  O O   . THR A 1 102 ? 2.20366   16.82382  -7.32901  1.000 96.01290  ? 102 THR B O   1 
ATOM 812  C CB  . THR A 1 102 ? 4.90237   18.43781  -7.34884  1.000 94.46342  ? 102 THR B CB  1 
ATOM 813  O OG1 . THR A 1 102 ? 5.49523   19.51892  -6.61823  1.000 106.74887 ? 102 THR B OG1 1 
ATOM 814  C CG2 . THR A 1 102 ? 5.72965   18.13073  -8.56861  1.000 95.57286  ? 102 THR B CG2 1 
ATOM 815  N N   . TYR A 1 103 ? 2.60684   17.36031  -9.47155  1.000 91.43795  ? 103 TYR B N   1 
ATOM 816  C CA  . TYR A 1 103 ? 1.81129   16.27023  -10.01820 1.000 92.31285  ? 103 TYR B CA  1 
ATOM 817  C C   . TYR A 1 103 ? 2.74917   15.23878  -10.60518 1.000 92.03090  ? 103 TYR B C   1 
ATOM 818  O O   . TYR A 1 103 ? 3.66928   15.58247  -11.35103 1.000 93.75145  ? 103 TYR B O   1 
ATOM 819  C CB  . TYR A 1 103 ? 0.83555   16.77220  -11.08134 1.000 89.45741  ? 103 TYR B CB  1 
ATOM 820  C CG  . TYR A 1 103 ? -0.21483  15.79027  -11.60974 1.000 85.71377  ? 103 TYR B CG  1 
ATOM 821  C CD1 . TYR A 1 103 ? -1.42653  15.56140  -10.93876 1.000 79.44318  ? 103 TYR B CD1 1 
ATOM 822  C CD2 . TYR A 1 103 ? -0.01355  15.13436  -12.82123 1.000 90.78885  ? 103 TYR B CD2 1 
ATOM 823  C CE1 . TYR A 1 103 ? -2.40047  14.68197  -11.47222 1.000 77.44985  ? 103 TYR B CE1 1 
ATOM 824  C CE2 . TYR A 1 103 ? -0.96823  14.26024  -13.35294 1.000 87.66882  ? 103 TYR B CE2 1 
ATOM 825  C CZ  . TYR A 1 103 ? -2.15392  14.03433  -12.68807 1.000 84.11181  ? 103 TYR B CZ  1 
ATOM 826  O OH  . TYR A 1 103 ? -3.05359  13.16131  -13.27267 1.000 80.53407  ? 103 TYR B OH  1 
ATOM 827  N N   . ILE A 1 104 ? 2.51922   13.98491  -10.25093 1.000 94.87721  ? 104 ILE B N   1 
ATOM 828  C CA  . ILE A 1 104 ? 3.38430   12.88504  -10.63133 1.000 94.43538  ? 104 ILE B CA  1 
ATOM 829  C C   . ILE A 1 104 ? 2.63559   11.99106  -11.59816 1.000 93.84098  ? 104 ILE B C   1 
ATOM 830  O O   . ILE A 1 104 ? 1.42153   11.79372  -11.46095 1.000 89.82574  ? 104 ILE B O   1 
ATOM 831  C CB  . ILE A 1 104 ? 3.83037   12.10084  -9.39289  1.000 94.09844  ? 104 ILE B CB  1 
ATOM 832  C CG1 . ILE A 1 104 ? 4.49761   13.05259  -8.41770  1.000 95.63084  ? 104 ILE B CG1 1 
ATOM 833  C CG2 . ILE A 1 104 ? 4.79682   11.03994  -9.77634  1.000 103.17859 ? 104 ILE B CG2 1 
ATOM 834  C CD1 . ILE A 1 104 ? 5.56792   13.88538  -9.06837  1.000 103.58722 ? 104 ILE B CD1 1 
ATOM 835  N N   . GLU A 1 105 ? 3.35413   11.44256  -12.56089 1.000 93.49320  ? 105 GLU B N   1 
ATOM 836  C CA  . GLU A 1 105 ? 2.76279   10.48412  -13.46899 1.000 101.67968 ? 105 GLU B CA  1 
ATOM 837  C C   . GLU A 1 105 ? 3.81551   9.49040   -13.93320 1.000 104.06086 ? 105 GLU B C   1 
ATOM 838  O O   . GLU A 1 105 ? 4.96141   9.85967   -14.20856 1.000 108.52580 ? 105 GLU B O   1 
ATOM 839  C CB  . GLU A 1 105 ? 2.09877   11.20802  -14.62793 1.000 96.42697  ? 105 GLU B CB  1 
ATOM 840  C CG  . GLU A 1 105 ? 0.63947   11.41779  -14.38368 1.000 97.65477  ? 105 GLU B CG  1 
ATOM 841  C CD  . GLU A 1 105 ? -0.07412  11.84476  -15.61109 1.000 103.14299 ? 105 GLU B CD  1 
ATOM 842  O OE1 . GLU A 1 105 ? 0.62013   12.00612  -16.62869 1.000 102.79531 ? 105 GLU B OE1 1 
ATOM 843  O OE2 . GLU A 1 105 ? -1.32892  11.97856  -15.56938 1.000 104.36961 ? 105 GLU B OE2 1 
ATOM 844  N N   . LEU A 1 106 ? 3.41091   8.22588   -14.00254 1.000 99.29112  ? 106 LEU B N   1 
ATOM 845  C CA  . LEU A 1 106 ? 4.34613   7.14175   -14.23935 1.000 105.40946 ? 106 LEU B CA  1 
ATOM 846  C C   . LEU A 1 106 ? 4.86881   7.18336   -15.66224 1.000 109.69512 ? 106 LEU B C   1 
ATOM 847  O O   . LEU A 1 106 ? 4.11191   7.38046   -16.61796 1.000 113.36034 ? 106 LEU B O   1 
ATOM 848  C CB  . LEU A 1 106 ? 3.67251   5.79320   -14.00530 1.000 102.34007 ? 106 LEU B CB  1 
ATOM 849  C CG  . LEU A 1 106 ? 3.92477   5.05612   -12.69736 1.000 99.42481  ? 106 LEU B CG  1 
ATOM 850  C CD1 . LEU A 1 106 ? 3.07411   3.80995   -12.66485 1.000 93.64226  ? 106 LEU B CD1 1 
ATOM 851  C CD2 . LEU A 1 106 ? 5.39099   4.74361   -12.51864 1.000 105.24753 ? 106 LEU B CD2 1 
ATOM 852  N N   . THR A 1 107 ? 6.16744   6.97197   -15.80039 1.000 110.93065 ? 107 THR B N   1 
ATOM 853  C CA  . THR A 1 107 ? 6.70472   6.66055   -17.10629 1.000 111.29589 ? 107 THR B CA  1 
ATOM 854  C C   . THR A 1 107 ? 6.34425   5.22598   -17.47466 1.000 111.04196 ? 107 THR B C   1 
ATOM 855  O O   . THR A 1 107 ? 5.91105   4.43185   -16.63494 1.000 115.29961 ? 107 THR B O   1 
ATOM 856  C CB  . THR A 1 107 ? 8.21027   6.85035   -17.10545 1.000 113.99806 ? 107 THR B CB  1 
ATOM 857  O OG1 . THR A 1 107 ? 8.80543   5.83201   -16.28979 1.000 113.56317 ? 107 THR B OG1 1 
ATOM 858  C CG2 . THR A 1 107 ? 8.54996   8.23161   -16.52696 1.000 110.11746 ? 107 THR B CG2 1 
ATOM 859  N N   . GLU A 1 108 ? 6.53463   4.89296   -18.75349 1.000 115.84164 ? 108 GLU B N   1 
ATOM 860  C CA  . GLU A 1 108 ? 6.26135   3.53166   -19.20547 1.000 119.78081 ? 108 GLU B CA  1 
ATOM 861  C C   . GLU A 1 108 ? 7.21013   2.53363   -18.56468 1.000 117.81897 ? 108 GLU B C   1 
ATOM 862  O O   . GLU A 1 108 ? 6.79956   1.42743   -18.18474 1.000 116.56523 ? 108 GLU B O   1 
ATOM 863  C CB  . GLU A 1 108 ? 6.36513   3.42653   -20.72248 1.000 117.78797 ? 108 GLU B CB  1 
ATOM 864  C CG  . GLU A 1 108 ? 5.94366   2.05382   -21.21103 1.000 131.01760 ? 108 GLU B CG  1 
ATOM 865  C CD  . GLU A 1 108 ? 5.76359   1.94857   -22.72219 1.000 146.03537 ? 108 GLU B CD  1 
ATOM 866  O OE1 . GLU A 1 108 ? 5.32375   0.86936   -23.17738 1.000 148.19782 ? 108 GLU B OE1 1 
ATOM 867  O OE2 . GLU A 1 108 ? 6.05641   2.92100   -23.45410 1.000 149.21792 ? 108 GLU B OE2 1 
ATOM 868  N N   . LYS A 1 109 ? 8.49215   2.89053   -18.46875 1.000 114.79817 ? 109 LYS B N   1 
ATOM 869  C CA  . LYS A 1 109 ? 9.43291   1.99515   -17.81740 1.000 115.23226 ? 109 LYS B CA  1 
ATOM 870  C C   . LYS A 1 109 ? 8.93036   1.60511   -16.43922 1.000 117.28087 ? 109 LYS B C   1 
ATOM 871  O O   . LYS A 1 109 ? 8.96293   0.42530   -16.07066 1.000 120.94311 ? 109 LYS B O   1 
ATOM 872  C CB  . LYS A 1 109 ? 10.81348  2.63663   -17.72183 1.000 111.88842 ? 109 LYS B CB  1 
ATOM 873  C CG  . LYS A 1 109 ? 11.78380  1.75793   -16.96398 1.000 112.08576 ? 109 LYS B CG  1 
ATOM 874  C CD  . LYS A 1 109 ? 13.21915  2.19015   -17.11139 1.000 110.35576 ? 109 LYS B CD  1 
ATOM 875  C CE  . LYS A 1 109 ? 13.40338  3.61578   -16.67369 1.000 116.09092 ? 109 LYS B CE  1 
ATOM 876  N NZ  . LYS A 1 109 ? 14.83417  3.91688   -16.39148 1.000 122.90689 ? 109 LYS B NZ  1 
ATOM 877  N N   . GLY A 1 110 ? 8.42741   2.57757   -15.67761 1.000 112.33659 ? 110 GLY B N   1 
ATOM 878  C CA  . GLY A 1 110 ? 7.91279   2.26425   -14.35851 1.000 111.96323 ? 110 GLY B CA  1 
ATOM 879  C C   . GLY A 1 110 ? 6.76892   1.26917   -14.40245 1.000 113.63390 ? 110 GLY B C   1 
ATOM 880  O O   . GLY A 1 110 ? 6.71930   0.32274   -13.60754 1.000 111.36327 ? 110 GLY B O   1 
ATOM 881  N N   . GLU A 1 111 ? 5.84135   1.45490   -15.34380 1.000 112.34722 ? 111 GLU B N   1 
ATOM 882  C CA  . GLU A 1 111 ? 4.71961   0.52980   -15.45290 1.000 114.69000 ? 111 GLU B CA  1 
ATOM 883  C C   . GLU A 1 111 ? 5.19199   -0.89999  -15.71800 1.000 123.16271 ? 111 GLU B C   1 
ATOM 884  O O   . GLU A 1 111 ? 4.63964   -1.86614  -15.16447 1.000 123.66292 ? 111 GLU B O   1 
ATOM 885  C CB  . GLU A 1 111 ? 3.76975   0.98879   -16.55043 1.000 115.95457 ? 111 GLU B CB  1 
ATOM 886  C CG  . GLU A 1 111 ? 2.45932   0.22933   -16.52009 1.000 128.25732 ? 111 GLU B CG  1 
ATOM 887  C CD  . GLU A 1 111 ? 1.30281   1.00422   -17.11712 1.000 137.41975 ? 111 GLU B CD  1 
ATOM 888  O OE1 . GLU A 1 111 ? 1.54988   2.10415   -17.66661 1.000 139.32879 ? 111 GLU B OE1 1 
ATOM 889  O OE2 . GLU A 1 111 ? 0.15304   0.50131   -17.04808 1.000 134.04820 ? 111 GLU B OE2 1 
ATOM 890  N N   . GLU A 1 112 ? 6.20228   -1.05560  -16.57689 1.000 121.39932 ? 112 GLU B N   1 
ATOM 891  C CA  . GLU A 1 112 ? 6.78078   -2.37460  -16.80085 1.000 119.61221 ? 112 GLU B CA  1 
ATOM 892  C C   . GLU A 1 112 ? 7.39162   -2.93569  -15.52931 1.000 118.19192 ? 112 GLU B C   1 
ATOM 893  O O   . GLU A 1 112 ? 7.28029   -4.13742  -15.26179 1.000 122.54192 ? 112 GLU B O   1 
ATOM 894  C CB  . GLU A 1 112 ? 7.82759   -2.30485  -17.90985 1.000 127.82192 ? 112 GLU B CB  1 
ATOM 895  C CG  . GLU A 1 112 ? 7.27649   -2.29019  -19.32091 1.000 133.14192 ? 112 GLU B CG  1 
ATOM 896  C CD  . GLU A 1 112 ? 6.35419   -3.47030  -19.60743 1.000 143.60192 ? 112 GLU B CD  1 
ATOM 897  O OE1 . GLU A 1 112 ? 5.31564   -3.64193  -18.92895 1.000 134.29192 ? 112 GLU B OE1 1 
ATOM 898  O OE2 . GLU A 1 112 ? 6.71810   -4.25979  -20.50701 1.000 153.80192 ? 112 GLU B OE2 1 
ATOM 899  N N   . VAL A 1 113 ? 8.04525   -2.08439  -14.73728 1.000 113.74679 ? 113 VAL B N   1 
ATOM 900  C CA  . VAL A 1 113 ? 8.60424   -2.53763  -13.47346 1.000 109.81745 ? 113 VAL B CA  1 
ATOM 901  C C   . VAL A 1 113 ? 7.50089   -3.12675  -12.61586 1.000 112.79373 ? 113 VAL B C   1 
ATOM 902  O O   . VAL A 1 113 ? 7.65977   -4.18547  -11.99824 1.000 115.60296 ? 113 VAL B O   1 
ATOM 903  C CB  . VAL A 1 113 ? 9.29223   -1.36839  -12.75677 1.000 104.26066 ? 113 VAL B CB  1 
ATOM 904  C CG1 . VAL A 1 113 ? 9.54300   -1.73190  -11.31652 1.000 97.79727  ? 113 VAL B CG1 1 
ATOM 905  C CG2 . VAL A 1 113 ? 10.55186  -0.96429  -13.46301 1.000 110.58282 ? 113 VAL B CG2 1 
ATOM 906  N N   . LEU A 1 114 ? 6.35149   -2.45744  -12.59975 1.000 112.57349 ? 114 LEU B N   1 
ATOM 907  C CA  . LEU A 1 114 ? 5.25173   -2.85001  -11.72893 1.000 109.78134 ? 114 LEU B CA  1 
ATOM 908  C C   . LEU A 1 114 ? 4.67687   -4.18910  -12.17152 1.000 111.15741 ? 114 LEU B C   1 
ATOM 909  O O   . LEU A 1 114 ? 4.46779   -5.10458  -11.36118 1.000 114.44269 ? 114 LEU B O   1 
ATOM 910  C CB  . LEU A 1 114 ? 4.19039   -1.74485  -11.76750 1.000 112.37693 ? 114 LEU B CB  1 
ATOM 911  C CG  . LEU A 1 114 ? 3.42651   -1.22968  -10.54040 1.000 111.01848 ? 114 LEU B CG  1 
ATOM 912  C CD1 . LEU A 1 114 ? 4.38232   -0.94801  -9.38395  1.000 101.72256 ? 114 LEU B CD1 1 
ATOM 913  C CD2 . LEU A 1 114 ? 2.66919   0.04413   -10.89748 1.000 103.39693 ? 114 LEU B CD2 1 
ATOM 914  N N   . MET A 1 115 ? 4.46662   -4.33157  -13.47807 1.000 112.72009 ? 115 MET B N   1 
ATOM 915  C CA  . MET A 1 115 ? 3.95011   -5.58085  -14.02816 1.000 117.03625 ? 115 MET B CA  1 
ATOM 916  C C   . MET A 1 115 ? 4.92352   -6.73340  -13.78252 1.000 111.44251 ? 115 MET B C   1 
ATOM 917  O O   . MET A 1 115 ? 4.51916   -7.86882  -13.47781 1.000 106.58129 ? 115 MET B O   1 
ATOM 918  C CB  . MET A 1 115 ? 3.72367   -5.40137  -15.52558 1.000 116.68129 ? 115 MET B CB  1 
ATOM 919  C CG  . MET A 1 115 ? 2.74454   -4.30977  -15.84064 1.000 120.29129 ? 115 MET B CG  1 
ATOM 920  S SD  . MET A 1 115 ? 1.14130   -4.54429  -15.08424 1.000 132.91012 ? 115 MET B SD  1 
ATOM 921  C CE  . MET A 1 115 ? 0.62506   -2.83585  -14.95049 1.000 121.37958 ? 115 MET B CE  1 
ATOM 922  N N   . LYS A 1 116 ? 6.21649   -6.45047  -13.93282 1.000 105.48097 ? 116 LYS B N   1 
ATOM 923  C CA  . LYS A 1 116 ? 7.25344   -7.44610  -13.69803 1.000 114.11097 ? 116 LYS B CA  1 
ATOM 924  C C   . LYS A 1 116 ? 7.20727   -7.94917  -12.26676 1.000 110.51695 ? 116 LYS B C   1 
ATOM 925  O O   . LYS A 1 116 ? 7.10892   -9.15417  -12.00825 1.000 111.19097 ? 116 LYS B O   1 
ATOM 926  C CB  . LYS A 1 116 ? 8.63344   -6.82875  -13.97244 1.000 113.03094 ? 116 LYS B CB  1 
ATOM 927  C CG  . LYS A 1 116 ? 9.06106   -6.64871  -15.56800 1.000 121.70374 ? 116 LYS B CG  1 
ATOM 928  C CD  . LYS A 1 116 ? 10.36526  -5.66711  -15.71972 1.000 128.15906 ? 116 LYS B CD  1 
ATOM 929  C CE  . LYS A 1 116 ? 10.63192  -5.33435  -17.30623 1.000 137.13006 ? 116 LYS B CE  1 
ATOM 930  N NZ  . LYS A 1 116 ? 11.77709  -4.20474  -17.63868 1.000 131.09331 ? 116 LYS B NZ  1 
ATOM 931  N N   . LEU A 1 117 ? 7.32097   -7.02123  -11.32291 1.000 112.37783 ? 117 LEU B N   1 
ATOM 932  C CA  . LEU A 1 117 ? 7.12491   -7.32490  -9.91348  1.000 110.44995 ? 117 LEU B CA  1 
ATOM 933  C C   . LEU A 1 117 ? 5.89391   -8.19268  -9.68564  1.000 110.73956 ? 117 LEU B C   1 
ATOM 934  O O   . LEU A 1 117 ? 5.92062   -9.12852  -8.88166  1.000 113.47101 ? 117 LEU B O   1 
ATOM 935  C CB  . LEU A 1 117 ? 7.03565   -6.00547  -9.15631  1.000 108.59374 ? 117 LEU B CB  1 
ATOM 936  C CG  . LEU A 1 117 ? 7.71519   -5.92023  -7.79806  1.000 108.60059 ? 117 LEU B CG  1 
ATOM 937  C CD1 . LEU A 1 117 ? 9.08914   -6.54227  -7.85468  1.000 111.23274 ? 117 LEU B CD1 1 
ATOM 938  C CD2 . LEU A 1 117 ? 7.84746   -4.43452  -7.49898  1.000 102.07741 ? 117 LEU B CD2 1 
ATOM 939  N N   . MET A 1 118 ? 4.81983   -7.92722  -10.41766 1.000 109.27107 ? 118 MET B N   1 
ATOM 940  C CA  . MET A 1 118 ? 3.63647   -8.76476  -10.28416 1.000 109.25536 ? 118 MET B CA  1 
ATOM 941  C C   . MET A 1 118 ? 3.89077   -10.18595 -10.74494 1.000 109.75747 ? 118 MET B C   1 
ATOM 942  O O   . MET A 1 118 ? 3.44454   -11.13718 -10.10230 1.000 109.74796 ? 118 MET B O   1 
ATOM 943  C CB  . MET A 1 118 ? 2.47408   -8.15887  -11.05318 1.000 113.93107 ? 118 MET B CB  1 
ATOM 944  C CG  . MET A 1 118 ? 1.16212   -8.35175  -10.35141 1.000 117.99451 ? 118 MET B CG  1 
ATOM 945  S SD  . MET A 1 118 ? -0.07352  -7.30897  -11.09349 1.000 130.70107 ? 118 MET B SD  1 
ATOM 946  C CE  . MET A 1 118 ? 0.99759   -5.95313  -11.54968 1.000 118.23107 ? 118 MET B CE  1 
ATOM 947  N N   . GLU A 1 119 ? 4.57304   -10.36471 -11.86595 1.000 112.91258 ? 119 GLU B N   1 
ATOM 948  C CA  . GLU A 1 119 ? 4.83725   -11.73453 -12.28126 1.000 110.72258 ? 119 GLU B CA  1 
ATOM 949  C C   . GLU A 1 119 ? 5.81538   -12.41610 -11.33272 1.000 108.18964 ? 119 GLU B C   1 
ATOM 950  O O   . GLU A 1 119 ? 5.72644   -13.62700 -11.12360 1.000 116.51258 ? 119 GLU B O   1 
ATOM 951  C CB  . GLU A 1 119 ? 5.31721   -11.74931 -13.73060 1.000 118.20258 ? 119 GLU B CB  1 
ATOM 952  C CG  . GLU A 1 119 ? 6.80045   -11.64619 -13.91869 1.000 122.62258 ? 119 GLU B CG  1 
ATOM 953  C CD  . GLU A 1 119 ? 7.15872   -11.42629 -15.36918 1.000 128.80258 ? 119 GLU B CD  1 
ATOM 954  O OE1 . GLU A 1 119 ? 8.34788   -11.18260 -15.65757 1.000 127.85258 ? 119 GLU B OE1 1 
ATOM 955  O OE2 . GLU A 1 119 ? 6.24196   -11.50380 -16.21729 1.000 136.20258 ? 119 GLU B OE2 1 
ATOM 956  N N   . THR A 1 120 ? 6.71107   -11.65499 -10.70422 1.000 105.26807 ? 120 THR B N   1 
ATOM 957  C CA  . THR A 1 120 ? 7.56130   -12.18359 -9.64212  1.000 108.91817 ? 120 THR B CA  1 
ATOM 958  C C   . THR A 1 120 ? 6.77616   -12.57782 -8.39436  1.000 110.96245 ? 120 THR B C   1 
ATOM 959  O O   . THR A 1 120 ? 7.32944   -13.24794 -7.51447  1.000 109.81443 ? 120 THR B O   1 
ATOM 960  C CB  . THR A 1 120 ? 8.61781   -11.13475 -9.28258  1.000 111.47676 ? 120 THR B CB  1 
ATOM 961  O OG1 . THR A 1 120 ? 9.16372   -10.60719 -10.49353 1.000 120.53665 ? 120 THR B OG1 1 
ATOM 962  C CG2 . THR A 1 120 ? 9.74883   -11.70921 -8.41433  1.000 108.71435 ? 120 THR B CG2 1 
ATOM 963  N N   . TYR A 1 121 ? 5.51242   -12.18459 -8.29159  1.000 112.04995 ? 121 TYR B N   1 
ATOM 964  C CA  . TYR A 1 121 ? 4.75932   -12.41536 -7.06982  1.000 106.67965 ? 121 TYR B CA  1 
ATOM 965  C C   . TYR A 1 121 ? 4.50540   -13.89502 -6.83335  1.000 101.73523 ? 121 TYR B C   1 
ATOM 966  O O   . TYR A 1 121 ? 3.95926   -14.58662 -7.70317  1.000 104.20692 ? 121 TYR B O   1 
ATOM 967  C CB  . TYR A 1 121 ? 3.44148   -11.65987 -7.13302  1.000 105.05034 ? 121 TYR B CB  1 
ATOM 968  C CG  . TYR A 1 121 ? 2.68069   -11.65792 -5.84229  1.000 100.39577 ? 121 TYR B CG  1 
ATOM 969  C CD1 . TYR A 1 121 ? 3.30416   -11.33627 -4.64428  1.000 101.22543 ? 121 TYR B CD1 1 
ATOM 970  C CD2 . TYR A 1 121 ? 1.33085   -11.96967 -5.82441  1.000 92.96380  ? 121 TYR B CD2 1 
ATOM 971  C CE1 . TYR A 1 121 ? 2.60663   -11.32975 -3.47012  1.000 94.43861  ? 121 TYR B CE1 1 
ATOM 972  C CE2 . TYR A 1 121 ? 0.62169   -11.96929 -4.65935  1.000 90.33563  ? 121 TYR B CE2 1 
ATOM 973  C CZ  . TYR A 1 121 ? 1.25784   -11.64784 -3.48365  1.000 95.56556  ? 121 TYR B CZ  1 
ATOM 974  O OH  . TYR A 1 121 ? 0.53598   -11.64268 -2.31424  1.000 101.07160 ? 121 TYR B OH  1 
ATOM 975  N N   . ASP A 1 122 ? 4.90289   -14.36622 -5.65520  1.000 94.18676  ? 122 ASP B N   1 
ATOM 976  C CA  . ASP A 1 122 ? 4.53255   -15.68614 -5.15166  1.000 93.46573  ? 122 ASP B CA  1 
ATOM 977  C C   . ASP A 1 122 ? 3.91714   -15.49420 -3.78351  1.000 92.40913  ? 122 ASP B C   1 
ATOM 978  O O   . ASP A 1 122 ? 4.63452   -15.03624 -2.85033  1.000 92.91798  ? 122 ASP B O   1 
ATOM 979  C CB  . ASP A 1 122 ? 5.73346   -16.62455 -5.08163  1.000 93.77453  ? 122 ASP B CB  1 
ATOM 980  C CG  . ASP A 1 122 ? 5.34240   -18.04466 -4.70301  1.000 93.85933  ? 122 ASP B CG  1 
ATOM 981  O OD1 . ASP A 1 122 ? 4.16340   -18.42612 -4.92049  1.000 87.98976  ? 122 ASP B OD1 1 
ATOM 982  O OD2 . ASP A 1 122 ? 6.20765   -18.76503 -4.15945  1.000 98.79085  ? 122 ASP B OD2 1 
ATOM 983  N N   . PRO A 1 123 ? 2.64681   -15.81433 -3.58003  1.000 88.61960  ? 123 PRO B N   1 
ATOM 984  C CA  . PRO A 1 123 ? 2.03900   -15.58874 -2.26568  1.000 82.31459  ? 123 PRO B CA  1 
ATOM 985  C C   . PRO A 1 123 ? 2.62473   -16.48689 -1.20545  1.000 88.72829  ? 123 PRO B C   1 
ATOM 986  O O   . PRO A 1 123 ? 2.85892   -16.06930 -0.06902  1.000 88.20305  ? 123 PRO B O   1 
ATOM 987  C CB  . PRO A 1 123 ? 0.57817   -15.93362 -2.51653  1.000 82.94389  ? 123 PRO B CB  1 
ATOM 988  C CG  . PRO A 1 123 ? 0.38191   -15.62294 -3.96061  1.000 88.67087  ? 123 PRO B CG  1 
ATOM 989  C CD  . PRO A 1 123 ? 1.63396   -16.17940 -4.58399  1.000 90.32435  ? 123 PRO B CD  1 
ATOM 990  N N   . THR A 1 124 ? 2.87727   -17.73299 -1.58252  1.000 91.78044  ? 124 THR B N   1 
ATOM 991  C CA  . THR A 1 124 ? 3.26193   -18.78154 -0.65384  1.000 84.52728  ? 124 THR B CA  1 
ATOM 992  C C   . THR A 1 124 ? 4.59185   -18.48250 0.01387   1.000 82.75277  ? 124 THR B C   1 
ATOM 993  O O   . THR A 1 124 ? 4.96524   -19.15538 0.97501   1.000 81.84261  ? 124 THR B O   1 
ATOM 994  C CB  . THR A 1 124 ? 3.33561   -20.07598 -1.43299  1.000 83.88824  ? 124 THR B CB  1 
ATOM 995  O OG1 . THR A 1 124 ? 4.43433   -19.96349 -2.33461  1.000 91.62190  ? 124 THR B OG1 1 
ATOM 996  C CG2 . THR A 1 124 ? 2.07719   -20.19482 -2.27782  1.000 77.14631  ? 124 THR B CG2 1 
ATOM 997  N N   . LYS A 1 125 ? 5.31793   -17.48102 -0.47976  1.000 83.78442  ? 125 LYS B N   1 
ATOM 998  C CA  . LYS A 1 125 ? 6.55776   -17.07955 0.17182   1.000 90.78531  ? 125 LYS B CA  1 
ATOM 999  C C   . LYS A 1 125 ? 6.30008   -16.14878 1.34836   1.000 95.79016  ? 125 LYS B C   1 
ATOM 1000 O O   . LYS A 1 125 ? 7.08813   -16.11457 2.30532   1.000 94.71704  ? 125 LYS B O   1 
ATOM 1001 C CB  . LYS A 1 125 ? 7.48376   -16.39805 -0.82929  1.000 95.65529  ? 125 LYS B CB  1 
ATOM 1002 C CG  . LYS A 1 125 ? 8.19241   -17.34408 -1.74775  1.000 98.79295  ? 125 LYS B CG  1 
ATOM 1003 C CD  . LYS A 1 125 ? 9.00460   -16.57372 -2.74628  1.000 104.68729 ? 125 LYS B CD  1 
ATOM 1004 C CE  . LYS A 1 125 ? 9.54137   -17.49781 -3.80716  1.000 112.53085 ? 125 LYS B CE  1 
ATOM 1005 N NZ  . LYS A 1 125 ? 9.92789   -16.75579 -5.03539  1.000 115.08600 ? 125 LYS B NZ  1 
ATOM 1006 N N   . ASN A 1 126 ? 5.22202   -15.36373 1.28664   1.000 94.48992  ? 126 ASN B N   1 
ATOM 1007 C CA  . ASN A 1 126 ? 4.99488   -14.33774 2.29562   1.000 92.03502  ? 126 ASN B CA  1 
ATOM 1008 C C   . ASN A 1 126 ? 4.28946   -14.90294 3.51735   1.000 84.36071  ? 126 ASN B C   1 
ATOM 1009 O O   . ASN A 1 126 ? 3.30268   -15.63966 3.40227   1.000 78.69485  ? 126 ASN B O   1 
ATOM 1010 C CB  . ASN A 1 126 ? 4.20148   -13.18324 1.69664   1.000 91.70088  ? 126 ASN B CB  1 
ATOM 1011 C CG  . ASN A 1 126 ? 4.75955   -12.74051 0.36931   1.000 96.19509  ? 126 ASN B CG  1 
ATOM 1012 O OD1 . ASN A 1 126 ? 5.94921   -12.90184 0.10994   1.000 101.28585 ? 126 ASN B OD1 1 
ATOM 1013 N ND2 . ASN A 1 126 ? 3.89628   -12.24384 -0.50697  1.000 99.46617  ? 126 ASN B ND2 1 
ATOM 1014 N N   . ALA A 1 127 ? 4.79126   -14.50467 4.68844   1.000 81.28346  ? 127 ALA B N   1 
ATOM 1015 C CA  . ALA A 1 127 ? 4.29913   -15.01054 5.96355   1.000 76.11144  ? 127 ALA B CA  1 
ATOM 1016 C C   . ALA A 1 127 ? 2.81368   -14.77561 6.13238   1.000 81.37515  ? 127 ALA B C   1 
ATOM 1017 O O   . ALA A 1 127 ? 2.04195   -15.73129 6.28155   1.000 87.10605  ? 127 ALA B O   1 
ATOM 1018 C CB  . ALA A 1 127 ? 5.03336   -14.33149 7.10648   1.000 74.43041  ? 127 ALA B CB  1 
ATOM 1019 N N   . VAL A 1 128 ? 2.40581   -13.50093 6.13742   1.000 81.24088  ? 128 VAL B N   1 
ATOM 1020 C CA  . VAL A 1 128 ? 1.04624   -13.12001 6.50644   1.000 70.88614  ? 128 VAL B CA  1 
ATOM 1021 C C   . VAL A 1 128 ? 0.02737   -13.85987 5.65630   1.000 75.93990  ? 128 VAL B C   1 
ATOM 1022 O O   . VAL A 1 128 ? -1.04041  -14.25506 6.14725   1.000 80.03893  ? 128 VAL B O   1 
ATOM 1023 C CB  . VAL A 1 128 ? 0.89627   -11.60025 6.39486   1.000 75.09186  ? 128 VAL B CB  1 
ATOM 1024 C CG1 . VAL A 1 128 ? -0.44244  -11.17025 6.91394   1.000 81.82394  ? 128 VAL B CG1 1 
ATOM 1025 C CG2 . VAL A 1 128 ? 2.04031   -10.91487 7.12817   1.000 77.77827  ? 128 VAL B CG2 1 
ATOM 1026 N N   . PHE A 1 129 ? 0.36092   -14.12051 4.38923   1.000 74.82623  ? 129 PHE B N   1 
ATOM 1027 C CA  . PHE A 1 129 ? -0.52483  -14.92138 3.55193   1.000 70.83928  ? 129 PHE B CA  1 
ATOM 1028 C C   . PHE A 1 129 ? -0.75987  -16.29561 4.17656   1.000 75.80931  ? 129 PHE B C   1 
ATOM 1029 O O   . PHE A 1 129 ? -1.90912  -16.73190 4.38369   1.000 70.80606  ? 129 PHE B O   1 
ATOM 1030 C CB  . PHE A 1 129 ? 0.06954   -15.00993 2.14394   1.000 78.59111  ? 129 PHE B CB  1 
ATOM 1031 C CG  . PHE A 1 129 ? -0.79878  -15.73157 1.14720   1.000 82.98528  ? 129 PHE B CG  1 
ATOM 1032 C CD1 . PHE A 1 129 ? -1.82542  -15.06384 0.49256   1.000 80.32344  ? 129 PHE B CD1 1 
ATOM 1033 C CD2 . PHE A 1 129 ? -0.51719  -17.04619 0.78901   1.000 78.67731  ? 129 PHE B CD2 1 
ATOM 1034 C CE1 . PHE A 1 129 ? -2.61787  -15.72192 -0.43179  1.000 86.30135  ? 129 PHE B CE1 1 
ATOM 1035 C CE2 . PHE A 1 129 ? -1.29493  -17.70457 -0.13413  1.000 84.76589  ? 129 PHE B CE2 1 
ATOM 1036 C CZ  . PHE A 1 129 ? -2.34646  -17.04192 -0.75243  1.000 91.85337  ? 129 PHE B CZ  1 
ATOM 1037 N N   . ASN A 1 130 ? 0.32845   -16.95937 4.54949   1.000 76.59898  ? 130 ASN B N   1 
ATOM 1038 C CA  . ASN A 1 130 ? 0.23222   -18.29515 5.12206   1.000 74.62235  ? 130 ASN B CA  1 
ATOM 1039 C C   . ASN A 1 130 ? -0.49779  -18.26720 6.45737   1.000 74.87833  ? 130 ASN B C   1 
ATOM 1040 O O   . ASN A 1 130 ? -1.37627  -19.10016 6.71202   1.000 77.06008  ? 130 ASN B O   1 
ATOM 1041 C CB  . ASN A 1 130 ? 1.63841   -18.87125 5.26187   1.000 75.62632  ? 130 ASN B CB  1 
ATOM 1042 C CG  . ASN A 1 130 ? 2.27340   -19.20894 3.89714   1.000 80.30866  ? 130 ASN B CG  1 
ATOM 1043 O OD1 . ASN A 1 130 ? 1.59735   -19.62371 2.93751   1.000 76.04165  ? 130 ASN B OD1 1 
ATOM 1044 N ND2 . ASN A 1 130 ? 3.56692   -18.96310 3.79543   1.000 79.24279  ? 130 ASN B ND2 1 
ATOM 1045 N N   . GLY A 1 131 ? -0.17950  -17.28348 7.30148   1.000 77.37920  ? 131 GLY B N   1 
ATOM 1046 C CA  . GLY A 1 131 ? -0.93733  -17.06945 8.53149   1.000 79.88887  ? 131 GLY B CA  1 
ATOM 1047 C C   . GLY A 1 131 ? -2.44053  -16.94249 8.32707   1.000 79.83273  ? 131 GLY B C   1 
ATOM 1048 O O   . GLY A 1 131 ? -3.22738  -17.24652 9.23165   1.000 77.68696  ? 131 GLY B O   1 
ATOM 1049 N N   . ALA A 1 132 ? -2.86519  -16.48196 7.15498   1.000 75.74216  ? 132 ALA B N   1 
ATOM 1050 C CA  . ALA A 1 132 ? -4.29661  -16.32028 6.93189   1.000 75.15161  ? 132 ALA B CA  1 
ATOM 1051 C C   . ALA A 1 132 ? -4.96869  -17.50811 6.24513   1.000 81.28137  ? 132 ALA B C   1 
ATOM 1052 O O   . ALA A 1 132 ? -6.20555  -17.58811 6.23544   1.000 77.97391  ? 132 ALA B O   1 
ATOM 1053 C CB  . ALA A 1 132 ? -4.54953  -15.07258 6.10092   1.000 77.90254  ? 132 ALA B CB  1 
ATOM 1054 N N   . LEU A 1 133 ? -4.19121  -18.40674 5.64482   1.000 80.45287  ? 133 LEU B N   1 
ATOM 1055 C CA  . LEU A 1 133 ? -4.78383  -19.53486 4.91932   1.000 72.49604  ? 133 LEU B CA  1 
ATOM 1056 C C   . LEU A 1 133 ? -5.72676  -20.41946 5.74173   1.000 73.23347  ? 133 LEU B C   1 
ATOM 1057 O O   . LEU A 1 133 ? -6.79824  -20.76858 5.21589   1.000 78.60197  ? 133 LEU B O   1 
ATOM 1058 C CB  . LEU A 1 133 ? -3.66494  -20.36255 4.27245   1.000 68.32051  ? 133 LEU B CB  1 
ATOM 1059 C CG  . LEU A 1 133 ? -3.23162  -19.88278 2.88316   1.000 75.90231  ? 133 LEU B CG  1 
ATOM 1060 C CD1 . LEU A 1 133 ? -2.21133  -20.81465 2.28661   1.000 80.89757  ? 133 LEU B CD1 1 
ATOM 1061 C CD2 . LEU A 1 133 ? -4.43767  -19.83442 1.99271   1.000 74.29082  ? 133 LEU B CD2 1 
ATOM 1062 N N   . PRO A 1 134 ? -5.39633  -20.83939 6.97347   1.000 66.17175  ? 134 PRO B N   1 
ATOM 1063 C CA  . PRO A 1 134 ? -6.39763  -21.51300 7.82570   1.000 71.65495  ? 134 PRO B CA  1 
ATOM 1064 C C   . PRO A 1 134 ? -7.76152  -20.85759 7.83927   1.000 82.36776  ? 134 PRO B C   1 
ATOM 1065 O O   . PRO A 1 134 ? -8.80569  -21.51309 7.74745   1.000 84.59370  ? 134 PRO B O   1 
ATOM 1066 C CB  . PRO A 1 134 ? -5.77267  -21.40087 9.22128   1.000 70.07190  ? 134 PRO B CB  1 
ATOM 1067 C CG  . PRO A 1 134 ? -4.37086  -21.49769 8.97167   1.000 73.79988  ? 134 PRO B CG  1 
ATOM 1068 C CD  . PRO A 1 134 ? -4.09457  -20.79569 7.65559   1.000 76.27559  ? 134 PRO B CD  1 
ATOM 1069 N N   . LEU A 1 135 ? -7.76937  -19.55013 8.00112   1.000 80.19076  ? 135 LEU B N   1 
ATOM 1070 C CA  . LEU A 1 135 ? -9.02213  -18.82434 8.06694   1.000 77.80892  ? 135 LEU B CA  1 
ATOM 1071 C C   . LEU A 1 135 ? -9.71989  -18.87102 6.71995   1.000 78.83066  ? 135 LEU B C   1 
ATOM 1072 O O   . LEU A 1 135 ? -10.94966 -18.99087 6.64624   1.000 78.50269  ? 135 LEU B O   1 
ATOM 1073 C CB  . LEU A 1 135 ? -8.74365  -17.37684 8.47546   1.000 80.23246  ? 135 LEU B CB  1 
ATOM 1074 C CG  . LEU A 1 135 ? -8.31626  -17.08903 9.90917   1.000 72.28774  ? 135 LEU B CG  1 
ATOM 1075 C CD1 . LEU A 1 135 ? -6.82635  -17.36842 10.01081  1.000 81.29824  ? 135 LEU B CD1 1 
ATOM 1076 C CD2 . LEU A 1 135 ? -8.57306  -15.66517 10.24494  1.000 69.68377  ? 135 LEU B CD2 1 
ATOM 1077 N N   . ARG A 1 136 ? -8.93931  -18.79708 5.63520   1.000 79.47052  ? 136 ARG B N   1 
ATOM 1078 C CA  . ARG A 1 136 ? -9.52342  -18.88995 4.30474   1.000 80.53644  ? 136 ARG B CA  1 
ATOM 1079 C C   . ARG A 1 136 ? -10.18524 -20.23908 4.11990   1.000 84.01185  ? 136 ARG B C   1 
ATOM 1080 O O   . ARG A 1 136 ? -11.23748 -20.34253 3.47859   1.000 81.36314  ? 136 ARG B O   1 
ATOM 1081 C CB  . ARG A 1 136 ? -8.46003  -18.68968 3.23312   1.000 77.79392  ? 136 ARG B CB  1 
ATOM 1082 C CG  . ARG A 1 136 ? -9.06361  -18.54060 1.87785   1.000 79.79616  ? 136 ARG B CG  1 
ATOM 1083 C CD  . ARG A 1 136 ? -9.22041  -19.86403 1.20032   1.000 88.81666  ? 136 ARG B CD  1 
ATOM 1084 N NE  . ARG A 1 136 ? -9.74057  -19.67614 -0.12857  1.000 102.01816 ? 136 ARG B NE  1 
ATOM 1085 C CZ  . ARG A 1 136 ? -10.25806 -20.64572 -0.86598  1.000 115.18691 ? 136 ARG B CZ  1 
ATOM 1086 N NH1 . ARG A 1 136 ? -10.69546 -20.35099 -2.08204  1.000 119.91993 ? 136 ARG B NH1 1 
ATOM 1087 N NH2 . ARG A 1 136 ? -10.38296 -21.88074 -0.37405  1.000 108.64000 ? 136 ARG B NH2 1 
ATOM 1088 N N   . GLU A 1 137 ? -9.55879  -21.28966 4.65469   1.000 80.85877  ? 137 GLU B N   1 
ATOM 1089 C CA  . GLU A 1 137 ? -10.11014 -22.62973 4.52386   1.000 84.39330  ? 137 GLU B CA  1 
ATOM 1090 C C   . GLU A 1 137 ? -11.38383 -22.79363 5.32018   1.000 85.79113  ? 137 GLU B C   1 
ATOM 1091 O O   . GLU A 1 137 ? -12.35680 -23.36369 4.82733   1.000 82.90778  ? 137 GLU B O   1 
ATOM 1092 C CB  . GLU A 1 137 ? -9.09297  -23.68600 4.93050   1.000 86.65684  ? 137 GLU B CB  1 
ATOM 1093 C CG  . GLU A 1 137 ? -9.68788  -25.08957 4.82144   1.000 101.17796 ? 137 GLU B CG  1 
ATOM 1094 C CD  . GLU A 1 137 ? -9.91684  -25.56909 3.37917   1.000 124.08020 ? 137 GLU B CD  1 
ATOM 1095 O OE1 . GLU A 1 137 ? -9.62810  -24.81585 2.41069   1.000 118.77252 ? 137 GLU B OE1 1 
ATOM 1096 O OE2 . GLU A 1 137 ? -10.41414 -26.71548 3.22629   1.000 137.54982 ? 137 GLU B OE2 1 
ATOM 1097 N N   . LEU A 1 138 ? -11.39083 -22.33134 6.56626   1.000 91.06297  ? 138 LEU B N   1 
ATOM 1098 C CA  . LEU A 1 138 ? -12.59287 -22.48419 7.37743   1.000 85.00188  ? 138 LEU B CA  1 
ATOM 1099 C C   . LEU A 1 138 ? -13.73568 -21.67897 6.78481   1.000 83.67741  ? 138 LEU B C   1 
ATOM 1100 O O   . LEU A 1 138 ? -14.84894 -22.19115 6.62053   1.000 85.80492  ? 138 LEU B O   1 
ATOM 1101 C CB  . LEU A 1 138 ? -12.32580 -22.07343 8.82312   1.000 78.01156  ? 138 LEU B CB  1 
ATOM 1102 C CG  . LEU A 1 138 ? -13.57163 -21.99695 9.70671   1.000 85.70997  ? 138 LEU B CG  1 
ATOM 1103 C CD1 . LEU A 1 138 ? -14.19058 -23.36415 9.91321   1.000 86.22405  ? 138 LEU B CD1 1 
ATOM 1104 C CD2 . LEU A 1 138 ? -13.19631 -21.40065 11.04419  1.000 85.41605  ? 138 LEU B CD2 1 
ATOM 1105 N N   . TYR A 1 139 ? -13.45605 -20.43476 6.38349   1.000 85.54900  ? 139 TYR B N   1 
ATOM 1106 C CA  . TYR A 1 139 ? -14.51810 -19.54866 5.91046   1.000 86.55345  ? 139 TYR B CA  1 
ATOM 1107 C C   . TYR A 1 139 ? -14.85509 -19.74009 4.43266   1.000 88.67447  ? 139 TYR B C   1 
ATOM 1108 O O   . TYR A 1 139 ? -15.89671 -19.26564 3.97014   1.000 92.12814  ? 139 TYR B O   1 
ATOM 1109 C CB  . TYR A 1 139 ? -14.13191 -18.09384 6.11983   1.000 82.66933  ? 139 TYR B CB  1 
ATOM 1110 C CG  . TYR A 1 139 ? -13.96988 -17.67176 7.53456   1.000 80.48082  ? 139 TYR B CG  1 
ATOM 1111 C CD1 . TYR A 1 139 ? -14.85314 -18.11698 8.50925   1.000 81.07026  ? 139 TYR B CD1 1 
ATOM 1112 C CD2 . TYR A 1 139 ? -13.04230 -16.71247 7.87914   1.000 81.72629  ? 139 TYR B CD2 1 
ATOM 1113 C CE1 . TYR A 1 139 ? -14.75446 -17.67798 9.81563   1.000 72.76364  ? 139 TYR B CE1 1 
ATOM 1114 C CE2 . TYR A 1 139 ? -12.93451 -16.26170 9.17503   1.000 83.00062  ? 139 TYR B CE2 1 
ATOM 1115 C CZ  . TYR A 1 139 ? -13.79428 -16.74211 10.13527  1.000 82.02996  ? 139 TYR B CZ  1 
ATOM 1116 O OH  . TYR A 1 139 ? -13.64987 -16.25663 11.40938  1.000 98.74521  ? 139 TYR B OH  1 
ATOM 1117 N N   . GLY A 1 140 ? -13.96839 -20.34328 3.65417   1.000 86.16331  ? 140 GLY B N   1 
ATOM 1118 C CA  . GLY A 1 140 ? -14.16695 -20.34419 2.22752   1.000 87.61380  ? 140 GLY B CA  1 
ATOM 1119 C C   . GLY A 1 140 ? -13.78573 -19.05038 1.54035   1.000 95.75969  ? 140 GLY B C   1 
ATOM 1120 O O   . GLY A 1 140 ? -13.97475 -18.92572 0.32396   1.000 104.22083 ? 140 GLY B O   1 
ATOM 1121 N N   . LYS A 1 141 ? -13.24255 -18.08669 2.26938   1.000 89.36638  ? 141 LYS B N   1 
ATOM 1122 C CA  . LYS A 1 141 ? -12.85675 -16.81083 1.69837   1.000 81.83728  ? 141 LYS B CA  1 
ATOM 1123 C C   . LYS A 1 141 ? -11.82201 -16.20755 2.62935   1.000 80.24136  ? 141 LYS B C   1 
ATOM 1124 O O   . LYS A 1 141 ? -11.76680 -16.53577 3.81146   1.000 85.24677  ? 141 LYS B O   1 
ATOM 1125 C CB  . LYS A 1 141 ? -14.06734 -15.88613 1.52022   1.000 83.21191  ? 141 LYS B CB  1 
ATOM 1126 C CG  . LYS A 1 141 ? -14.99929 -15.93340 2.72211   1.000 89.36831  ? 141 LYS B CG  1 
ATOM 1127 C CD  . LYS A 1 141 ? -16.37143 -15.23553 2.60474   1.000 88.92928  ? 141 LYS B CD  1 
ATOM 1128 C CE  . LYS A 1 141 ? -16.29696 -13.71265 2.62015   1.000 94.96450  ? 141 LYS B CE  1 
ATOM 1129 N NZ  . LYS A 1 141 ? -17.64465 -13.05709 2.73226   1.000 95.64760  ? 141 LYS B NZ  1 
ATOM 1130 N N   . PHE A 1 142 ? -10.99814 -15.32415 2.09279   1.000 80.94910  ? 142 PHE B N   1 
ATOM 1131 C CA  . PHE A 1 142 ? -9.93597  -14.72850 2.88856   1.000 78.68168  ? 142 PHE B CA  1 
ATOM 1132 C C   . PHE A 1 142 ? -10.53726 -13.83528 3.97802   1.000 87.67585  ? 142 PHE B C   1 
ATOM 1133 O O   . PHE A 1 142 ? -11.59067 -13.22850 3.77436   1.000 90.92113  ? 142 PHE B O   1 
ATOM 1134 C CB  . PHE A 1 142 ? -9.02003  -13.91108 1.99295   1.000 74.68974  ? 142 PHE B CB  1 
ATOM 1135 C CG  . PHE A 1 142 ? -8.11884  -14.75377 1.16504   1.000 85.69000  ? 142 PHE B CG  1 
ATOM 1136 C CD1 . PHE A 1 142 ? -6.90175  -15.19169 1.64986   1.000 87.51467  ? 142 PHE B CD1 1 
ATOM 1137 C CD2 . PHE A 1 142 ? -8.51648  -15.15011 -0.10345  1.000 94.06034  ? 142 PHE B CD2 1 
ATOM 1138 C CE1 . PHE A 1 142 ? -6.08121  -15.99728 0.87866   1.000 79.52901  ? 142 PHE B CE1 1 
ATOM 1139 C CE2 . PHE A 1 142 ? -7.70550  -15.94770 -0.87116  1.000 96.39837  ? 142 PHE B CE2 1 
ATOM 1140 C CZ  . PHE A 1 142 ? -6.48442  -16.37055 -0.37676  1.000 92.52572  ? 142 PHE B CZ  1 
ATOM 1141 N N   . PRO A 1 143 ? -9.89057  -13.74316 5.14332   1.000 85.79432  ? 143 PRO B N   1 
ATOM 1142 C CA  . PRO A 1 143 ? -10.46490 -12.98090 6.26636   1.000 77.08380  ? 143 PRO B CA  1 
ATOM 1143 C C   . PRO A 1 143 ? -10.78574 -11.54607 5.87571   1.000 76.91434  ? 143 PRO B C   1 
ATOM 1144 O O   . PRO A 1 143 ? -10.01596 -10.88702 5.17968   1.000 83.49731  ? 143 PRO B O   1 
ATOM 1145 C CB  . PRO A 1 143 ? -9.34664  -13.02530 7.30936   1.000 74.44916  ? 143 PRO B CB  1 
ATOM 1146 C CG  . PRO A 1 143 ? -8.69714  -14.26957 7.02803   1.000 80.40673  ? 143 PRO B CG  1 
ATOM 1147 C CD  . PRO A 1 143 ? -8.61493  -14.36018 5.53760   1.000 83.64202  ? 143 PRO B CD  1 
ATOM 1148 N N   . GLU A 1 144 ? -11.91504 -11.04562 6.36226   1.000 77.67035  ? 144 GLU B N   1 
ATOM 1149 C CA  . GLU A 1 144 ? -12.29021 -9.68370  6.01198   1.000 76.60845  ? 144 GLU B CA  1 
ATOM 1150 C C   . GLU A 1 144 ? -11.67102 -8.69347  6.97440   1.000 75.45483  ? 144 GLU B C   1 
ATOM 1151 O O   . GLU A 1 144 ? -11.50255 -7.53082  6.62160   1.000 81.14512  ? 144 GLU B O   1 
ATOM 1152 C CB  . GLU A 1 144 ? -13.79500 -9.47954  6.06351   1.000 82.43928  ? 144 GLU B CB  1 
ATOM 1153 C CG  . GLU A 1 144 ? -14.54926 -10.02034 4.90110   1.000 94.36892  ? 144 GLU B CG  1 
ATOM 1154 C CD  . GLU A 1 144 ? -15.97539 -9.58444  4.95269   1.000 98.91910  ? 144 GLU B CD  1 
ATOM 1155 O OE1 . GLU A 1 144 ? -16.49988 -9.17760  3.89749   1.000 112.77928 ? 144 GLU B OE1 1 
ATOM 1156 O OE2 . GLU A 1 144 ? -16.50292 -9.46004  6.07629   1.000 87.72117  ? 144 GLU B OE2 1 
ATOM 1157 N N   . ILE A 1 145 ? -11.39383 -9.11183  8.21726   1.000 73.56248  ? 145 ILE B N   1 
ATOM 1158 C CA  . ILE A 1 145 ? -10.85083 -8.21723  9.24122   1.000 80.01726  ? 145 ILE B CA  1 
ATOM 1159 C C   . ILE A 1 145 ? -11.62365 -6.90176  9.29517   1.000 76.64666  ? 145 ILE B C   1 
ATOM 1160 O O   . ILE A 1 145 ? -11.05886 -5.80217  9.26406   1.000 70.89640  ? 145 ILE B O   1 
ATOM 1161 C CB  . ILE A 1 145 ? -9.32704  -8.05807  9.03480   1.000 84.57433  ? 145 ILE B CB  1 
ATOM 1162 C CG1 . ILE A 1 145 ? -8.98315  -7.13083  7.86559   1.000 86.81238  ? 145 ILE B CG1 1 
ATOM 1163 C CG2 . ILE A 1 145 ? -8.58719  -9.39662  9.05085   1.000 73.13664  ? 145 ILE B CG2 1 
ATOM 1164 C CD1 . ILE A 1 145 ? -7.57464  -7.23734  7.41987   1.000 88.32432  ? 145 ILE B CD1 1 
ATOM 1165 N N   . LEU A 1 146 ? -12.94173 -7.02300  9.42624   1.000 74.42589  ? 146 LEU B N   1 
ATOM 1166 C CA  . LEU A 1 146 ? -13.78495 -5.83899  9.39621   1.000 71.69048  ? 146 LEU B CA  1 
ATOM 1167 C C   . LEU A 1 146 ? -13.44798 -4.88404  10.51263  1.000 78.61881  ? 146 LEU B C   1 
ATOM 1168 O O   . LEU A 1 146 ? -13.43150 -3.67185  10.30404  1.000 78.77757  ? 146 LEU B O   1 
ATOM 1169 C CB  . LEU A 1 146 ? -15.24264 -6.19086  9.55762   1.000 61.44603  ? 146 LEU B CB  1 
ATOM 1170 C CG  . LEU A 1 146 ? -16.04151 -6.48739  8.33204   1.000 74.00733  ? 146 LEU B CG  1 
ATOM 1171 C CD1 . LEU A 1 146 ? -17.42157 -6.18125  8.83374   1.000 68.49619  ? 146 LEU B CD1 1 
ATOM 1172 C CD2 . LEU A 1 146 ? -15.61576 -5.63733  7.12884   1.000 93.72924  ? 146 LEU B CD2 1 
ATOM 1173 N N   . GLU A 1 147 ? -13.27722 -5.40436  11.72568  1.000 69.03757  ? 147 GLU B N   1 
ATOM 1174 C CA  . GLU A 1 147 ? -13.05774 -4.53965  12.86937  1.000 61.77245  ? 147 GLU B CA  1 
ATOM 1175 C C   . GLU A 1 147 ? -11.89984 -3.59071  12.60352  1.000 71.22661  ? 147 GLU B C   1 
ATOM 1176 O O   . GLU A 1 147 ? -11.99338 -2.38327  12.84652  1.000 75.59617  ? 147 GLU B O   1 
ATOM 1177 C CB  . GLU A 1 147 ? -12.80633 -5.41665  14.08857  1.000 71.25433  ? 147 GLU B CB  1 
ATOM 1178 C CG  . GLU A 1 147 ? -14.03892 -6.15232  14.60691  1.000 76.01398  ? 147 GLU B CG  1 
ATOM 1179 C CD  . GLU A 1 147 ? -13.77345 -6.85996  15.92490  1.000 78.26908  ? 147 GLU B CD  1 
ATOM 1180 O OE1 . GLU A 1 147 ? -14.68951 -7.51456  16.45020  1.000 81.32528  ? 147 GLU B OE1 1 
ATOM 1181 O OE2 . GLU A 1 147 ? -12.62021 -6.83098  16.39473  1.000 75.33271  ? 147 GLU B OE2 1 
ATOM 1182 N N   . MET A 1 148 ? -10.82034 -4.12161  12.04810  1.000 76.71814  ? 148 MET B N   1 
ATOM 1183 C CA  . MET A 1 148 ? -9.67910  -3.31564  11.63642  1.000 77.24512  ? 148 MET B CA  1 
ATOM 1184 C C   . MET A 1 148 ? -10.09438 -2.22249  10.66481  1.000 79.38970  ? 148 MET B C   1 
ATOM 1185 O O   . MET A 1 148 ? -9.69475  -1.06276  10.79384  1.000 81.20525  ? 148 MET B O   1 
ATOM 1186 C CB  . MET A 1 148 ? -8.65753  -4.23827  10.98268  1.000 88.76090  ? 148 MET B CB  1 
ATOM 1187 C CG  . MET A 1 148 ? -7.21835  -3.84684  11.11766  1.000 102.24210 ? 148 MET B CG  1 
ATOM 1188 S SD  . MET A 1 148 ? -6.12000  -5.19792  10.58774  1.000 99.21981  ? 148 MET B SD  1 
ATOM 1189 C CE  . MET A 1 148 ? -4.59637  -4.27804  10.41340  1.000 89.25488  ? 148 MET B CE  1 
ATOM 1190 N N   . MET A 1 149 ? -10.87002 -2.57959  9.65684   1.000 77.56331  ? 149 MET B N   1 
ATOM 1191 C CA  . MET A 1 149 ? -11.23094 -1.57963  8.67100   1.000 79.06392  ? 149 MET B CA  1 
ATOM 1192 C C   . MET A 1 149 ? -12.10246 -0.50997  9.28725   1.000 73.88475  ? 149 MET B C   1 
ATOM 1193 O O   . MET A 1 149 ? -11.89991 0.67555   9.03461   1.000 77.03555  ? 149 MET B O   1 
ATOM 1194 C CB  . MET A 1 149 ? -11.92702 -2.24213  7.49853   1.000 84.15057  ? 149 MET B CB  1 
ATOM 1195 C CG  . MET A 1 149 ? -10.91959 -2.99508  6.70602   1.000 86.81754  ? 149 MET B CG  1 
ATOM 1196 S SD  . MET A 1 149 ? -11.36622 -3.21223  5.01539   1.000 99.32351  ? 149 MET B SD  1 
ATOM 1197 C CE  . MET A 1 149 ? -12.04390 -1.59094  4.66734   1.000 98.51595  ? 149 MET B CE  1 
ATOM 1198 N N   . CYS A 1 150 ? -13.06448 -0.91252  10.10717  1.000 72.66349  ? 150 CYS B N   1 
ATOM 1199 C CA  . CYS A 1 150 ? -13.88574 0.04081   10.84487  1.000 79.97268  ? 150 CYS B CA  1 
ATOM 1200 C C   . CYS A 1 150 ? -13.01559 1.04809   11.57303  1.000 72.12004  ? 150 CYS B C   1 
ATOM 1201 O O   . CYS A 1 150 ? -13.25488 2.26709   11.53362  1.000 71.62481  ? 150 CYS B O   1 
ATOM 1202 C CB  . CYS A 1 150 ? -14.74057 -0.71327  11.85861  1.000 79.16905  ? 150 CYS B CB  1 
ATOM 1203 S SG  . CYS A 1 150 ? -16.02547 -1.72367  11.13165  1.000 86.98163  ? 150 CYS B SG  1 
ATOM 1204 N N   . ILE A 1 151 ? -12.01052 0.54158   12.26802  1.000 70.27257  ? 151 ILE B N   1 
ATOM 1205 C CA  . ILE A 1 151 ? -11.14324 1.41238   13.03365  1.000 75.72701  ? 151 ILE B CA  1 
ATOM 1206 C C   . ILE A 1 151 ? -10.43956 2.38167   12.11158  1.000 76.44431  ? 151 ILE B C   1 
ATOM 1207 O O   . ILE A 1 151 ? -10.50155 3.60340   12.29252  1.000 75.64591  ? 151 ILE B O   1 
ATOM 1208 C CB  . ILE A 1 151 ? -10.14960 0.57224   13.84069  1.000 71.03891  ? 151 ILE B CB  1 
ATOM 1209 C CG1 . ILE A 1 151 ? -10.92629 -0.23537  14.85145  1.000 72.46973  ? 151 ILE B CG1 1 
ATOM 1210 C CG2 . ILE A 1 151 ? -9.10391  1.42971   14.49384  1.000 75.44639  ? 151 ILE B CG2 1 
ATOM 1211 C CD1 . ILE A 1 151 ? -10.10857 -1.22925  15.51969  1.000 77.49152  ? 151 ILE B CD1 1 
ATOM 1212 N N   . VAL A 1 152 ? -9.80461  1.85056   11.07127  1.000 78.18321  ? 152 VAL B N   1 
ATOM 1213 C CA  . VAL A 1 152 ? -9.00154  2.71561   10.22470  1.000 77.42866  ? 152 VAL B CA  1 
ATOM 1214 C C   . VAL A 1 152 ? -9.91520  3.74009   9.54901   1.000 77.45294  ? 152 VAL B C   1 
ATOM 1215 O O   . VAL A 1 152 ? -9.51215  4.88123   9.32498   1.000 73.99809  ? 152 VAL B O   1 
ATOM 1216 C CB  . VAL A 1 152 ? -8.16528  1.86540   9.22822   1.000 74.88968  ? 152 VAL B CB  1 
ATOM 1217 C CG1 . VAL A 1 152 ? -7.54936  2.71384   8.14804   1.000 80.22978  ? 152 VAL B CG1 1 
ATOM 1218 C CG2 . VAL A 1 152 ? -7.09048  1.09163   9.94476   1.000 74.39874  ? 152 VAL B CG2 1 
ATOM 1219 N N   . ARG A 1 153 ? -11.17109 3.37916   9.27371   1.000 76.26212  ? 153 ARG B N   1 
ATOM 1220 C CA  . ARG A 1 153 ? -12.09661 4.35503   8.71174   1.000 75.66564  ? 153 ARG B CA  1 
ATOM 1221 C C   . ARG A 1 153 ? -12.31211 5.51796   9.65926   1.000 77.06842  ? 153 ARG B C   1 
ATOM 1222 O O   . ARG A 1 153 ? -12.11060 6.67436   9.28267   1.000 80.32148  ? 153 ARG B O   1 
ATOM 1223 C CB  . ARG A 1 153 ? -13.44653 3.72615   8.34349   1.000 76.56757  ? 153 ARG B CB  1 
ATOM 1224 C CG  . ARG A 1 153 ? -14.29055 4.75690   7.49701   1.000 82.25547  ? 153 ARG B CG  1 
ATOM 1225 C CD  . ARG A 1 153 ? -15.60539 4.16456   6.91701   1.000 85.73669  ? 153 ARG B CD  1 
ATOM 1226 N NE  . ARG A 1 153 ? -15.34538 4.06865   5.46498   1.000 81.33616  ? 153 ARG B NE  1 
ATOM 1227 C CZ  . ARG A 1 153 ? -15.29976 2.84696   4.88760   1.000 82.18845  ? 153 ARG B CZ  1 
ATOM 1228 N NH1 . ARG A 1 153 ? -15.47214 1.73906   5.69393   1.000 84.70813  ? 153 ARG B NH1 1 
ATOM 1229 N NH2 . ARG A 1 153 ? -15.03263 2.68800   3.54927   1.000 87.35524  ? 153 ARG B NH2 1 
ATOM 1230 N N   . ASN A 1 154 ? -12.71222 5.23752   10.89455  1.000 73.37522  ? 154 ASN B N   1 
ATOM 1231 C CA  . ASN A 1 154 ? -12.85644 6.35083   11.82674  1.000 71.33956  ? 154 ASN B CA  1 
ATOM 1232 C C   . ASN A 1 154 ? -11.57079 7.13597   11.96469  1.000 72.85812  ? 154 ASN B C   1 
ATOM 1233 O O   . ASN A 1 154 ? -11.60418 8.31501   12.31374  1.000 83.01892  ? 154 ASN B O   1 
ATOM 1234 C CB  . ASN A 1 154 ? -13.31614 5.86085   13.18982  1.000 71.24535  ? 154 ASN B CB  1 
ATOM 1235 C CG  . ASN A 1 154 ? -14.51882 5.01024   13.08378  1.000 78.51899  ? 154 ASN B CG  1 
ATOM 1236 O OD1 . ASN A 1 154 ? -15.15906 4.97817   12.02969  1.000 84.11772  ? 154 ASN B OD1 1 
ATOM 1237 N ND2 . ASN A 1 154 ? -14.81946 4.26057   14.13328  1.000 82.36105  ? 154 ASN B ND2 1 
ATOM 1238 N N   . ILE A 1 155 ? -10.43209 6.51419   11.69998  1.000 75.42759  ? 155 ILE B N   1 
ATOM 1239 C CA  . ILE A 1 155 ? -9.19044  7.23072   11.95302  1.000 76.37343  ? 155 ILE B CA  1 
ATOM 1240 C C   . ILE A 1 155 ? -8.86125  8.13635   10.77325  1.000 76.54226  ? 155 ILE B C   1 
ATOM 1241 O O   . ILE A 1 155 ? -8.55494  9.31656   10.94653  1.000 79.72578  ? 155 ILE B O   1 
ATOM 1242 C CB  . ILE A 1 155 ? -8.05000  6.22859   12.23132  1.000 77.71949  ? 155 ILE B CB  1 
ATOM 1243 C CG1 . ILE A 1 155 ? -8.37392  5.29037   13.40899  1.000 78.16901  ? 155 ILE B CG1 1 
ATOM 1244 C CG2 . ILE A 1 155 ? -6.74664  6.94889   12.49400  1.000 68.55868  ? 155 ILE B CG2 1 
ATOM 1245 C CD1 . ILE A 1 155 ? -8.13231  5.82098   14.79438  1.000 81.35444  ? 155 ILE B CD1 1 
ATOM 1246 N N   . TYR A 1 156 ? -8.99154  7.60762   9.55952   1.000 77.71093  ? 156 TYR B N   1 
ATOM 1247 C CA  . TYR A 1 156 ? -8.41751  8.16395   8.34906   1.000 76.52941  ? 156 TYR B CA  1 
ATOM 1248 C C   . TYR A 1 156 ? -9.43372  8.75699   7.37459   1.000 80.36801  ? 156 TYR B C   1 
ATOM 1249 O O   . TYR A 1 156 ? -9.03926  9.54764   6.50534   1.000 85.81173  ? 156 TYR B O   1 
ATOM 1250 C CB  . TYR A 1 156 ? -7.61504  7.08083   7.61877   1.000 69.13128  ? 156 TYR B CB  1 
ATOM 1251 C CG  . TYR A 1 156 ? -6.26407  6.75219   8.20411   1.000 73.85397  ? 156 TYR B CG  1 
ATOM 1252 C CD1 . TYR A 1 156 ? -6.11961  5.84417   9.23653   1.000 77.62220  ? 156 TYR B CD1 1 
ATOM 1253 C CD2 . TYR A 1 156 ? -5.10745  7.35337   7.70497   1.000 74.63383  ? 156 TYR B CD2 1 
ATOM 1254 C CE1 . TYR A 1 156 ? -4.84996  5.54674   9.76493   1.000 72.27724  ? 156 TYR B CE1 1 
ATOM 1255 C CE2 . TYR A 1 156 ? -3.85935  7.06495   8.23305   1.000 72.43267  ? 156 TYR B CE2 1 
ATOM 1256 C CZ  . TYR A 1 156 ? -3.73988  6.16768   9.26205   1.000 68.52480  ? 156 TYR B CZ  1 
ATOM 1257 O OH  . TYR A 1 156 ? -2.50453  5.87339   9.76611   1.000 74.78131  ? 156 TYR B OH  1 
ATOM 1258 N N   . GLY A 1 157 ? -10.70615 8.38870   7.43803   1.000 73.14348  ? 157 GLY B N   1 
ATOM 1259 C CA  . GLY A 1 157 ? -11.64392 9.09253   6.60134   1.000 78.03344  ? 157 GLY B CA  1 
ATOM 1260 C C   . GLY A 1 157 ? -12.10595 8.26766   5.40471   1.000 83.10552  ? 157 GLY B C   1 
ATOM 1261 O O   . GLY A 1 157 ? -11.37318 7.43377   4.86184   1.000 86.64562  ? 157 GLY B O   1 
ATOM 1262 N N   . ASP A 1 158 ? -13.33245 8.55316   4.96664   1.000 78.22490  ? 158 ASP B N   1 
ATOM 1263 C CA  . ASP A 1 158 ? -13.97235 7.68525   3.99288   1.000 76.82797  ? 158 ASP B CA  1 
ATOM 1264 C C   . ASP A 1 158 ? -13.35724 7.88218   2.62842   1.000 80.04094  ? 158 ASP B C   1 
ATOM 1265 O O   . ASP A 1 158 ? -13.25105 6.93764   1.83164   1.000 83.82594  ? 158 ASP B O   1 
ATOM 1266 C CB  . ASP A 1 158 ? -15.46903 7.94580   3.94712   1.000 84.42761  ? 158 ASP B CB  1 
ATOM 1267 C CG  . ASP A 1 158 ? -16.08383 8.02188   5.32308   1.000 97.28740  ? 158 ASP B CG  1 
ATOM 1268 O OD1 . ASP A 1 158 ? -15.52419 8.75129   6.16616   1.000 105.15242 ? 158 ASP B OD1 1 
ATOM 1269 O OD2 . ASP A 1 158 ? -17.05598 7.26546   5.59330   1.000 95.76242  ? 158 ASP B OD2 1 
ATOM 1270 N N   . ASP A 1 159 ? -12.88517 9.08132   2.35164   1.000 75.81115  ? 159 ASP B N   1 
ATOM 1271 C CA  . ASP A 1 159 ? -12.18130 9.22488   1.09672   1.000 83.07336  ? 159 ASP B CA  1 
ATOM 1272 C C   . ASP A 1 159 ? -10.88326 8.44611   1.11151   1.000 83.15591  ? 159 ASP B C   1 
ATOM 1273 O O   . ASP A 1 159 ? -10.52257 7.82006   0.10696   1.000 82.90847  ? 159 ASP B O   1 
ATOM 1274 C CB  . ASP A 1 159 ? -11.90524 10.67027  0.76541   1.000 89.42602  ? 159 ASP B CB  1 
ATOM 1275 C CG  . ASP A 1 159 ? -11.58483 10.82434  -0.69412  1.000 105.95483 ? 159 ASP B CG  1 
ATOM 1276 O OD1 . ASP A 1 159 ? -12.07113 9.97015   -1.48470  1.000 99.08607  ? 159 ASP B OD1 1 
ATOM 1277 O OD2 . ASP A 1 159 ? -10.80515 11.72662  -1.04079  1.000 115.15483 ? 159 ASP B OD2 1 
ATOM 1278 N N   . PHE A 1 160 ? -10.15575 8.48161   2.23529   1.000 86.89631  ? 160 PHE B N   1 
ATOM 1279 C CA  . PHE A 1 160 ? -9.01615  7.57614   2.38392   1.000 86.37226  ? 160 PHE B CA  1 
ATOM 1280 C C   . PHE A 1 160 ? -9.44146  6.16513   2.04263   1.000 84.39918  ? 160 PHE B C   1 
ATOM 1281 O O   . PHE A 1 160 ? -8.86130  5.51929   1.16292   1.000 80.46450  ? 160 PHE B O   1 
ATOM 1282 C CB  . PHE A 1 160 ? -8.46685  7.62877   3.81110   1.000 82.00820  ? 160 PHE B CB  1 
ATOM 1283 C CG  . PHE A 1 160 ? -7.31480  6.68632   4.07916   1.000 81.48758  ? 160 PHE B CG  1 
ATOM 1284 C CD1 . PHE A 1 160 ? -6.02408  7.02617   3.71530   1.000 79.56096  ? 160 PHE B CD1 1 
ATOM 1285 C CD2 . PHE A 1 160 ? -7.51346  5.48056   4.74248   1.000 89.06344  ? 160 PHE B CD2 1 
ATOM 1286 C CE1 . PHE A 1 160 ? -4.95975  6.18743   3.99519   1.000 79.67293  ? 160 PHE B CE1 1 
ATOM 1287 C CE2 . PHE A 1 160 ? -6.43223  4.62593   5.02177   1.000 83.12697  ? 160 PHE B CE2 1 
ATOM 1288 C CZ  . PHE A 1 160 ? -5.16595  4.98232   4.64695   1.000 75.03119  ? 160 PHE B CZ  1 
ATOM 1289 N N   . MET A 1 161 ? -10.52794 5.72096   2.65982   1.000 81.78207  ? 161 MET B N   1 
ATOM 1290 C CA  . MET A 1 161 ? -10.94404 4.33928   2.56512   1.000 77.67037  ? 161 MET B CA  1 
ATOM 1291 C C   . MET A 1 161 ? -11.35351 3.96345   1.14106   1.000 79.04025  ? 161 MET B C   1 
ATOM 1292 O O   . MET A 1 161 ? -11.40547 2.77093   0.82415   1.000 80.91751  ? 161 MET B O   1 
ATOM 1293 C CB  . MET A 1 161 ? -12.07220 4.10143   3.58387   1.000 75.97940  ? 161 MET B CB  1 
ATOM 1294 C CG  . MET A 1 161 ? -11.88980 2.77614   4.31941   1.000 88.21892  ? 161 MET B CG  1 
ATOM 1295 S SD  . MET A 1 161 ? -10.76338 2.94956   5.76813   1.000 90.63114  ? 161 MET B SD  1 
ATOM 1296 C CE  . MET A 1 161 ? -10.34105 1.24745   6.05349   1.000 93.25957  ? 161 MET B CE  1 
ATOM 1297 N N   . GLU A 1 162 ? -11.59780 4.94528   0.26315   1.000 75.40727  ? 162 GLU B N   1 
ATOM 1298 C CA  . GLU A 1 162 ? -11.96777 4.61625   -1.12200  1.000 81.90482  ? 162 GLU B CA  1 
ATOM 1299 C C   . GLU A 1 162 ? -10.86014 3.95229   -1.93141  1.000 81.78245  ? 162 GLU B C   1 
ATOM 1300 O O   . GLU A 1 162 ? -11.11019 3.49227   -3.05308  1.000 80.16578  ? 162 GLU B O   1 
ATOM 1301 C CB  . GLU A 1 162 ? -12.45164 5.85084   -1.89507  1.000 85.71109  ? 162 GLU B CB  1 
ATOM 1302 C CG  . GLU A 1 162 ? -13.90423 6.19686   -1.61661  1.000 87.14077  ? 162 GLU B CG  1 
ATOM 1303 C CD  . GLU A 1 162 ? -14.88179 5.24632   -2.30531  1.000 85.99048  ? 162 GLU B CD  1 
ATOM 1304 O OE1 . GLU A 1 162 ? -14.59118 4.71528   -3.38572  1.000 87.35464  ? 162 GLU B OE1 1 
ATOM 1305 O OE2 . GLU A 1 162 ? -15.93263 4.96954   -1.71528  1.000 88.84071  ? 162 GLU B OE2 1 
ATOM 1306 N N   . ILE A 1 163 ? -9.64522  3.87538   -1.41097  1.000 81.81653  ? 163 ILE B N   1 
ATOM 1307 C CA  . ILE A 1 163 ? -8.59261  3.21342   -2.17838  1.000 81.55042  ? 163 ILE B CA  1 
ATOM 1308 C C   . ILE A 1 163 ? -8.83657  1.71852   -2.25610  1.000 85.25020  ? 163 ILE B C   1 
ATOM 1309 O O   . ILE A 1 163 ? -8.41449  1.05022   -3.20773  1.000 87.18235  ? 163 ILE B O   1 
ATOM 1310 C CB  . ILE A 1 163 ? -7.21356  3.50094   -1.58591  1.000 73.46186  ? 163 ILE B CB  1 
ATOM 1311 C CG1 . ILE A 1 163 ? -6.19032  2.87835   -2.51986  1.000 69.90271  ? 163 ILE B CG1 1 
ATOM 1312 C CG2 . ILE A 1 163 ? -7.17373  2.99403   -0.15188  1.000 79.29243  ? 163 ILE B CG2 1 
ATOM 1313 C CD1 . ILE A 1 163 ? -4.80263  3.40003   -2.39351  1.000 79.52281  ? 163 ILE B CD1 1 
ATOM 1314 N N   . PHE A 1 164 ? -9.52053  1.16428   -1.26467  1.000 83.22990  ? 164 PHE B N   1 
ATOM 1315 C CA  . PHE A 1 164 ? -9.78772  -0.26251  -1.30053  1.000 79.48985  ? 164 PHE B CA  1 
ATOM 1316 C C   . PHE A 1 164 ? -10.71573 -0.59660  -2.44665  1.000 84.48486  ? 164 PHE B C   1 
ATOM 1317 O O   . PHE A 1 164 ? -10.48101 -1.54714  -3.20087  1.000 83.56857  ? 164 PHE B O   1 
ATOM 1318 C CB  . PHE A 1 164 ? -10.35617 -0.68092  0.03836   1.000 81.37900  ? 164 PHE B CB  1 
ATOM 1319 C CG  . PHE A 1 164 ? -9.39455  -0.47660  1.15358   1.000 78.16099  ? 164 PHE B CG  1 
ATOM 1320 C CD1 . PHE A 1 164 ? -8.33178  -1.34610  1.32564   1.000 73.39247  ? 164 PHE B CD1 1 
ATOM 1321 C CD2 . PHE A 1 164 ? -9.47830  0.64920   1.94573   1.000 76.98377  ? 164 PHE B CD2 1 
ATOM 1322 C CE1 . PHE A 1 164 ? -7.42457  -1.15817  2.32573   1.000 74.52453  ? 164 PHE B CE1 1 
ATOM 1323 C CE2 . PHE A 1 164 ? -8.57368  0.85348   2.94083   1.000 76.93199  ? 164 PHE B CE2 1 
ATOM 1324 C CZ  . PHE A 1 164 ? -7.53101  -0.05880  3.13244   1.000 74.24072  ? 164 PHE B CZ  1 
ATOM 1325 N N   . GLU A 1 165 ? -11.74423 0.22365   -2.63366  1.000 89.99121  ? 165 GLU B N   1 
ATOM 1326 C CA  . GLU A 1 165 ? -12.63677 0.00772   -3.76162  1.000 95.29705  ? 165 GLU B CA  1 
ATOM 1327 C C   . GLU A 1 165 ? -11.91510 0.27885   -5.07684  1.000 96.02825  ? 165 GLU B C   1 
ATOM 1328 O O   . GLU A 1 165 ? -12.07083 -0.47505  -6.05751  1.000 97.15049  ? 165 GLU B O   1 
ATOM 1329 C CB  . GLU A 1 165 ? -13.88233 0.88253   -3.61270  1.000 88.81578  ? 165 GLU B CB  1 
ATOM 1330 C CG  . GLU A 1 165 ? -14.96271 0.55154   -4.61922  1.000 99.36780  ? 165 GLU B CG  1 
ATOM 1331 C CD  . GLU A 1 165 ? -15.48353 -0.89188  -4.51265  1.000 112.91899 ? 165 GLU B CD  1 
ATOM 1332 O OE1 . GLU A 1 165 ? -15.40212 -1.49882  -3.41464  1.000 115.02485 ? 165 GLU B OE1 1 
ATOM 1333 O OE2 . GLU A 1 165 ? -15.93381 -1.43335  -5.55564  1.000 113.58101 ? 165 GLU B OE2 1 
ATOM 1334 N N   . ARG A 1 166 ? -11.07789 1.31985   -5.09788  1.000 90.04946  ? 166 ARG B N   1 
ATOM 1335 C CA  . ARG A 1 166 ? -10.35536 1.64304   -6.31783  1.000 88.73260  ? 166 ARG B CA  1 
ATOM 1336 C C   . ARG A 1 166 ? -9.50455  0.46013   -6.75438  1.000 91.49859  ? 166 ARG B C   1 
ATOM 1337 O O   . ARG A 1 166 ? -9.56603  0.01961   -7.91186  1.000 92.48947  ? 166 ARG B O   1 
ATOM 1338 C CB  . ARG A 1 166 ? -9.49186  2.87774   -6.09375  1.000 83.18655  ? 166 ARG B CB  1 
ATOM 1339 C CG  . ARG A 1 166 ? -8.65968  3.24954   -7.28840  1.000 91.57551  ? 166 ARG B CG  1 
ATOM 1340 C CD  . ARG A 1 166 ? -8.00657  4.62603   -7.13591  1.000 90.46540  ? 166 ARG B CD  1 
ATOM 1341 N NE  . ARG A 1 166 ? -9.00857  5.68977   -7.17547  1.000 91.01388  ? 166 ARG B NE  1 
ATOM 1342 C CZ  . ARG A 1 166 ? -9.59158  6.15131   -8.27443  1.000 91.20982  ? 166 ARG B CZ  1 
ATOM 1343 N NH1 . ARG A 1 166 ? -9.31514  5.60853   -9.45429  1.000 83.42983  ? 166 ARG B NH1 1 
ATOM 1344 N NH2 . ARG A 1 166 ? -10.48951 7.12734   -8.17576  1.000 93.82567  ? 166 ARG B NH2 1 
ATOM 1345 N N   . ALA A 1 167 ? -8.76029  -0.11998  -5.80862  1.000 92.34986  ? 167 ALA B N   1 
ATOM 1346 C CA  . ALA A 1 167 ? -7.81783  -1.16720  -6.16828  1.000 96.36575  ? 167 ALA B CA  1 
ATOM 1347 C C   . ALA A 1 167 ? -8.53493  -2.47647  -6.45793  1.000 98.14779  ? 167 ALA B C   1 
ATOM 1348 O O   . ALA A 1 167 ? -8.10117  -3.24919  -7.32180  1.000 92.83867  ? 167 ALA B O   1 
ATOM 1349 C CB  . ALA A 1 167 ? -6.78359  -1.33884  -5.06892  1.000 87.41148  ? 167 ALA B CB  1 
ATOM 1350 N N   . PHE A 1 168 ? -9.64929  -2.73820  -5.77116  1.000 95.32540  ? 168 PHE B N   1 
ATOM 1351 C CA  . PHE A 1 168 ? -10.40810 -3.93918  -6.08768  1.000 96.21770  ? 168 PHE B CA  1 
ATOM 1352 C C   . PHE A 1 168 ? -10.82626 -3.89387  -7.54150  1.000 99.20526  ? 168 PHE B C   1 
ATOM 1353 O O   . PHE A 1 168 ? -10.56059 -4.82419  -8.31603  1.000 102.76473 ? 168 PHE B O   1 
ATOM 1354 C CB  . PHE A 1 168 ? -11.62776 -4.05157  -5.16588  1.000 98.61000  ? 168 PHE B CB  1 
ATOM 1355 C CG  . PHE A 1 168 ? -12.56150 -5.21282  -5.48349  1.000 106.35403 ? 168 PHE B CG  1 
ATOM 1356 C CD1 . PHE A 1 168 ? -13.50304 -5.12497  -6.49531  1.000 112.82260 ? 168 PHE B CD1 1 
ATOM 1357 C CD2 . PHE A 1 168 ? -12.53686 -6.36967  -4.71211  1.000 103.32733 ? 168 PHE B CD2 1 
ATOM 1358 C CE1 . PHE A 1 168 ? -14.36299 -6.18578  -6.75559  1.000 113.27307 ? 168 PHE B CE1 1 
ATOM 1359 C CE2 . PHE A 1 168 ? -13.40804 -7.42203  -4.97116  1.000 99.10560  ? 168 PHE B CE2 1 
ATOM 1360 C CZ  . PHE A 1 168 ? -14.31477 -7.32708  -5.99110  1.000 99.09338  ? 168 PHE B CZ  1 
ATOM 1361 N N   . GLU A 1 169 ? -11.43395 -2.77675  -7.94045  1.000 104.29521 ? 169 GLU B N   1 
ATOM 1362 C CA  . GLU A 1 169 ? -11.95060 -2.67674  -9.29655  1.000 107.43064 ? 169 GLU B CA  1 
ATOM 1363 C C   . GLU A 1 169 ? -10.81169 -2.68892  -10.31055 1.000 105.90738 ? 169 GLU B C   1 
ATOM 1364 O O   . GLU A 1 169 ? -10.94246 -3.28258  -11.38636 1.000 104.63350 ? 169 GLU B O   1 
ATOM 1365 C CB  . GLU A 1 169 ? -12.79024 -1.40594  -9.43323  1.000 105.75494 ? 169 GLU B CB  1 
ATOM 1366 C CG  . GLU A 1 169 ? -14.04433 -1.32582  -8.54437  1.000 109.55618 ? 169 GLU B CG  1 
ATOM 1367 C CD  . GLU A 1 169 ? -15.25953 -2.02492  -9.13639  1.000 122.97814 ? 169 GLU B CD  1 
ATOM 1368 O OE1 . GLU A 1 169 ? -15.09256 -2.74051  -10.14651 1.000 126.83133 ? 169 GLU B OE1 1 
ATOM 1369 O OE2 . GLU A 1 169 ? -16.37930 -1.82540  -8.61002  1.000 126.50589 ? 169 GLU B OE2 1 
ATOM 1370 N N   . ASN A 1 170 ? -9.67264  -2.06900  -9.97022  1.000 103.25515 ? 170 ASN B N   1 
ATOM 1371 C CA  . ASN A 1 170 ? -8.56201  -1.98176  -10.91598 1.000 106.31494 ? 170 ASN B CA  1 
ATOM 1372 C C   . ASN A 1 170 ? -7.93043  -3.34592  -11.14491 1.000 105.85943 ? 170 ASN B C   1 
ATOM 1373 O O   . ASN A 1 170 ? -7.56172  -3.69561  -12.27132 1.000 104.40688 ? 170 ASN B O   1 
ATOM 1374 C CB  . ASN A 1 170 ? -7.51113  -0.99822  -10.40393 1.000 100.32768 ? 170 ASN B CB  1 
ATOM 1375 C CG  . ASN A 1 170 ? -7.97858  0.43915   -10.43042 1.000 95.83571  ? 170 ASN B CG  1 
ATOM 1376 O OD1 . ASN A 1 170 ? -9.06258  0.75542   -10.91598 1.000 95.28321  ? 170 ASN B OD1 1 
ATOM 1377 N ND2 . ASN A 1 170 ? -7.15159  1.32522   -9.89026  1.000 96.90914  ? 170 ASN B ND2 1 
ATOM 1378 N N   . ILE A 1 171 ? -7.77634  -4.12212  -10.07728 1.000 106.30059 ? 171 ILE B N   1 
ATOM 1379 C CA  . ILE A 1 171 ? -7.24481  -5.47102  -10.22366 1.000 109.63449 ? 171 ILE B CA  1 
ATOM 1380 C C   . ILE A 1 171 ? -8.19971  -6.31325  -11.05258 1.000 105.82042 ? 171 ILE B C   1 
ATOM 1381 O O   . ILE A 1 171 ? -7.80303  -6.95460  -12.03178 1.000 106.05133 ? 171 ILE B O   1 
ATOM 1382 C CB  . ILE A 1 171 ? -6.97835  -6.10804  -8.84231  1.000 109.07947 ? 171 ILE B CB  1 
ATOM 1383 C CG1 . ILE A 1 171 ? -5.61658  -5.71873  -8.23393  1.000 107.63185 ? 171 ILE B CG1 1 
ATOM 1384 C CG2 . ILE A 1 171 ? -7.04009  -7.60858  -8.94234  1.000 99.05665  ? 171 ILE B CG2 1 
ATOM 1385 C CD1 . ILE A 1 171 ? -5.21540  -4.25631  -8.28151  1.000 108.74638 ? 171 ILE B CD1 1 
ATOM 1386 N N   . LYS A 1 172 ? -9.48061  -6.30247  -10.68612 1.000 108.14923 ? 172 LYS B N   1 
ATOM 1387 C CA  . LYS A 1 172 ? -10.45369 -7.14436  -11.36862 1.000 111.21658 ? 172 LYS B CA  1 
ATOM 1388 C C   . LYS A 1 172 ? -10.50583 -6.83569  -12.86117 1.000 113.33274 ? 172 LYS B C   1 
ATOM 1389 O O   . LYS A 1 172 ? -10.44068 -7.74244  -13.70047 1.000 116.03277 ? 172 LYS B O   1 
ATOM 1390 C CB  . LYS A 1 172 ? -11.81949 -6.95441  -10.70859 1.000 115.01224 ? 172 LYS B CB  1 
ATOM 1391 C CG  . LYS A 1 172 ? -13.02453 -7.22653  -11.58366 1.000 119.79704 ? 172 LYS B CG  1 
ATOM 1392 C CD  . LYS A 1 172 ? -14.26540 -6.73103  -10.84875 1.000 123.94924 ? 172 LYS B CD  1 
ATOM 1393 C CE  . LYS A 1 172 ? -15.55007 -7.03527  -11.60483 1.000 130.33018 ? 172 LYS B CE  1 
ATOM 1394 N NZ  . LYS A 1 172 ? -16.74822 -6.70329  -10.77429 1.000 126.82056 ? 172 LYS B NZ  1 
ATOM 1395 N N   . GLU A 1 173 ? -10.58077 -5.54998  -13.20745 1.000 114.48916 ? 173 GLU B N   1 
ATOM 1396 C CA  . GLU A 1 173 ? -10.85904 -5.15782  -14.58089 1.000 114.96316 ? 173 GLU B CA  1 
ATOM 1397 C C   . GLU A 1 173 ? -9.59514  -5.16980  -15.43006 1.000 115.39796 ? 173 GLU B C   1 
ATOM 1398 O O   . GLU A 1 173 ? -9.58054  -5.72105  -16.53940 1.000 117.06186 ? 173 GLU B O   1 
ATOM 1399 C CB  . GLU A 1 173 ? -11.48890 -3.77119  -14.56262 1.000 114.57602 ? 173 GLU B CB  1 
ATOM 1400 C CG  . GLU A 1 173 ? -12.82795 -3.73456  -13.83014 1.000 117.98017 ? 173 GLU B CG  1 
ATOM 1401 C CD  . GLU A 1 173 ? -13.32395 -2.31887  -13.56497 1.000 122.26080 ? 173 GLU B CD  1 
ATOM 1402 O OE1 . GLU A 1 173 ? -12.50371 -1.37877  -13.70991 1.000 118.09312 ? 173 GLU B OE1 1 
ATOM 1403 O OE2 . GLU A 1 173 ? -14.52735 -2.16473  -13.22744 1.000 117.29172 ? 173 GLU B OE2 1 
ATOM 1404 N N   . ASP A 1 174 ? -8.52410  -4.54637  -14.93504 1.000 113.95132 ? 174 ASP B N   1 
ATOM 1405 C CA  . ASP A 1 174 ? -7.38179  -4.29676  -15.80096 1.000 113.59808 ? 174 ASP B CA  1 
ATOM 1406 C C   . ASP A 1 174 ? -6.62077  -5.57905  -16.12520 1.000 112.08238 ? 174 ASP B C   1 
ATOM 1407 O O   . ASP A 1 174 ? -6.05141  -5.70331  -17.21275 1.000 116.50171 ? 174 ASP B O   1 
ATOM 1408 C CB  . ASP A 1 174 ? -6.46683  -3.24646  -15.16411 1.000 117.77303 ? 174 ASP B CB  1 
ATOM 1409 C CG  . ASP A 1 174 ? -7.20813  -1.92877  -14.79518 1.000 116.72003 ? 174 ASP B CG  1 
ATOM 1410 O OD1 . ASP A 1 174 ? -8.42951  -1.80871  -15.05915 1.000 115.93693 ? 174 ASP B OD1 1 
ATOM 1411 O OD2 . ASP A 1 174 ? -6.54211  -1.00854  -14.23515 1.000 106.93374 ? 174 ASP B OD2 1 
ATOM 1412 N N   . PHE A 1 175 ? -6.60713  -6.54864  -15.21561 1.000 115.76232 ? 175 PHE B N   1 
ATOM 1413 C CA  . PHE A 1 175 ? -5.79644  -7.74260  -15.40161 1.000 120.28888 ? 175 PHE B CA  1 
ATOM 1414 C C   . PHE A 1 175 ? -6.64599  -9.00785  -15.44768 1.000 124.54696 ? 175 PHE B C   1 
ATOM 1415 O O   . PHE A 1 175 ? -7.79037  -9.05456  -14.98392 1.000 120.96586 ? 175 PHE B O   1 
ATOM 1416 C CB  . PHE A 1 175 ? -4.72828  -7.91925  -14.30103 1.000 115.41646 ? 175 PHE B CB  1 
ATOM 1417 C CG  . PHE A 1 175 ? -4.06412  -6.64626  -13.85035 1.000 120.63730 ? 175 PHE B CG  1 
ATOM 1418 C CD1 . PHE A 1 175 ? -4.68849  -5.77918  -12.96745 1.000 120.57213 ? 175 PHE B CD1 1 
ATOM 1419 C CD2 . PHE A 1 175 ? -2.79411  -6.32360  -14.31055 1.000 129.31348 ? 175 PHE B CD2 1 
ATOM 1420 C CE1 . PHE A 1 175 ? -4.05754  -4.60827  -12.55738 1.000 122.43277 ? 175 PHE B CE1 1 
ATOM 1421 C CE2 . PHE A 1 175 ? -2.16311  -5.15516  -13.90681 1.000 126.50265 ? 175 PHE B CE2 1 
ATOM 1422 C CZ  . PHE A 1 175 ? -2.79201  -4.30006  -13.03215 1.000 123.71962 ? 175 PHE B CZ  1 
ATOM 1423 N N   . ILE A 1 176 ? -6.03883  -10.04985 -16.01019 1.000 130.24231 ? 176 ILE B N   1 
ATOM 1424 C CA  . ILE A 1 176 ? -6.62249  -11.37983 -16.06713 1.000 133.53940 ? 176 ILE B CA  1 
ATOM 1425 C C   . ILE A 1 176 ? -5.44915  -12.34514 -15.91004 1.000 137.14931 ? 176 ILE B C   1 
ATOM 1426 O O   . ILE A 1 176 ? -4.28628  -11.94850 -16.02319 1.000 134.28877 ? 176 ILE B O   1 
ATOM 1427 C CB  . ILE A 1 176 ? -7.40072  -11.59989 -17.38371 1.000 136.08017 ? 176 ILE B CB  1 
ATOM 1428 C CG1 . ILE A 1 176 ? -8.67065  -12.40156 -17.12685 1.000 135.67819 ? 176 ILE B CG1 1 
ATOM 1429 C CG2 . ILE A 1 176 ? -6.52878  -12.29238 -18.41656 1.000 140.23123 ? 176 ILE B CG2 1 
ATOM 1430 C CD1 . ILE A 1 176 ? -9.66023  -11.67097 -16.24710 1.000 128.98268 ? 176 ILE B CD1 1 
ATOM 1431 N N   . GLU A 1 177 ? -5.74725  -13.61712 -15.60506 1.000 140.88983 ? 177 GLU B N   1 
ATOM 1432 C CA  . GLU A 1 177 ? -4.70141  -14.56687 -15.21805 1.000 143.30771 ? 177 GLU B CA  1 
ATOM 1433 C C   . GLU A 1 177 ? -4.73297  -15.83914 -16.06115 1.000 148.68978 ? 177 GLU B C   1 
ATOM 1434 O O   . GLU A 1 177 ? -5.78826  -16.45733 -16.23115 1.000 148.71867 ? 177 GLU B O   1 
ATOM 1435 C CB  . GLU A 1 177 ? -4.79878  -14.92099 -13.71570 1.000 140.83423 ? 177 GLU B CB  1 
ATOM 1436 C CG  . GLU A 1 177 ? -5.84180  -15.99018 -13.23075 1.000 148.19184 ? 177 GLU B CG  1 
ATOM 1437 C CD  . GLU A 1 177 ? -7.26441  -15.91285 -13.83043 1.000 154.21050 ? 177 GLU B CD  1 
ATOM 1438 O OE1 . GLU A 1 177 ? -7.99774  -16.93067 -13.73896 1.000 154.10633 ? 177 GLU B OE1 1 
ATOM 1439 O OE2 . GLU A 1 177 ? -7.67175  -14.85517 -14.36181 1.000 145.95138 ? 177 GLU B OE2 1 
ATOM 1440 N N   . GLN A 1 178 ? -3.57303  -16.21224 -16.60401 1.000 145.17992 ? 178 GLN B N   1 
ATOM 1441 C CA  . GLN A 1 178 ? -3.32757  -17.56240 -17.09777 1.000 145.96221 ? 178 GLN B CA  1 
ATOM 1442 C C   . GLN A 1 178 ? -2.23549  -18.22473 -16.28412 1.000 147.07531 ? 178 GLN B C   1 
ATOM 1443 O O   . GLN A 1 178 ? -2.30987  -19.42104 -15.97375 1.000 142.83115 ? 178 GLN B O   1 
ATOM 1444 C CB  . GLN A 1 178 ? -2.92550  -17.54821 -18.58280 1.000 149.66095 ? 178 GLN B CB  1 
ATOM 1445 C CG  . GLN A 1 178 ? -4.08527  -17.38500 -19.54842 1.000 154.87884 ? 178 GLN B CG  1 
ATOM 1446 C CD  . GLN A 1 178 ? -5.27932  -18.23294 -19.16804 1.000 152.24964 ? 178 GLN B CD  1 
ATOM 1447 O OE1 . GLN A 1 178 ? -5.13788  -19.40523 -18.81008 1.000 151.13938 ? 178 GLN B OE1 1 
ATOM 1448 N NE2 . GLN A 1 178 ? -6.46795  -17.65334 -19.26792 1.000 148.22938 ? 178 GLN B NE2 1 
ATOM 1449 N N   . ASP A 1 179 ? -1.21217  -17.45674 -15.95627 1.000 148.58463 ? 179 ASP B N   1 
ATOM 1450 C CA  . ASP A 1 179 ? -0.24878  -17.80103 -14.94090 1.000 145.70626 ? 179 ASP B CA  1 
ATOM 1451 C C   . ASP A 1 179 ? -0.02107  -16.63342 -13.98914 1.000 147.80821 ? 179 ASP B C   1 
ATOM 1452 O O   . ASP A 1 179 ? 0.76390   -16.76071 -13.04015 1.000 144.50705 ? 179 ASP B O   1 
ATOM 1453 C CB  . ASP A 1 179 ? 1.05817   -18.22876 -15.60430 1.000 145.94926 ? 179 ASP B CB  1 
ATOM 1454 C CG  . ASP A 1 179 ? 1.08661   -19.69323 -15.88233 1.000 151.91621 ? 179 ASP B CG  1 
ATOM 1455 O OD1 . ASP A 1 179 ? 0.38274   -20.44451 -15.17145 1.000 149.90701 ? 179 ASP B OD1 1 
ATOM 1456 O OD2 . ASP A 1 179 ? 1.76117   -20.09289 -16.84801 1.000 157.01588 ? 179 ASP B OD2 1 
ATOM 1457 N N   . GLY A 1 180 ? -0.66841  -15.49334 -14.22721 1.000 144.93820 ? 180 GLY B N   1 
ATOM 1458 C CA  . GLY A 1 180 ? -0.69590  -14.46396 -13.21539 1.000 135.47338 ? 180 GLY B CA  1 
ATOM 1459 C C   . GLY A 1 180 ? -0.84003  -13.01264 -13.63626 1.000 138.84961 ? 180 GLY B C   1 
ATOM 1460 O O   . GLY A 1 180 ? -1.02832  -12.17238 -12.75682 1.000 140.79953 ? 180 GLY B O   1 
ATOM 1461 N N   . LYS A 1 181 ? -0.76663  -12.67383 -14.92679 1.000 140.77637 ? 181 LYS B N   1 
ATOM 1462 C CA  . LYS A 1 181 ? -0.66761  -11.27027 -15.33119 1.000 141.34144 ? 181 LYS B CA  1 
ATOM 1463 C C   . LYS A 1 181 ? -1.50861  -10.98552 -16.57419 1.000 141.02148 ? 181 LYS B C   1 
ATOM 1464 O O   . LYS A 1 181 ? -1.81358  -11.87825 -17.37033 1.000 144.65973 ? 181 LYS B O   1 
ATOM 1465 C CB  . LYS A 1 181 ? 0.78848   -10.84558 -15.60269 1.000 143.54337 ? 181 LYS B CB  1 
ATOM 1466 C CG  . LYS A 1 181 ? 1.46416   -11.47787 -16.83746 1.000 146.81760 ? 181 LYS B CG  1 
ATOM 1467 C CD  . LYS A 1 181 ? 1.69929   -12.98543 -16.69658 1.000 146.89763 ? 181 LYS B CD  1 
ATOM 1468 C CE  . LYS A 1 181 ? 2.69180   -13.52055 -17.71262 1.000 141.49763 ? 181 LYS B CE  1 
ATOM 1469 N NZ  . LYS A 1 181 ? 3.06369   -14.92896 -17.39904 1.000 143.73763 ? 181 LYS B NZ  1 
ATOM 1470 N N   . LEU A 1 182 ? -1.86493  -9.70981  -16.73584 1.000 135.93173 ? 182 LEU B N   1 
ATOM 1471 C CA  . LEU A 1 182 ? -2.68019  -9.24519  -17.86710 1.000 135.44814 ? 182 LEU B CA  1 
ATOM 1472 C C   . LEU A 1 182 ? -2.05985  -9.55334  -19.21963 1.000 138.13036 ? 182 LEU B C   1 
ATOM 1473 O O   . LEU A 1 182 ? -2.49412  -9.02976  -20.24595 1.000 132.42629 ? 182 LEU B O   1 
ATOM 1474 C CB  . LEU A 1 182 ? -2.94100  -7.74303  -17.77162 1.000 124.30445 ? 182 LEU B CB  1 
ATOM 1475 C CG  . LEU A 1 182 ? -1.86831  -6.75559  -18.24475 1.000 130.96126 ? 182 LEU B CG  1 
ATOM 1476 C CD1 . LEU A 1 182 ? -2.31859  -5.34571  -17.90358 1.000 130.67951 ? 182 LEU B CD1 1 
ATOM 1477 C CD2 . LEU A 1 182 ? -0.51040  -7.05799  -17.62455 1.000 133.40652 ? 182 LEU B CD2 1 
# 
